data_6R3Y
# 
_entry.id   6R3Y 
# 
_audit_conform.dict_name       mmcif_pdbx.dic 
_audit_conform.dict_version    5.398 
_audit_conform.dict_location   http://mmcif.pdb.org/dictionaries/ascii/mmcif_pdbx.dic 
# 
loop_
_database_2.database_id 
_database_2.database_code 
_database_2.pdbx_database_accession 
_database_2.pdbx_DOI 
PDB   6R3Y         pdb_00006r3y 10.2210/pdb6r3y/pdb 
WWPDB D_1292101403 ?            ?                   
# 
loop_
_pdbx_audit_revision_history.ordinal 
_pdbx_audit_revision_history.data_content_type 
_pdbx_audit_revision_history.major_revision 
_pdbx_audit_revision_history.minor_revision 
_pdbx_audit_revision_history.revision_date 
1 'Structure model' 1 0 2020-04-08 
2 'Structure model' 1 1 2020-04-29 
3 'Structure model' 1 2 2020-07-15 
4 'Structure model' 1 3 2024-01-24 
5 'Structure model' 1 4 2024-11-06 
# 
_pdbx_audit_revision_details.ordinal             1 
_pdbx_audit_revision_details.revision_ordinal    1 
_pdbx_audit_revision_details.data_content_type   'Structure model' 
_pdbx_audit_revision_details.provider            repository 
_pdbx_audit_revision_details.type                'Initial release' 
_pdbx_audit_revision_details.description         ? 
_pdbx_audit_revision_details.details             ? 
# 
loop_
_pdbx_audit_revision_group.ordinal 
_pdbx_audit_revision_group.revision_ordinal 
_pdbx_audit_revision_group.data_content_type 
_pdbx_audit_revision_group.group 
1 2 'Structure model' 'Database references'    
2 3 'Structure model' 'Database references'    
3 4 'Structure model' 'Data collection'        
4 4 'Structure model' 'Database references'    
5 4 'Structure model' 'Refinement description' 
6 5 'Structure model' 'Structure summary'      
# 
loop_
_pdbx_audit_revision_category.ordinal 
_pdbx_audit_revision_category.revision_ordinal 
_pdbx_audit_revision_category.data_content_type 
_pdbx_audit_revision_category.category 
1 2 'Structure model' citation                      
2 2 'Structure model' citation_author               
3 3 'Structure model' citation                      
4 4 'Structure model' chem_comp_atom                
5 4 'Structure model' chem_comp_bond                
6 4 'Structure model' database_2                    
7 4 'Structure model' pdbx_initial_refinement_model 
8 5 'Structure model' pdbx_entry_details            
9 5 'Structure model' pdbx_modification_feature     
# 
loop_
_pdbx_audit_revision_item.ordinal 
_pdbx_audit_revision_item.revision_ordinal 
_pdbx_audit_revision_item.data_content_type 
_pdbx_audit_revision_item.item 
1  2 'Structure model' '_citation.country'                   
2  2 'Structure model' '_citation.journal_abbrev'            
3  2 'Structure model' '_citation.journal_id_CSD'            
4  2 'Structure model' '_citation.journal_id_ISSN'           
5  2 'Structure model' '_citation.pdbx_database_id_DOI'      
6  2 'Structure model' '_citation.pdbx_database_id_PubMed'   
7  2 'Structure model' '_citation.title'                     
8  2 'Structure model' '_citation.year'                      
9  3 'Structure model' '_citation.journal_volume'            
10 3 'Structure model' '_citation.page_first'                
11 3 'Structure model' '_citation.page_last'                 
12 3 'Structure model' '_citation.title'                     
13 4 'Structure model' '_database_2.pdbx_DOI'                
14 4 'Structure model' '_database_2.pdbx_database_accession' 
# 
_pdbx_database_status.status_code                     REL 
_pdbx_database_status.status_code_sf                  REL 
_pdbx_database_status.status_code_mr                  ? 
_pdbx_database_status.entry_id                        6R3Y 
_pdbx_database_status.recvd_initial_deposition_date   2019-03-21 
_pdbx_database_status.SG_entry                        N 
_pdbx_database_status.deposit_site                    PDBE 
_pdbx_database_status.process_site                    PDBE 
_pdbx_database_status.status_code_cs                  ? 
_pdbx_database_status.methods_development_category    ? 
_pdbx_database_status.pdb_format_compatible           Y 
_pdbx_database_status.status_code_nmr_data            ? 
# 
loop_
_audit_author.name 
_audit_author.pdbx_ordinal 
_audit_author.identifier_ORCID 
'De Simone, G.'   1  ? 
'di Masi, A.'     2  ? 
'Polticelli, F.'  3  ? 
'Pesce, A.'       4  ? 
'Nardini, M.'     5  ? 
'Bolognesi, M.'   6  ? 
'Ciaccio, C.'     7  ? 
'Coletta, M.'     8  ? 
'Turilli, E.S.'   9  ? 
'Fasano, M.'      10 ? 
'Tognaccini, L.'  11 ? 
'Smulevich, G.'   12 ? 
'Abbruzzetti, S.' 13 ? 
'Viappiani, C.'   14 ? 
'Bruno, S.'       15 ? 
'Ascenzi, P.'     16 ? 
# 
_citation.abstract                  ? 
_citation.abstract_id_CAS           ? 
_citation.book_id_ISBN              ? 
_citation.book_publisher            ? 
_citation.book_publisher_city       ? 
_citation.book_title                ? 
_citation.coordinate_linkage        ? 
_citation.country                   US 
_citation.database_id_Medline       ? 
_citation.details                   ? 
_citation.id                        primary 
_citation.journal_abbrev            'Antioxid.Redox Signal.' 
_citation.journal_id_ASTM           ? 
_citation.journal_id_CSD            ? 
_citation.journal_id_ISSN           1557-7716 
_citation.journal_full              ? 
_citation.journal_issue             ? 
_citation.journal_volume            33 
_citation.language                  ? 
_citation.page_first                229 
_citation.page_last                 246 
_citation.title                     'Mycobacterial and Human Nitrobindins: Structure and Function.' 
_citation.year                      2020 
_citation.database_id_CSD           ? 
_citation.pdbx_database_id_DOI      10.1089/ars.2019.7874 
_citation.pdbx_database_id_PubMed   32295384 
_citation.unpublished_flag          ? 
# 
loop_
_citation_author.citation_id 
_citation_author.name 
_citation_author.ordinal 
_citation_author.identifier_ORCID 
primary 'De Simone, G.'   1  ? 
primary 'di Masi, A.'     2  ? 
primary 'Vita, G.M.'      3  ? 
primary 'Polticelli, F.'  4  ? 
primary 'Pesce, A.'       5  ? 
primary 'Nardini, M.'     6  ? 
primary 'Bolognesi, M.'   7  ? 
primary 'Ciaccio, C.'     8  ? 
primary 'Coletta, M.'     9  ? 
primary 'Turilli, E.S.'   10 ? 
primary 'Fasano, M.'      11 ? 
primary 'Tognaccini, L.'  12 ? 
primary 'Smulevich, G.'   13 ? 
primary 'Abbruzzetti, S.' 14 ? 
primary 'Viappiani, C.'   15 ? 
primary 'Bruno, S.'       16 ? 
primary 'Ascenzi, P.'     17 ? 
# 
loop_
_entity.id 
_entity.type 
_entity.src_method 
_entity.pdbx_description 
_entity.formula_weight 
_entity.pdbx_number_of_molecules 
_entity.pdbx_ec 
_entity.pdbx_mutation 
_entity.pdbx_fragment 
_entity.details 
1 polymer     man 'UPF0678 fatty acid-binding protein-like protein ERS007657_00996' 18940.438 1  ? ? ? ? 
2 non-polymer syn 'PROTOPORPHYRIN IX CONTAINING FE'                                 616.487   1  ? ? ? ? 
3 non-polymer syn 'CYANIDE ION'                                                     26.017    1  ? ? ? ? 
4 water       nat water                                                             18.015    77 ? ? ? ? 
# 
_entity_poly.entity_id                      1 
_entity_poly.type                           'polypeptide(L)' 
_entity_poly.nstd_linkage                   no 
_entity_poly.nstd_monomer                   no 
_entity_poly.pdbx_seq_one_letter_code       
;MTRDLAPALQALSPLLGSWAGRGAGKYPTIRPFEYLEEVVFAHVGKPFLTYTQQTRAVADGKPLHSETGYLRVCRPGCVE
LVLAHPSGITEIEVGTYSVTGDVIELELSTRADGSIGLAPTAKEVTALDRSYRIDGDELSYSLQMRAVGQPLQDHLAAVL
HRQRRSHHHHHH
;
_entity_poly.pdbx_seq_one_letter_code_can   
;MTRDLAPALQALSPLLGSWAGRGAGKYPTIRPFEYLEEVVFAHVGKPFLTYTQQTRAVADGKPLHSETGYLRVCRPGCVE
LVLAHPSGITEIEVGTYSVTGDVIELELSTRADGSIGLAPTAKEVTALDRSYRIDGDELSYSLQMRAVGQPLQDHLAAVL
HRQRRSHHHHHH
;
_entity_poly.pdbx_strand_id                 A 
_entity_poly.pdbx_target_identifier         ? 
# 
loop_
_pdbx_entity_nonpoly.entity_id 
_pdbx_entity_nonpoly.name 
_pdbx_entity_nonpoly.comp_id 
2 'PROTOPORPHYRIN IX CONTAINING FE' HEM 
3 'CYANIDE ION'                     CYN 
4 water                             HOH 
# 
loop_
_entity_poly_seq.entity_id 
_entity_poly_seq.num 
_entity_poly_seq.mon_id 
_entity_poly_seq.hetero 
1 1   MET n 
1 2   THR n 
1 3   ARG n 
1 4   ASP n 
1 5   LEU n 
1 6   ALA n 
1 7   PRO n 
1 8   ALA n 
1 9   LEU n 
1 10  GLN n 
1 11  ALA n 
1 12  LEU n 
1 13  SER n 
1 14  PRO n 
1 15  LEU n 
1 16  LEU n 
1 17  GLY n 
1 18  SER n 
1 19  TRP n 
1 20  ALA n 
1 21  GLY n 
1 22  ARG n 
1 23  GLY n 
1 24  ALA n 
1 25  GLY n 
1 26  LYS n 
1 27  TYR n 
1 28  PRO n 
1 29  THR n 
1 30  ILE n 
1 31  ARG n 
1 32  PRO n 
1 33  PHE n 
1 34  GLU n 
1 35  TYR n 
1 36  LEU n 
1 37  GLU n 
1 38  GLU n 
1 39  VAL n 
1 40  VAL n 
1 41  PHE n 
1 42  ALA n 
1 43  HIS n 
1 44  VAL n 
1 45  GLY n 
1 46  LYS n 
1 47  PRO n 
1 48  PHE n 
1 49  LEU n 
1 50  THR n 
1 51  TYR n 
1 52  THR n 
1 53  GLN n 
1 54  GLN n 
1 55  THR n 
1 56  ARG n 
1 57  ALA n 
1 58  VAL n 
1 59  ALA n 
1 60  ASP n 
1 61  GLY n 
1 62  LYS n 
1 63  PRO n 
1 64  LEU n 
1 65  HIS n 
1 66  SER n 
1 67  GLU n 
1 68  THR n 
1 69  GLY n 
1 70  TYR n 
1 71  LEU n 
1 72  ARG n 
1 73  VAL n 
1 74  CYS n 
1 75  ARG n 
1 76  PRO n 
1 77  GLY n 
1 78  CYS n 
1 79  VAL n 
1 80  GLU n 
1 81  LEU n 
1 82  VAL n 
1 83  LEU n 
1 84  ALA n 
1 85  HIS n 
1 86  PRO n 
1 87  SER n 
1 88  GLY n 
1 89  ILE n 
1 90  THR n 
1 91  GLU n 
1 92  ILE n 
1 93  GLU n 
1 94  VAL n 
1 95  GLY n 
1 96  THR n 
1 97  TYR n 
1 98  SER n 
1 99  VAL n 
1 100 THR n 
1 101 GLY n 
1 102 ASP n 
1 103 VAL n 
1 104 ILE n 
1 105 GLU n 
1 106 LEU n 
1 107 GLU n 
1 108 LEU n 
1 109 SER n 
1 110 THR n 
1 111 ARG n 
1 112 ALA n 
1 113 ASP n 
1 114 GLY n 
1 115 SER n 
1 116 ILE n 
1 117 GLY n 
1 118 LEU n 
1 119 ALA n 
1 120 PRO n 
1 121 THR n 
1 122 ALA n 
1 123 LYS n 
1 124 GLU n 
1 125 VAL n 
1 126 THR n 
1 127 ALA n 
1 128 LEU n 
1 129 ASP n 
1 130 ARG n 
1 131 SER n 
1 132 TYR n 
1 133 ARG n 
1 134 ILE n 
1 135 ASP n 
1 136 GLY n 
1 137 ASP n 
1 138 GLU n 
1 139 LEU n 
1 140 SER n 
1 141 TYR n 
1 142 SER n 
1 143 LEU n 
1 144 GLN n 
1 145 MET n 
1 146 ARG n 
1 147 ALA n 
1 148 VAL n 
1 149 GLY n 
1 150 GLN n 
1 151 PRO n 
1 152 LEU n 
1 153 GLN n 
1 154 ASP n 
1 155 HIS n 
1 156 LEU n 
1 157 ALA n 
1 158 ALA n 
1 159 VAL n 
1 160 LEU n 
1 161 HIS n 
1 162 ARG n 
1 163 GLN n 
1 164 ARG n 
1 165 ARG n 
1 166 SER n 
1 167 HIS n 
1 168 HIS n 
1 169 HIS n 
1 170 HIS n 
1 171 HIS n 
1 172 HIS n 
# 
_entity_src_gen.entity_id                          1 
_entity_src_gen.pdbx_src_id                        1 
_entity_src_gen.pdbx_alt_source_flag               sample 
_entity_src_gen.pdbx_seq_type                      'Biological sequence' 
_entity_src_gen.pdbx_beg_seq_num                   1 
_entity_src_gen.pdbx_end_seq_num                   172 
_entity_src_gen.gene_src_common_name               ? 
_entity_src_gen.gene_src_genus                     ? 
_entity_src_gen.pdbx_gene_src_gene                 ? 
_entity_src_gen.gene_src_species                   ? 
_entity_src_gen.gene_src_strain                    ? 
_entity_src_gen.gene_src_tissue                    ? 
_entity_src_gen.gene_src_tissue_fraction           ? 
_entity_src_gen.gene_src_details                   ? 
_entity_src_gen.pdbx_gene_src_fragment             ? 
_entity_src_gen.pdbx_gene_src_scientific_name      'Mycobacterium tuberculosis' 
_entity_src_gen.pdbx_gene_src_ncbi_taxonomy_id     1773 
_entity_src_gen.pdbx_gene_src_variant              ? 
_entity_src_gen.pdbx_gene_src_cell_line            ? 
_entity_src_gen.pdbx_gene_src_atcc                 ? 
_entity_src_gen.pdbx_gene_src_organ                ? 
_entity_src_gen.pdbx_gene_src_organelle            ? 
_entity_src_gen.pdbx_gene_src_cell                 ? 
_entity_src_gen.pdbx_gene_src_cellular_location    ? 
_entity_src_gen.host_org_common_name               ? 
_entity_src_gen.pdbx_host_org_scientific_name      'Escherichia coli-Pichia pastoris shuttle vector pPpARG4' 
_entity_src_gen.pdbx_host_org_ncbi_taxonomy_id     1182032 
_entity_src_gen.host_org_genus                     ? 
_entity_src_gen.pdbx_host_org_gene                 ? 
_entity_src_gen.pdbx_host_org_organ                ? 
_entity_src_gen.host_org_species                   ? 
_entity_src_gen.pdbx_host_org_tissue               ? 
_entity_src_gen.pdbx_host_org_tissue_fraction      ? 
_entity_src_gen.pdbx_host_org_strain               ? 
_entity_src_gen.pdbx_host_org_variant              BL12 
_entity_src_gen.pdbx_host_org_cell_line            ? 
_entity_src_gen.pdbx_host_org_atcc                 ? 
_entity_src_gen.pdbx_host_org_culture_collection   ? 
_entity_src_gen.pdbx_host_org_cell                 ? 
_entity_src_gen.pdbx_host_org_organelle            ? 
_entity_src_gen.pdbx_host_org_cellular_location    ? 
_entity_src_gen.pdbx_host_org_vector_type          ? 
_entity_src_gen.pdbx_host_org_vector               ? 
_entity_src_gen.host_org_details                   ? 
_entity_src_gen.expression_system_id               ? 
_entity_src_gen.plasmid_name                       ? 
_entity_src_gen.plasmid_details                    ? 
_entity_src_gen.pdbx_description                   ? 
# 
loop_
_chem_comp.id 
_chem_comp.type 
_chem_comp.mon_nstd_flag 
_chem_comp.name 
_chem_comp.pdbx_synonyms 
_chem_comp.formula 
_chem_comp.formula_weight 
ALA 'L-peptide linking' y ALANINE                           ?    'C3 H7 N O2'       89.093  
ARG 'L-peptide linking' y ARGININE                          ?    'C6 H15 N4 O2 1'   175.209 
ASP 'L-peptide linking' y 'ASPARTIC ACID'                   ?    'C4 H7 N O4'       133.103 
CYN non-polymer         . 'CYANIDE ION'                     ?    'C N -1'           26.017  
CYS 'L-peptide linking' y CYSTEINE                          ?    'C3 H7 N O2 S'     121.158 
GLN 'L-peptide linking' y GLUTAMINE                         ?    'C5 H10 N2 O3'     146.144 
GLU 'L-peptide linking' y 'GLUTAMIC ACID'                   ?    'C5 H9 N O4'       147.129 
GLY 'peptide linking'   y GLYCINE                           ?    'C2 H5 N O2'       75.067  
HEM non-polymer         . 'PROTOPORPHYRIN IX CONTAINING FE' HEME 'C34 H32 Fe N4 O4' 616.487 
HIS 'L-peptide linking' y HISTIDINE                         ?    'C6 H10 N3 O2 1'   156.162 
HOH non-polymer         . WATER                             ?    'H2 O'             18.015  
ILE 'L-peptide linking' y ISOLEUCINE                        ?    'C6 H13 N O2'      131.173 
LEU 'L-peptide linking' y LEUCINE                           ?    'C6 H13 N O2'      131.173 
LYS 'L-peptide linking' y LYSINE                            ?    'C6 H15 N2 O2 1'   147.195 
MET 'L-peptide linking' y METHIONINE                        ?    'C5 H11 N O2 S'    149.211 
PHE 'L-peptide linking' y PHENYLALANINE                     ?    'C9 H11 N O2'      165.189 
PRO 'L-peptide linking' y PROLINE                           ?    'C5 H9 N O2'       115.130 
SER 'L-peptide linking' y SERINE                            ?    'C3 H7 N O3'       105.093 
THR 'L-peptide linking' y THREONINE                         ?    'C4 H9 N O3'       119.119 
TRP 'L-peptide linking' y TRYPTOPHAN                        ?    'C11 H12 N2 O2'    204.225 
TYR 'L-peptide linking' y TYROSINE                          ?    'C9 H11 N O3'      181.189 
VAL 'L-peptide linking' y VALINE                            ?    'C5 H11 N O2'      117.146 
# 
loop_
_pdbx_poly_seq_scheme.asym_id 
_pdbx_poly_seq_scheme.entity_id 
_pdbx_poly_seq_scheme.seq_id 
_pdbx_poly_seq_scheme.mon_id 
_pdbx_poly_seq_scheme.ndb_seq_num 
_pdbx_poly_seq_scheme.pdb_seq_num 
_pdbx_poly_seq_scheme.auth_seq_num 
_pdbx_poly_seq_scheme.pdb_mon_id 
_pdbx_poly_seq_scheme.auth_mon_id 
_pdbx_poly_seq_scheme.pdb_strand_id 
_pdbx_poly_seq_scheme.pdb_ins_code 
_pdbx_poly_seq_scheme.hetero 
A 1 1   MET 1   1   ?   ?   ?   A . n 
A 1 2   THR 2   2   ?   ?   ?   A . n 
A 1 3   ARG 3   3   ?   ?   ?   A . n 
A 1 4   ASP 4   4   4   ASP ASP A . n 
A 1 5   LEU 5   5   5   LEU LEU A . n 
A 1 6   ALA 6   6   6   ALA ALA A . n 
A 1 7   PRO 7   7   7   PRO PRO A . n 
A 1 8   ALA 8   8   8   ALA ALA A . n 
A 1 9   LEU 9   9   9   LEU LEU A . n 
A 1 10  GLN 10  10  10  GLN GLN A . n 
A 1 11  ALA 11  11  11  ALA ALA A . n 
A 1 12  LEU 12  12  12  LEU LEU A . n 
A 1 13  SER 13  13  13  SER SER A . n 
A 1 14  PRO 14  14  14  PRO PRO A . n 
A 1 15  LEU 15  15  15  LEU LEU A . n 
A 1 16  LEU 16  16  16  LEU LEU A . n 
A 1 17  GLY 17  17  17  GLY GLY A . n 
A 1 18  SER 18  18  18  SER SER A . n 
A 1 19  TRP 19  19  19  TRP TRP A . n 
A 1 20  ALA 20  20  20  ALA ALA A . n 
A 1 21  GLY 21  21  21  GLY GLY A . n 
A 1 22  ARG 22  22  22  ARG ARG A . n 
A 1 23  GLY 23  23  23  GLY GLY A . n 
A 1 24  ALA 24  24  24  ALA ALA A . n 
A 1 25  GLY 25  25  25  GLY GLY A . n 
A 1 26  LYS 26  26  26  LYS LYS A . n 
A 1 27  TYR 27  27  27  TYR TYR A . n 
A 1 28  PRO 28  28  28  PRO PRO A . n 
A 1 29  THR 29  29  29  THR THR A . n 
A 1 30  ILE 30  30  30  ILE ILE A . n 
A 1 31  ARG 31  31  31  ARG ARG A . n 
A 1 32  PRO 32  32  32  PRO PRO A . n 
A 1 33  PHE 33  33  33  PHE PHE A . n 
A 1 34  GLU 34  34  34  GLU GLU A . n 
A 1 35  TYR 35  35  35  TYR TYR A . n 
A 1 36  LEU 36  36  36  LEU LEU A . n 
A 1 37  GLU 37  37  37  GLU GLU A . n 
A 1 38  GLU 38  38  38  GLU GLU A . n 
A 1 39  VAL 39  39  39  VAL VAL A . n 
A 1 40  VAL 40  40  40  VAL VAL A . n 
A 1 41  PHE 41  41  41  PHE PHE A . n 
A 1 42  ALA 42  42  42  ALA ALA A . n 
A 1 43  HIS 43  43  43  HIS HIS A . n 
A 1 44  VAL 44  44  44  VAL VAL A . n 
A 1 45  GLY 45  45  45  GLY GLY A . n 
A 1 46  LYS 46  46  46  LYS LYS A . n 
A 1 47  PRO 47  47  47  PRO PRO A . n 
A 1 48  PHE 48  48  48  PHE PHE A . n 
A 1 49  LEU 49  49  49  LEU LEU A . n 
A 1 50  THR 50  50  50  THR THR A . n 
A 1 51  TYR 51  51  51  TYR TYR A . n 
A 1 52  THR 52  52  52  THR THR A . n 
A 1 53  GLN 53  53  53  GLN GLN A . n 
A 1 54  GLN 54  54  54  GLN GLN A . n 
A 1 55  THR 55  55  55  THR THR A . n 
A 1 56  ARG 56  56  56  ARG ARG A . n 
A 1 57  ALA 57  57  57  ALA ALA A . n 
A 1 58  VAL 58  58  58  VAL VAL A . n 
A 1 59  ALA 59  59  59  ALA ALA A . n 
A 1 60  ASP 60  60  60  ASP ASP A . n 
A 1 61  GLY 61  61  61  GLY GLY A . n 
A 1 62  LYS 62  62  62  LYS LYS A . n 
A 1 63  PRO 63  63  63  PRO PRO A . n 
A 1 64  LEU 64  64  64  LEU LEU A . n 
A 1 65  HIS 65  65  65  HIS HIS A . n 
A 1 66  SER 66  66  66  SER SER A . n 
A 1 67  GLU 67  67  67  GLU GLU A . n 
A 1 68  THR 68  68  68  THR THR A . n 
A 1 69  GLY 69  69  69  GLY GLY A . n 
A 1 70  TYR 70  70  70  TYR TYR A . n 
A 1 71  LEU 71  71  71  LEU LEU A . n 
A 1 72  ARG 72  72  72  ARG ARG A . n 
A 1 73  VAL 73  73  73  VAL VAL A . n 
A 1 74  CYS 74  74  74  CYS CYS A . n 
A 1 75  ARG 75  75  75  ARG ARG A . n 
A 1 76  PRO 76  76  76  PRO PRO A . n 
A 1 77  GLY 77  77  77  GLY GLY A . n 
A 1 78  CYS 78  78  78  CYS CYS A . n 
A 1 79  VAL 79  79  79  VAL VAL A . n 
A 1 80  GLU 80  80  80  GLU GLU A . n 
A 1 81  LEU 81  81  81  LEU LEU A . n 
A 1 82  VAL 82  82  82  VAL VAL A . n 
A 1 83  LEU 83  83  83  LEU LEU A . n 
A 1 84  ALA 84  84  84  ALA ALA A . n 
A 1 85  HIS 85  85  85  HIS HIS A . n 
A 1 86  PRO 86  86  86  PRO PRO A . n 
A 1 87  SER 87  87  87  SER SER A . n 
A 1 88  GLY 88  88  88  GLY GLY A . n 
A 1 89  ILE 89  89  89  ILE ILE A . n 
A 1 90  THR 90  90  90  THR THR A . n 
A 1 91  GLU 91  91  91  GLU GLU A . n 
A 1 92  ILE 92  92  92  ILE ILE A . n 
A 1 93  GLU 93  93  93  GLU GLU A . n 
A 1 94  VAL 94  94  94  VAL VAL A . n 
A 1 95  GLY 95  95  95  GLY GLY A . n 
A 1 96  THR 96  96  96  THR THR A . n 
A 1 97  TYR 97  97  97  TYR TYR A . n 
A 1 98  SER 98  98  98  SER SER A . n 
A 1 99  VAL 99  99  99  VAL VAL A . n 
A 1 100 THR 100 100 100 THR THR A . n 
A 1 101 GLY 101 101 101 GLY GLY A . n 
A 1 102 ASP 102 102 102 ASP ASP A . n 
A 1 103 VAL 103 103 103 VAL VAL A . n 
A 1 104 ILE 104 104 104 ILE ILE A . n 
A 1 105 GLU 105 105 105 GLU GLU A . n 
A 1 106 LEU 106 106 106 LEU LEU A . n 
A 1 107 GLU 107 107 107 GLU GLU A . n 
A 1 108 LEU 108 108 108 LEU LEU A . n 
A 1 109 SER 109 109 109 SER SER A . n 
A 1 110 THR 110 110 110 THR THR A . n 
A 1 111 ARG 111 111 111 ARG ARG A . n 
A 1 112 ALA 112 112 112 ALA ALA A . n 
A 1 113 ASP 113 113 113 ASP ASP A . n 
A 1 114 GLY 114 114 114 GLY GLY A . n 
A 1 115 SER 115 115 115 SER SER A . n 
A 1 116 ILE 116 116 116 ILE ILE A . n 
A 1 117 GLY 117 117 117 GLY GLY A . n 
A 1 118 LEU 118 118 118 LEU LEU A . n 
A 1 119 ALA 119 119 119 ALA ALA A . n 
A 1 120 PRO 120 120 120 PRO PRO A . n 
A 1 121 THR 121 121 121 THR THR A . n 
A 1 122 ALA 122 122 122 ALA ALA A . n 
A 1 123 LYS 123 123 123 LYS LYS A . n 
A 1 124 GLU 124 124 124 GLU GLU A . n 
A 1 125 VAL 125 125 125 VAL VAL A . n 
A 1 126 THR 126 126 126 THR THR A . n 
A 1 127 ALA 127 127 127 ALA ALA A . n 
A 1 128 LEU 128 128 128 LEU LEU A . n 
A 1 129 ASP 129 129 129 ASP ASP A . n 
A 1 130 ARG 130 130 130 ARG ARG A . n 
A 1 131 SER 131 131 131 SER SER A . n 
A 1 132 TYR 132 132 132 TYR TYR A . n 
A 1 133 ARG 133 133 133 ARG ARG A . n 
A 1 134 ILE 134 134 134 ILE ILE A . n 
A 1 135 ASP 135 135 135 ASP ASP A . n 
A 1 136 GLY 136 136 136 GLY GLY A . n 
A 1 137 ASP 137 137 137 ASP ASP A . n 
A 1 138 GLU 138 138 138 GLU GLU A . n 
A 1 139 LEU 139 139 139 LEU LEU A . n 
A 1 140 SER 140 140 140 SER SER A . n 
A 1 141 TYR 141 141 141 TYR TYR A . n 
A 1 142 SER 142 142 142 SER SER A . n 
A 1 143 LEU 143 143 143 LEU LEU A . n 
A 1 144 GLN 144 144 144 GLN GLN A . n 
A 1 145 MET 145 145 145 MET MET A . n 
A 1 146 ARG 146 146 146 ARG ARG A . n 
A 1 147 ALA 147 147 147 ALA ALA A . n 
A 1 148 VAL 148 148 148 VAL VAL A . n 
A 1 149 GLY 149 149 149 GLY GLY A . n 
A 1 150 GLN 150 150 150 GLN GLN A . n 
A 1 151 PRO 151 151 151 PRO PRO A . n 
A 1 152 LEU 152 152 152 LEU LEU A . n 
A 1 153 GLN 153 153 153 GLN GLN A . n 
A 1 154 ASP 154 154 154 ASP ASP A . n 
A 1 155 HIS 155 155 155 HIS HIS A . n 
A 1 156 LEU 156 156 156 LEU LEU A . n 
A 1 157 ALA 157 157 157 ALA ALA A . n 
A 1 158 ALA 158 158 158 ALA ALA A . n 
A 1 159 VAL 159 159 159 VAL VAL A . n 
A 1 160 LEU 160 160 160 LEU LEU A . n 
A 1 161 HIS 161 161 161 HIS HIS A . n 
A 1 162 ARG 162 162 162 ARG ARG A . n 
A 1 163 GLN 163 163 163 GLN GLN A . n 
A 1 164 ARG 164 164 164 ARG ARG A . n 
A 1 165 ARG 165 165 ?   ?   ?   A . n 
A 1 166 SER 166 166 ?   ?   ?   A . n 
A 1 167 HIS 167 167 ?   ?   ?   A . n 
A 1 168 HIS 168 168 ?   ?   ?   A . n 
A 1 169 HIS 169 169 ?   ?   ?   A . n 
A 1 170 HIS 170 170 ?   ?   ?   A . n 
A 1 171 HIS 171 171 ?   ?   ?   A . n 
A 1 172 HIS 172 172 ?   ?   ?   A . n 
# 
loop_
_pdbx_nonpoly_scheme.asym_id 
_pdbx_nonpoly_scheme.entity_id 
_pdbx_nonpoly_scheme.mon_id 
_pdbx_nonpoly_scheme.ndb_seq_num 
_pdbx_nonpoly_scheme.pdb_seq_num 
_pdbx_nonpoly_scheme.auth_seq_num 
_pdbx_nonpoly_scheme.pdb_mon_id 
_pdbx_nonpoly_scheme.auth_mon_id 
_pdbx_nonpoly_scheme.pdb_strand_id 
_pdbx_nonpoly_scheme.pdb_ins_code 
B 2 HEM 1  200 200 HEM HEM A . 
C 3 CYN 1  201 201 CYN CYN A . 
D 4 HOH 1  301 24  HOH HOH A . 
D 4 HOH 2  302 33  HOH HOH A . 
D 4 HOH 3  303 59  HOH HOH A . 
D 4 HOH 4  304 64  HOH HOH A . 
D 4 HOH 5  305 40  HOH HOH A . 
D 4 HOH 6  306 66  HOH HOH A . 
D 4 HOH 7  307 72  HOH HOH A . 
D 4 HOH 8  308 15  HOH HOH A . 
D 4 HOH 9  309 41  HOH HOH A . 
D 4 HOH 10 310 8   HOH HOH A . 
D 4 HOH 11 311 61  HOH HOH A . 
D 4 HOH 12 312 14  HOH HOH A . 
D 4 HOH 13 313 1   HOH HOH A . 
D 4 HOH 14 314 67  HOH HOH A . 
D 4 HOH 15 315 52  HOH HOH A . 
D 4 HOH 16 316 6   HOH HOH A . 
D 4 HOH 17 317 34  HOH HOH A . 
D 4 HOH 18 318 54  HOH HOH A . 
D 4 HOH 19 319 23  HOH HOH A . 
D 4 HOH 20 320 2   HOH HOH A . 
D 4 HOH 21 321 69  HOH HOH A . 
D 4 HOH 22 322 16  HOH HOH A . 
D 4 HOH 23 323 5   HOH HOH A . 
D 4 HOH 24 324 25  HOH HOH A . 
D 4 HOH 25 325 46  HOH HOH A . 
D 4 HOH 26 326 17  HOH HOH A . 
D 4 HOH 27 327 74  HOH HOH A . 
D 4 HOH 28 328 11  HOH HOH A . 
D 4 HOH 29 329 51  HOH HOH A . 
D 4 HOH 30 330 19  HOH HOH A . 
D 4 HOH 31 331 4   HOH HOH A . 
D 4 HOH 32 332 7   HOH HOH A . 
D 4 HOH 33 333 50  HOH HOH A . 
D 4 HOH 34 334 42  HOH HOH A . 
D 4 HOH 35 335 10  HOH HOH A . 
D 4 HOH 36 336 35  HOH HOH A . 
D 4 HOH 37 337 48  HOH HOH A . 
D 4 HOH 38 338 44  HOH HOH A . 
D 4 HOH 39 339 76  HOH HOH A . 
D 4 HOH 40 340 43  HOH HOH A . 
D 4 HOH 41 341 20  HOH HOH A . 
D 4 HOH 42 342 37  HOH HOH A . 
D 4 HOH 43 343 32  HOH HOH A . 
D 4 HOH 44 344 26  HOH HOH A . 
D 4 HOH 45 345 22  HOH HOH A . 
D 4 HOH 46 346 53  HOH HOH A . 
D 4 HOH 47 347 36  HOH HOH A . 
D 4 HOH 48 348 28  HOH HOH A . 
D 4 HOH 49 349 57  HOH HOH A . 
D 4 HOH 50 350 27  HOH HOH A . 
D 4 HOH 51 351 73  HOH HOH A . 
D 4 HOH 52 352 75  HOH HOH A . 
D 4 HOH 53 353 13  HOH HOH A . 
D 4 HOH 54 354 47  HOH HOH A . 
D 4 HOH 55 355 12  HOH HOH A . 
D 4 HOH 56 356 30  HOH HOH A . 
D 4 HOH 57 357 18  HOH HOH A . 
D 4 HOH 58 358 63  HOH HOH A . 
D 4 HOH 59 359 45  HOH HOH A . 
D 4 HOH 60 360 58  HOH HOH A . 
D 4 HOH 61 361 55  HOH HOH A . 
D 4 HOH 62 362 9   HOH HOH A . 
D 4 HOH 63 363 56  HOH HOH A . 
D 4 HOH 64 364 3   HOH HOH A . 
D 4 HOH 65 365 65  HOH HOH A . 
D 4 HOH 66 366 29  HOH HOH A . 
D 4 HOH 67 367 77  HOH HOH A . 
D 4 HOH 68 368 49  HOH HOH A . 
D 4 HOH 69 369 71  HOH HOH A . 
D 4 HOH 70 370 31  HOH HOH A . 
D 4 HOH 71 371 62  HOH HOH A . 
D 4 HOH 72 372 70  HOH HOH A . 
D 4 HOH 73 373 38  HOH HOH A . 
D 4 HOH 74 374 21  HOH HOH A . 
D 4 HOH 75 375 68  HOH HOH A . 
D 4 HOH 76 376 60  HOH HOH A . 
D 4 HOH 77 377 39  HOH HOH A . 
# 
loop_
_pdbx_unobs_or_zero_occ_atoms.id 
_pdbx_unobs_or_zero_occ_atoms.PDB_model_num 
_pdbx_unobs_or_zero_occ_atoms.polymer_flag 
_pdbx_unobs_or_zero_occ_atoms.occupancy_flag 
_pdbx_unobs_or_zero_occ_atoms.auth_asym_id 
_pdbx_unobs_or_zero_occ_atoms.auth_comp_id 
_pdbx_unobs_or_zero_occ_atoms.auth_seq_id 
_pdbx_unobs_or_zero_occ_atoms.PDB_ins_code 
_pdbx_unobs_or_zero_occ_atoms.auth_atom_id 
_pdbx_unobs_or_zero_occ_atoms.label_alt_id 
_pdbx_unobs_or_zero_occ_atoms.label_asym_id 
_pdbx_unobs_or_zero_occ_atoms.label_comp_id 
_pdbx_unobs_or_zero_occ_atoms.label_seq_id 
_pdbx_unobs_or_zero_occ_atoms.label_atom_id 
1 1 Y 1 A ARG 164 ? CG  ? A ARG 164 CG  
2 1 Y 1 A ARG 164 ? CD  ? A ARG 164 CD  
3 1 Y 1 A ARG 164 ? NE  ? A ARG 164 NE  
4 1 Y 1 A ARG 164 ? CZ  ? A ARG 164 CZ  
5 1 Y 1 A ARG 164 ? NH1 ? A ARG 164 NH1 
6 1 Y 1 A ARG 164 ? NH2 ? A ARG 164 NH2 
# 
loop_
_software.citation_id 
_software.classification 
_software.compiler_name 
_software.compiler_version 
_software.contact_author 
_software.contact_author_email 
_software.date 
_software.description 
_software.dependencies 
_software.hardware 
_software.language 
_software.location 
_software.mods 
_software.name 
_software.os 
_software.os_version 
_software.type 
_software.version 
_software.pdbx_ordinal 
? refinement       ? ? ? ? ? ? ? ? ? ? ? REFMAC ? ? ? 5.8.0232 1 
? 'data reduction' ? ? ? ? ? ? ? ? ? ? ? XDS    ? ? ? .        2 
? 'data scaling'   ? ? ? ? ? ? ? ? ? ? ? SCALA  ? ? ? .        3 
? phasing          ? ? ? ? ? ? ? ? ? ? ? PHASER ? ? ? .        4 
# 
_cell.angle_alpha                  90.00 
_cell.angle_alpha_esd              ? 
_cell.angle_beta                   90.00 
_cell.angle_beta_esd               ? 
_cell.angle_gamma                  90.00 
_cell.angle_gamma_esd              ? 
_cell.entry_id                     6R3Y 
_cell.details                      ? 
_cell.formula_units_Z              ? 
_cell.length_a                     60.818 
_cell.length_a_esd                 ? 
_cell.length_b                     74.383 
_cell.length_b_esd                 ? 
_cell.length_c                     80.513 
_cell.length_c_esd                 ? 
_cell.volume                       ? 
_cell.volume_esd                   ? 
_cell.Z_PDB                        8 
_cell.reciprocal_angle_alpha       ? 
_cell.reciprocal_angle_beta        ? 
_cell.reciprocal_angle_gamma       ? 
_cell.reciprocal_angle_alpha_esd   ? 
_cell.reciprocal_angle_beta_esd    ? 
_cell.reciprocal_angle_gamma_esd   ? 
_cell.reciprocal_length_a          ? 
_cell.reciprocal_length_b          ? 
_cell.reciprocal_length_c          ? 
_cell.reciprocal_length_a_esd      ? 
_cell.reciprocal_length_b_esd      ? 
_cell.reciprocal_length_c_esd      ? 
_cell.pdbx_unique_axis             ? 
# 
_symmetry.entry_id                         6R3Y 
_symmetry.cell_setting                     ? 
_symmetry.Int_Tables_number                23 
_symmetry.space_group_name_Hall            ? 
_symmetry.space_group_name_H-M             'I 2 2 2' 
_symmetry.pdbx_full_space_group_name_H-M   ? 
# 
_exptl.absorpt_coefficient_mu     ? 
_exptl.absorpt_correction_T_max   ? 
_exptl.absorpt_correction_T_min   ? 
_exptl.absorpt_correction_type    ? 
_exptl.absorpt_process_details    ? 
_exptl.entry_id                   6R3Y 
_exptl.crystals_number            1 
_exptl.details                    ? 
_exptl.method                     'X-RAY DIFFRACTION' 
_exptl.method_details             ? 
# 
_exptl_crystal.colour                      ? 
_exptl_crystal.density_diffrn              ? 
_exptl_crystal.density_Matthews            2.40 
_exptl_crystal.density_method              ? 
_exptl_crystal.density_percent_sol         48.83 
_exptl_crystal.description                 ? 
_exptl_crystal.F_000                       ? 
_exptl_crystal.id                          1 
_exptl_crystal.preparation                 ? 
_exptl_crystal.size_max                    ? 
_exptl_crystal.size_mid                    ? 
_exptl_crystal.size_min                    ? 
_exptl_crystal.size_rad                    ? 
_exptl_crystal.colour_lustre               ? 
_exptl_crystal.colour_modifier             ? 
_exptl_crystal.colour_primary              ? 
_exptl_crystal.density_meas                ? 
_exptl_crystal.density_meas_esd            ? 
_exptl_crystal.density_meas_gt             ? 
_exptl_crystal.density_meas_lt             ? 
_exptl_crystal.density_meas_temp           ? 
_exptl_crystal.density_meas_temp_esd       ? 
_exptl_crystal.density_meas_temp_gt        ? 
_exptl_crystal.density_meas_temp_lt        ? 
_exptl_crystal.pdbx_crystal_image_url      ? 
_exptl_crystal.pdbx_crystal_image_format   ? 
_exptl_crystal.pdbx_mosaicity              ? 
_exptl_crystal.pdbx_mosaicity_esd          ? 
# 
_exptl_crystal_grow.apparatus       ? 
_exptl_crystal_grow.atmosphere      ? 
_exptl_crystal_grow.crystal_id      1 
_exptl_crystal_grow.details         ? 
_exptl_crystal_grow.method          'VAPOR DIFFUSION, HANGING DROP' 
_exptl_crystal_grow.method_ref      ? 
_exptl_crystal_grow.pH              8.5 
_exptl_crystal_grow.pressure        ? 
_exptl_crystal_grow.pressure_esd    ? 
_exptl_crystal_grow.seeding         ? 
_exptl_crystal_grow.seeding_ref     ? 
_exptl_crystal_grow.temp            294 
_exptl_crystal_grow.temp_details    ? 
_exptl_crystal_grow.temp_esd        ? 
_exptl_crystal_grow.time            ? 
_exptl_crystal_grow.pdbx_details    '0.02 M NiCl2, 0.1 M Tris, PEG MM 2k 20%, 0.1 M potassium cyanide' 
_exptl_crystal_grow.pdbx_pH_range   ? 
# 
_diffrn.ambient_environment              ? 
_diffrn.ambient_temp                     100 
_diffrn.ambient_temp_details             ? 
_diffrn.ambient_temp_esd                 ? 
_diffrn.crystal_id                       1 
_diffrn.crystal_support                  ? 
_diffrn.crystal_treatment                ? 
_diffrn.details                          ? 
_diffrn.id                               1 
_diffrn.ambient_pressure                 ? 
_diffrn.ambient_pressure_esd             ? 
_diffrn.ambient_pressure_gt              ? 
_diffrn.ambient_pressure_lt              ? 
_diffrn.ambient_temp_gt                  ? 
_diffrn.ambient_temp_lt                  ? 
_diffrn.pdbx_serial_crystal_experiment   N 
# 
_diffrn_detector.details                      ? 
_diffrn_detector.detector                     PIXEL 
_diffrn_detector.diffrn_id                    1 
_diffrn_detector.type                         'DECTRIS PILATUS3 X 2M' 
_diffrn_detector.area_resol_mean              ? 
_diffrn_detector.dtime                        ? 
_diffrn_detector.pdbx_frames_total            ? 
_diffrn_detector.pdbx_collection_time_total   ? 
_diffrn_detector.pdbx_collection_date         2018-06-14 
_diffrn_detector.pdbx_frequency               ? 
# 
_diffrn_radiation.collimation                      ? 
_diffrn_radiation.diffrn_id                        1 
_diffrn_radiation.filter_edge                      ? 
_diffrn_radiation.inhomogeneity                    ? 
_diffrn_radiation.monochromator                    ? 
_diffrn_radiation.polarisn_norm                    ? 
_diffrn_radiation.polarisn_ratio                   ? 
_diffrn_radiation.probe                            ? 
_diffrn_radiation.type                             ? 
_diffrn_radiation.xray_symbol                      ? 
_diffrn_radiation.wavelength_id                    1 
_diffrn_radiation.pdbx_monochromatic_or_laue_m_l   M 
_diffrn_radiation.pdbx_wavelength_list             ? 
_diffrn_radiation.pdbx_wavelength                  ? 
_diffrn_radiation.pdbx_diffrn_protocol             'SINGLE WAVELENGTH' 
_diffrn_radiation.pdbx_analyzer                    ? 
_diffrn_radiation.pdbx_scattering_type             x-ray 
# 
_diffrn_radiation_wavelength.id           1 
_diffrn_radiation_wavelength.wavelength   0.9 
_diffrn_radiation_wavelength.wt           1.0 
# 
_diffrn_source.current                     ? 
_diffrn_source.details                     ? 
_diffrn_source.diffrn_id                   1 
_diffrn_source.power                       ? 
_diffrn_source.size                        ? 
_diffrn_source.source                      SYNCHROTRON 
_diffrn_source.target                      ? 
_diffrn_source.type                        'ESRF BEAMLINE ID23-2' 
_diffrn_source.voltage                     ? 
_diffrn_source.take-off_angle              ? 
_diffrn_source.pdbx_wavelength_list        0.9 
_diffrn_source.pdbx_wavelength             ? 
_diffrn_source.pdbx_synchrotron_beamline   ID23-2 
_diffrn_source.pdbx_synchrotron_site       ESRF 
# 
_reflns.B_iso_Wilson_estimate            ? 
_reflns.entry_id                         6R3Y 
_reflns.data_reduction_details           ? 
_reflns.data_reduction_method            ? 
_reflns.d_resolution_high                1.6 
_reflns.d_resolution_low                 47 
_reflns.details                          ? 
_reflns.limit_h_max                      ? 
_reflns.limit_h_min                      ? 
_reflns.limit_k_max                      ? 
_reflns.limit_k_min                      ? 
_reflns.limit_l_max                      ? 
_reflns.limit_l_min                      ? 
_reflns.number_all                       ? 
_reflns.number_obs                       24489 
_reflns.observed_criterion               ? 
_reflns.observed_criterion_F_max         ? 
_reflns.observed_criterion_F_min         ? 
_reflns.observed_criterion_I_max         ? 
_reflns.observed_criterion_I_min         ? 
_reflns.observed_criterion_sigma_F       ? 
_reflns.observed_criterion_sigma_I       ? 
_reflns.percent_possible_obs             100 
_reflns.R_free_details                   ? 
_reflns.Rmerge_F_all                     ? 
_reflns.Rmerge_F_obs                     ? 
_reflns.Friedel_coverage                 ? 
_reflns.number_gt                        ? 
_reflns.threshold_expression             ? 
_reflns.pdbx_redundancy                  8.0 
_reflns.pdbx_Rmerge_I_obs                ? 
_reflns.pdbx_Rmerge_I_all                ? 
_reflns.pdbx_Rsym_value                  ? 
_reflns.pdbx_netI_over_av_sigmaI         ? 
_reflns.pdbx_netI_over_sigmaI            7.6 
_reflns.pdbx_res_netI_over_av_sigmaI_2   ? 
_reflns.pdbx_res_netI_over_sigmaI_2      ? 
_reflns.pdbx_chi_squared                 ? 
_reflns.pdbx_scaling_rejects             ? 
_reflns.pdbx_d_res_high_opt              ? 
_reflns.pdbx_d_res_low_opt               ? 
_reflns.pdbx_d_res_opt_method            ? 
_reflns.phase_calculation_details        ? 
_reflns.pdbx_Rrim_I_all                  ? 
_reflns.pdbx_Rpim_I_all                  ? 
_reflns.pdbx_d_opt                       ? 
_reflns.pdbx_number_measured_all         ? 
_reflns.pdbx_diffrn_id                   1 
_reflns.pdbx_ordinal                     1 
_reflns.pdbx_CC_half                     ? 
_reflns.pdbx_R_split                     ? 
# 
_reflns_shell.d_res_high                  1.60 
_reflns_shell.d_res_low                   1.69 
_reflns_shell.meanI_over_sigI_all         ? 
_reflns_shell.meanI_over_sigI_obs         2.9 
_reflns_shell.number_measured_all         ? 
_reflns_shell.number_measured_obs         ? 
_reflns_shell.number_possible             ? 
_reflns_shell.number_unique_all           ? 
_reflns_shell.number_unique_obs           3536 
_reflns_shell.percent_possible_all        100 
_reflns_shell.percent_possible_obs        ? 
_reflns_shell.Rmerge_F_all                ? 
_reflns_shell.Rmerge_F_obs                ? 
_reflns_shell.Rmerge_I_all                ? 
_reflns_shell.Rmerge_I_obs                ? 
_reflns_shell.meanI_over_sigI_gt          ? 
_reflns_shell.meanI_over_uI_all           ? 
_reflns_shell.meanI_over_uI_gt            ? 
_reflns_shell.number_measured_gt          ? 
_reflns_shell.number_unique_gt            ? 
_reflns_shell.percent_possible_gt         ? 
_reflns_shell.Rmerge_F_gt                 ? 
_reflns_shell.Rmerge_I_gt                 ? 
_reflns_shell.pdbx_redundancy             8.1 
_reflns_shell.pdbx_Rsym_value             ? 
_reflns_shell.pdbx_chi_squared            ? 
_reflns_shell.pdbx_netI_over_sigmaI_all   ? 
_reflns_shell.pdbx_netI_over_sigmaI_obs   ? 
_reflns_shell.pdbx_Rrim_I_all             ? 
_reflns_shell.pdbx_Rpim_I_all             ? 
_reflns_shell.pdbx_rejects                ? 
_reflns_shell.pdbx_ordinal                1 
_reflns_shell.pdbx_diffrn_id              1 
_reflns_shell.pdbx_CC_half                ? 
_reflns_shell.pdbx_R_split                ? 
# 
_refine.aniso_B[1][1]                            0.00 
_refine.aniso_B[1][2]                            0.00 
_refine.aniso_B[1][3]                            -0.00 
_refine.aniso_B[2][2]                            0.01 
_refine.aniso_B[2][3]                            0.00 
_refine.aniso_B[3][3]                            -0.01 
_refine.B_iso_max                                ? 
_refine.B_iso_mean                               12.119 
_refine.B_iso_min                                ? 
_refine.correlation_coeff_Fo_to_Fc               0.955 
_refine.correlation_coeff_Fo_to_Fc_free          0.945 
_refine.details                                  'HYDROGENS HAVE BEEN ADDED IN THE RIDING POSITIONS' 
_refine.diff_density_max                         ? 
_refine.diff_density_max_esd                     ? 
_refine.diff_density_min                         ? 
_refine.diff_density_min_esd                     ? 
_refine.diff_density_rms                         ? 
_refine.diff_density_rms_esd                     ? 
_refine.entry_id                                 6R3Y 
_refine.pdbx_refine_id                           'X-RAY DIFFRACTION' 
_refine.ls_abs_structure_details                 ? 
_refine.ls_abs_structure_Flack                   ? 
_refine.ls_abs_structure_Flack_esd               ? 
_refine.ls_abs_structure_Rogers                  ? 
_refine.ls_abs_structure_Rogers_esd              ? 
_refine.ls_d_res_high                            1.60 
_refine.ls_d_res_low                             47 
_refine.ls_extinction_coef                       ? 
_refine.ls_extinction_coef_esd                   ? 
_refine.ls_extinction_expression                 ? 
_refine.ls_extinction_method                     ? 
_refine.ls_goodness_of_fit_all                   ? 
_refine.ls_goodness_of_fit_all_esd               ? 
_refine.ls_goodness_of_fit_obs                   ? 
_refine.ls_goodness_of_fit_obs_esd               ? 
_refine.ls_hydrogen_treatment                    ? 
_refine.ls_matrix_type                           ? 
_refine.ls_number_constraints                    ? 
_refine.ls_number_parameters                     ? 
_refine.ls_number_reflns_all                     ? 
_refine.ls_number_reflns_obs                     23325 
_refine.ls_number_reflns_R_free                  1164 
_refine.ls_number_reflns_R_work                  ? 
_refine.ls_number_restraints                     ? 
_refine.ls_percent_reflns_obs                    99.93 
_refine.ls_percent_reflns_R_free                 4.8 
_refine.ls_R_factor_all                          ? 
_refine.ls_R_factor_obs                          0.17913 
_refine.ls_R_factor_R_free                       0.20198 
_refine.ls_R_factor_R_free_error                 ? 
_refine.ls_R_factor_R_free_error_details         ? 
_refine.ls_R_factor_R_work                       0.17802 
_refine.ls_R_Fsqd_factor_obs                     ? 
_refine.ls_R_I_factor_obs                        ? 
_refine.ls_redundancy_reflns_all                 ? 
_refine.ls_redundancy_reflns_obs                 ? 
_refine.ls_restrained_S_all                      ? 
_refine.ls_restrained_S_obs                      ? 
_refine.ls_shift_over_esd_max                    ? 
_refine.ls_shift_over_esd_mean                   ? 
_refine.ls_structure_factor_coef                 ? 
_refine.ls_weighting_details                     ? 
_refine.ls_weighting_scheme                      ? 
_refine.ls_wR_factor_all                         ? 
_refine.ls_wR_factor_obs                         ? 
_refine.ls_wR_factor_R_free                      ? 
_refine.ls_wR_factor_R_work                      ? 
_refine.occupancy_max                            ? 
_refine.occupancy_min                            ? 
_refine.solvent_model_details                    ? 
_refine.solvent_model_param_bsol                 ? 
_refine.solvent_model_param_ksol                 ? 
_refine.ls_R_factor_gt                           ? 
_refine.ls_goodness_of_fit_gt                    ? 
_refine.ls_goodness_of_fit_ref                   ? 
_refine.ls_shift_over_su_max                     ? 
_refine.ls_shift_over_su_max_lt                  ? 
_refine.ls_shift_over_su_mean                    ? 
_refine.ls_shift_over_su_mean_lt                 ? 
_refine.pdbx_ls_sigma_I                          ? 
_refine.pdbx_ls_sigma_F                          ? 
_refine.pdbx_ls_sigma_Fsqd                       ? 
_refine.pdbx_data_cutoff_high_absF               ? 
_refine.pdbx_data_cutoff_high_rms_absF           ? 
_refine.pdbx_data_cutoff_low_absF                ? 
_refine.pdbx_isotropic_thermal_model             ? 
_refine.pdbx_ls_cross_valid_method               THROUGHOUT 
_refine.pdbx_method_to_determine_struct          'MOLECULAR REPLACEMENT' 
_refine.pdbx_starting_model                      2fr2 
_refine.pdbx_stereochemistry_target_values       ? 
_refine.pdbx_R_Free_selection_details            RANDOM 
_refine.pdbx_stereochem_target_val_spec_case     ? 
_refine.pdbx_overall_ESU_R                       0.080 
_refine.pdbx_overall_ESU_R_Free                  0.080 
_refine.pdbx_solvent_vdw_probe_radii             1.20 
_refine.pdbx_solvent_ion_probe_radii             0.80 
_refine.pdbx_solvent_shrinkage_radii             0.80 
_refine.pdbx_real_space_R                        ? 
_refine.pdbx_density_correlation                 ? 
_refine.pdbx_pd_number_of_powder_patterns        ? 
_refine.pdbx_pd_number_of_points                 ? 
_refine.pdbx_pd_meas_number_of_points            ? 
_refine.pdbx_pd_proc_ls_prof_R_factor            ? 
_refine.pdbx_pd_proc_ls_prof_wR_factor           ? 
_refine.pdbx_pd_Marquardt_correlation_coeff      ? 
_refine.pdbx_pd_Fsqrd_R_factor                   ? 
_refine.pdbx_pd_ls_matrix_band_width             ? 
_refine.pdbx_overall_phase_error                 ? 
_refine.pdbx_overall_SU_R_free_Cruickshank_DPI   ? 
_refine.pdbx_overall_SU_R_free_Blow_DPI          ? 
_refine.pdbx_overall_SU_R_Blow_DPI               ? 
_refine.pdbx_TLS_residual_ADP_flag               ? 
_refine.pdbx_diffrn_id                           1 
_refine.overall_SU_B                             1.565 
_refine.overall_SU_ML                            0.054 
_refine.overall_SU_R_Cruickshank_DPI             ? 
_refine.overall_SU_R_free                        ? 
_refine.overall_FOM_free_R_set                   ? 
_refine.overall_FOM_work_R_set                   ? 
_refine.pdbx_average_fsc_overall                 ? 
_refine.pdbx_average_fsc_work                    ? 
_refine.pdbx_average_fsc_free                    ? 
# 
_refine_hist.pdbx_refine_id                   'X-RAY DIFFRACTION' 
_refine_hist.cycle_id                         1 
_refine_hist.details                          ? 
_refine_hist.d_res_high                       1.60 
_refine_hist.d_res_low                        47 
_refine_hist.number_atoms_solvent             77 
_refine_hist.number_atoms_total               1346 
_refine_hist.number_reflns_all                ? 
_refine_hist.number_reflns_obs                ? 
_refine_hist.number_reflns_R_free             ? 
_refine_hist.number_reflns_R_work             ? 
_refine_hist.R_factor_all                     ? 
_refine_hist.R_factor_obs                     ? 
_refine_hist.R_factor_R_free                  ? 
_refine_hist.R_factor_R_work                  ? 
_refine_hist.pdbx_number_residues_total       ? 
_refine_hist.pdbx_B_iso_mean_ligand           ? 
_refine_hist.pdbx_B_iso_mean_solvent          ? 
_refine_hist.pdbx_number_atoms_protein        1224 
_refine_hist.pdbx_number_atoms_nucleic_acid   0 
_refine_hist.pdbx_number_atoms_ligand         45 
_refine_hist.pdbx_number_atoms_lipid          ? 
_refine_hist.pdbx_number_atoms_carb           ? 
_refine_hist.pdbx_pseudo_atom_details         ? 
# 
loop_
_refine_ls_restr.pdbx_refine_id 
_refine_ls_restr.criterion 
_refine_ls_restr.dev_ideal 
_refine_ls_restr.dev_ideal_target 
_refine_ls_restr.number 
_refine_ls_restr.rejects 
_refine_ls_restr.type 
_refine_ls_restr.weight 
_refine_ls_restr.pdbx_restraint_function 
'X-RAY DIFFRACTION' ? 0.011  0.013  1328 ? r_bond_refined_d             ? ? 
'X-RAY DIFFRACTION' ? 0.001  0.017  1227 ? r_bond_other_d               ? ? 
'X-RAY DIFFRACTION' ? 1.321  1.707  1831 ? r_angle_refined_deg          ? ? 
'X-RAY DIFFRACTION' ? 1.261  1.599  2839 ? r_angle_other_deg            ? ? 
'X-RAY DIFFRACTION' ? 8.882  5.000  170  ? r_dihedral_angle_1_deg       ? ? 
'X-RAY DIFFRACTION' ? 32.316 21.111 63   ? r_dihedral_angle_2_deg       ? ? 
'X-RAY DIFFRACTION' ? 12.986 15.000 204  ? r_dihedral_angle_3_deg       ? ? 
'X-RAY DIFFRACTION' ? 18.486 15.000 10   ? r_dihedral_angle_4_deg       ? ? 
'X-RAY DIFFRACTION' ? 0.063  0.200  170  ? r_chiral_restr               ? ? 
'X-RAY DIFFRACTION' ? 0.016  0.020  1514 ? r_gen_planes_refined         ? ? 
'X-RAY DIFFRACTION' ? 0.009  0.020  284  ? r_gen_planes_other           ? ? 
'X-RAY DIFFRACTION' ? ?      ?      ?    ? r_nbd_refined                ? ? 
'X-RAY DIFFRACTION' ? ?      ?      ?    ? r_nbd_other                  ? ? 
'X-RAY DIFFRACTION' ? ?      ?      ?    ? r_nbtor_refined              ? ? 
'X-RAY DIFFRACTION' ? ?      ?      ?    ? r_nbtor_other                ? ? 
'X-RAY DIFFRACTION' ? ?      ?      ?    ? r_xyhbond_nbd_refined        ? ? 
'X-RAY DIFFRACTION' ? ?      ?      ?    ? r_xyhbond_nbd_other          ? ? 
'X-RAY DIFFRACTION' ? ?      ?      ?    ? r_metal_ion_refined          ? ? 
'X-RAY DIFFRACTION' ? ?      ?      ?    ? r_metal_ion_other            ? ? 
'X-RAY DIFFRACTION' ? ?      ?      ?    ? r_symmetry_vdw_refined       ? ? 
'X-RAY DIFFRACTION' ? ?      ?      ?    ? r_symmetry_vdw_other         ? ? 
'X-RAY DIFFRACTION' ? ?      ?      ?    ? r_symmetry_hbond_refined     ? ? 
'X-RAY DIFFRACTION' ? ?      ?      ?    ? r_symmetry_hbond_other       ? ? 
'X-RAY DIFFRACTION' ? ?      ?      ?    ? r_symmetry_metal_ion_refined ? ? 
'X-RAY DIFFRACTION' ? ?      ?      ?    ? r_symmetry_metal_ion_other   ? ? 
'X-RAY DIFFRACTION' ? 1.475  1.134  654  ? r_mcbond_it                  ? ? 
'X-RAY DIFFRACTION' ? 1.231  1.126  652  ? r_mcbond_other               ? ? 
'X-RAY DIFFRACTION' ? 2.130  1.690  817  ? r_mcangle_it                 ? ? 
'X-RAY DIFFRACTION' ? 2.146  1.695  818  ? r_mcangle_other              ? ? 
'X-RAY DIFFRACTION' ? 2.276  1.376  674  ? r_scbond_it                  ? ? 
'X-RAY DIFFRACTION' ? 2.236  1.370  672  ? r_scbond_other               ? ? 
'X-RAY DIFFRACTION' ? ?      ?      ?    ? r_scangle_it                 ? ? 
'X-RAY DIFFRACTION' ? 3.463  1.973  1009 ? r_scangle_other              ? ? 
'X-RAY DIFFRACTION' ? 4.668  13.526 1355 ? r_long_range_B_refined       ? ? 
'X-RAY DIFFRACTION' ? 4.651  13.439 1347 ? r_long_range_B_other         ? ? 
'X-RAY DIFFRACTION' ? ?      ?      ?    ? r_rigid_bond_restr           ? ? 
'X-RAY DIFFRACTION' ? ?      ?      ?    ? r_sphericity_free            ? ? 
'X-RAY DIFFRACTION' ? ?      ?      ?    ? r_sphericity_bonded          ? ? 
# 
_refine_ls_shell.pdbx_refine_id                   'X-RAY DIFFRACTION' 
_refine_ls_shell.d_res_high                       1.600 
_refine_ls_shell.d_res_low                        1.641 
_refine_ls_shell.number_reflns_all                ? 
_refine_ls_shell.number_reflns_obs                ? 
_refine_ls_shell.number_reflns_R_free             84 
_refine_ls_shell.number_reflns_R_work             1703 
_refine_ls_shell.percent_reflns_obs               99.17 
_refine_ls_shell.percent_reflns_R_free            ? 
_refine_ls_shell.R_factor_all                     ? 
_refine_ls_shell.R_factor_obs                     ? 
_refine_ls_shell.R_factor_R_free                  0.241 
_refine_ls_shell.R_factor_R_free_error            ? 
_refine_ls_shell.R_factor_R_work                  0.230 
_refine_ls_shell.redundancy_reflns_all            ? 
_refine_ls_shell.redundancy_reflns_obs            ? 
_refine_ls_shell.wR_factor_all                    ? 
_refine_ls_shell.wR_factor_obs                    ? 
_refine_ls_shell.wR_factor_R_free                 ? 
_refine_ls_shell.wR_factor_R_work                 ? 
_refine_ls_shell.pdbx_total_number_of_bins_used   20 
_refine_ls_shell.pdbx_phase_error                 ? 
_refine_ls_shell.pdbx_fsc_work                    ? 
_refine_ls_shell.pdbx_fsc_free                    ? 
# 
_struct.entry_id                     6R3Y 
_struct.title                        'M.tuberculosis nitrobindin with a cyanide molecule coordinated to the heme iron atom' 
_struct.pdbx_model_details           ? 
_struct.pdbx_formula_weight          ? 
_struct.pdbx_formula_weight_method   ? 
_struct.pdbx_model_type_details      ? 
_struct.pdbx_CASP_flag               N 
# 
_struct_keywords.entry_id        6R3Y 
_struct_keywords.text            'hemeproteins, beta-barrel, peroxynitrite detoxification, PROTEIN BINDING' 
_struct_keywords.pdbx_keywords   'PROTEIN BINDING' 
# 
loop_
_struct_asym.id 
_struct_asym.pdbx_blank_PDB_chainid_flag 
_struct_asym.pdbx_modified 
_struct_asym.entity_id 
_struct_asym.details 
A N N 1 ? 
B N N 2 ? 
C N N 3 ? 
D N N 4 ? 
# 
_struct_ref.id                         1 
_struct_ref.db_name                    UNP 
_struct_ref.db_code                    A0A0E8TXJ8_MYCTX 
_struct_ref.pdbx_db_accession          A0A0E8TXJ8 
_struct_ref.pdbx_db_isoform            ? 
_struct_ref.entity_id                  1 
_struct_ref.pdbx_seq_one_letter_code   
;MTRDLAPALQALSPLLGSWAGRGAGKYPTIRPFEYLEEVVFAHVGKPFLTYTQQTRAVADGKPLHSETGYLRVCRPGCVE
LVLAHPSGITEIEVGTYSVTGDVIELELSTRADGSIGLAPTAKEVTALDRSYRIDGDELSYSLQMRAVGQPLQDHLAAVL
HRQR
;
_struct_ref.pdbx_align_begin           9 
# 
_struct_ref_seq.align_id                      1 
_struct_ref_seq.ref_id                        1 
_struct_ref_seq.pdbx_PDB_id_code              6R3Y 
_struct_ref_seq.pdbx_strand_id                A 
_struct_ref_seq.seq_align_beg                 1 
_struct_ref_seq.pdbx_seq_align_beg_ins_code   ? 
_struct_ref_seq.seq_align_end                 164 
_struct_ref_seq.pdbx_seq_align_end_ins_code   ? 
_struct_ref_seq.pdbx_db_accession             A0A0E8TXJ8 
_struct_ref_seq.db_align_beg                  9 
_struct_ref_seq.pdbx_db_align_beg_ins_code    ? 
_struct_ref_seq.db_align_end                  172 
_struct_ref_seq.pdbx_db_align_end_ins_code    ? 
_struct_ref_seq.pdbx_auth_seq_align_beg       1 
_struct_ref_seq.pdbx_auth_seq_align_end       164 
# 
loop_
_struct_ref_seq_dif.align_id 
_struct_ref_seq_dif.pdbx_pdb_id_code 
_struct_ref_seq_dif.mon_id 
_struct_ref_seq_dif.pdbx_pdb_strand_id 
_struct_ref_seq_dif.seq_num 
_struct_ref_seq_dif.pdbx_pdb_ins_code 
_struct_ref_seq_dif.pdbx_seq_db_name 
_struct_ref_seq_dif.pdbx_seq_db_accession_code 
_struct_ref_seq_dif.db_mon_id 
_struct_ref_seq_dif.pdbx_seq_db_seq_num 
_struct_ref_seq_dif.details 
_struct_ref_seq_dif.pdbx_auth_seq_num 
_struct_ref_seq_dif.pdbx_ordinal 
1 6R3Y ARG A 165 ? UNP A0A0E8TXJ8 ? ? 'expression tag' 165 1 
1 6R3Y SER A 166 ? UNP A0A0E8TXJ8 ? ? 'expression tag' 166 2 
1 6R3Y HIS A 167 ? UNP A0A0E8TXJ8 ? ? 'expression tag' 167 3 
1 6R3Y HIS A 168 ? UNP A0A0E8TXJ8 ? ? 'expression tag' 168 4 
1 6R3Y HIS A 169 ? UNP A0A0E8TXJ8 ? ? 'expression tag' 169 5 
1 6R3Y HIS A 170 ? UNP A0A0E8TXJ8 ? ? 'expression tag' 170 6 
1 6R3Y HIS A 171 ? UNP A0A0E8TXJ8 ? ? 'expression tag' 171 7 
1 6R3Y HIS A 172 ? UNP A0A0E8TXJ8 ? ? 'expression tag' 172 8 
# 
_pdbx_struct_assembly.id                   1 
_pdbx_struct_assembly.details              author_and_software_defined_assembly 
_pdbx_struct_assembly.method_details       PISA 
_pdbx_struct_assembly.oligomeric_details   monomeric 
_pdbx_struct_assembly.oligomeric_count     1 
# 
loop_
_pdbx_struct_assembly_prop.biol_id 
_pdbx_struct_assembly_prop.type 
_pdbx_struct_assembly_prop.value 
_pdbx_struct_assembly_prop.details 
1 'ABSA (A^2)' 1260 ? 
1 MORE         -22  ? 
1 'SSA (A^2)'  8220 ? 
# 
_pdbx_struct_assembly_gen.assembly_id       1 
_pdbx_struct_assembly_gen.oper_expression   1 
_pdbx_struct_assembly_gen.asym_id_list      A,B,C,D 
# 
_pdbx_struct_assembly_auth_evidence.id                     1 
_pdbx_struct_assembly_auth_evidence.assembly_id            1 
_pdbx_struct_assembly_auth_evidence.experimental_support   none 
_pdbx_struct_assembly_auth_evidence.details                ? 
# 
_pdbx_struct_oper_list.id                   1 
_pdbx_struct_oper_list.type                 'identity operation' 
_pdbx_struct_oper_list.name                 1_555 
_pdbx_struct_oper_list.symmetry_operation   x,y,z 
_pdbx_struct_oper_list.matrix[1][1]         1.0000000000 
_pdbx_struct_oper_list.matrix[1][2]         0.0000000000 
_pdbx_struct_oper_list.matrix[1][3]         0.0000000000 
_pdbx_struct_oper_list.vector[1]            0.0000000000 
_pdbx_struct_oper_list.matrix[2][1]         0.0000000000 
_pdbx_struct_oper_list.matrix[2][2]         1.0000000000 
_pdbx_struct_oper_list.matrix[2][3]         0.0000000000 
_pdbx_struct_oper_list.vector[2]            0.0000000000 
_pdbx_struct_oper_list.matrix[3][1]         0.0000000000 
_pdbx_struct_oper_list.matrix[3][2]         0.0000000000 
_pdbx_struct_oper_list.matrix[3][3]         1.0000000000 
_pdbx_struct_oper_list.vector[3]            0.0000000000 
# 
_struct_conf.conf_type_id            HELX_P 
_struct_conf.id                      HELX_P1 
_struct_conf.pdbx_PDB_helix_id       AA1 
_struct_conf.beg_label_comp_id       ALA 
_struct_conf.beg_label_asym_id       A 
_struct_conf.beg_label_seq_id        6 
_struct_conf.pdbx_beg_PDB_ins_code   ? 
_struct_conf.end_label_comp_id       LEU 
_struct_conf.end_label_asym_id       A 
_struct_conf.end_label_seq_id        16 
_struct_conf.pdbx_end_PDB_ins_code   ? 
_struct_conf.beg_auth_comp_id        ALA 
_struct_conf.beg_auth_asym_id        A 
_struct_conf.beg_auth_seq_id         6 
_struct_conf.end_auth_comp_id        LEU 
_struct_conf.end_auth_asym_id        A 
_struct_conf.end_auth_seq_id         16 
_struct_conf.pdbx_PDB_helix_class    5 
_struct_conf.details                 ? 
_struct_conf.pdbx_PDB_helix_length   11 
# 
_struct_conf_type.id          HELX_P 
_struct_conf_type.criteria    ? 
_struct_conf_type.reference   ? 
# 
loop_
_struct_conn.id 
_struct_conn.conn_type_id 
_struct_conn.pdbx_leaving_atom_flag 
_struct_conn.pdbx_PDB_id 
_struct_conn.ptnr1_label_asym_id 
_struct_conn.ptnr1_label_comp_id 
_struct_conn.ptnr1_label_seq_id 
_struct_conn.ptnr1_label_atom_id 
_struct_conn.pdbx_ptnr1_label_alt_id 
_struct_conn.pdbx_ptnr1_PDB_ins_code 
_struct_conn.pdbx_ptnr1_standard_comp_id 
_struct_conn.ptnr1_symmetry 
_struct_conn.ptnr2_label_asym_id 
_struct_conn.ptnr2_label_comp_id 
_struct_conn.ptnr2_label_seq_id 
_struct_conn.ptnr2_label_atom_id 
_struct_conn.pdbx_ptnr2_label_alt_id 
_struct_conn.pdbx_ptnr2_PDB_ins_code 
_struct_conn.ptnr1_auth_asym_id 
_struct_conn.ptnr1_auth_comp_id 
_struct_conn.ptnr1_auth_seq_id 
_struct_conn.ptnr2_auth_asym_id 
_struct_conn.ptnr2_auth_comp_id 
_struct_conn.ptnr2_auth_seq_id 
_struct_conn.ptnr2_symmetry 
_struct_conn.pdbx_ptnr3_label_atom_id 
_struct_conn.pdbx_ptnr3_label_seq_id 
_struct_conn.pdbx_ptnr3_label_comp_id 
_struct_conn.pdbx_ptnr3_label_asym_id 
_struct_conn.pdbx_ptnr3_label_alt_id 
_struct_conn.pdbx_ptnr3_PDB_ins_code 
_struct_conn.details 
_struct_conn.pdbx_dist_value 
_struct_conn.pdbx_value_order 
_struct_conn.pdbx_role 
disulf1 disulf ? ? A CYS 74  SG  ? ? ? 1_555 A CYS 78 SG ? ? A CYS 74  A CYS 78  1_555 ? ? ? ? ? ? ? 2.058 ? ? 
metalc1 metalc ? ? A HIS 155 NE2 ? ? ? 1_555 B HEM .  FE ? ? A HIS 155 A HEM 200 1_555 ? ? ? ? ? ? ? 2.207 ? ? 
# 
loop_
_struct_conn_type.id 
_struct_conn_type.criteria 
_struct_conn_type.reference 
disulf ? ? 
metalc ? ? 
# 
loop_
_pdbx_struct_conn_angle.id 
_pdbx_struct_conn_angle.ptnr1_label_atom_id 
_pdbx_struct_conn_angle.ptnr1_label_alt_id 
_pdbx_struct_conn_angle.ptnr1_label_asym_id 
_pdbx_struct_conn_angle.ptnr1_label_comp_id 
_pdbx_struct_conn_angle.ptnr1_label_seq_id 
_pdbx_struct_conn_angle.ptnr1_auth_atom_id 
_pdbx_struct_conn_angle.ptnr1_auth_asym_id 
_pdbx_struct_conn_angle.ptnr1_auth_comp_id 
_pdbx_struct_conn_angle.ptnr1_auth_seq_id 
_pdbx_struct_conn_angle.ptnr1_PDB_ins_code 
_pdbx_struct_conn_angle.ptnr1_symmetry 
_pdbx_struct_conn_angle.ptnr2_label_atom_id 
_pdbx_struct_conn_angle.ptnr2_label_alt_id 
_pdbx_struct_conn_angle.ptnr2_label_asym_id 
_pdbx_struct_conn_angle.ptnr2_label_comp_id 
_pdbx_struct_conn_angle.ptnr2_label_seq_id 
_pdbx_struct_conn_angle.ptnr2_auth_atom_id 
_pdbx_struct_conn_angle.ptnr2_auth_asym_id 
_pdbx_struct_conn_angle.ptnr2_auth_comp_id 
_pdbx_struct_conn_angle.ptnr2_auth_seq_id 
_pdbx_struct_conn_angle.ptnr2_PDB_ins_code 
_pdbx_struct_conn_angle.ptnr2_symmetry 
_pdbx_struct_conn_angle.ptnr3_label_atom_id 
_pdbx_struct_conn_angle.ptnr3_label_alt_id 
_pdbx_struct_conn_angle.ptnr3_label_asym_id 
_pdbx_struct_conn_angle.ptnr3_label_comp_id 
_pdbx_struct_conn_angle.ptnr3_label_seq_id 
_pdbx_struct_conn_angle.ptnr3_auth_atom_id 
_pdbx_struct_conn_angle.ptnr3_auth_asym_id 
_pdbx_struct_conn_angle.ptnr3_auth_comp_id 
_pdbx_struct_conn_angle.ptnr3_auth_seq_id 
_pdbx_struct_conn_angle.ptnr3_PDB_ins_code 
_pdbx_struct_conn_angle.ptnr3_symmetry 
_pdbx_struct_conn_angle.value 
_pdbx_struct_conn_angle.value_esd 
1  NE2 ? A HIS 155 ? A HIS 155 ? 1_555 FE ? B HEM . ? A HEM 200 ? 1_555 NA ? B HEM . ? A HEM 200 ? 1_555 96.1  ? 
2  NE2 ? A HIS 155 ? A HIS 155 ? 1_555 FE ? B HEM . ? A HEM 200 ? 1_555 NB ? B HEM . ? A HEM 200 ? 1_555 95.0  ? 
3  NA  ? B HEM .   ? A HEM 200 ? 1_555 FE ? B HEM . ? A HEM 200 ? 1_555 NB ? B HEM . ? A HEM 200 ? 1_555 88.4  ? 
4  NE2 ? A HIS 155 ? A HIS 155 ? 1_555 FE ? B HEM . ? A HEM 200 ? 1_555 NC ? B HEM . ? A HEM 200 ? 1_555 89.1  ? 
5  NA  ? B HEM .   ? A HEM 200 ? 1_555 FE ? B HEM . ? A HEM 200 ? 1_555 NC ? B HEM . ? A HEM 200 ? 1_555 173.9 ? 
6  NB  ? B HEM .   ? A HEM 200 ? 1_555 FE ? B HEM . ? A HEM 200 ? 1_555 NC ? B HEM . ? A HEM 200 ? 1_555 88.0  ? 
7  NE2 ? A HIS 155 ? A HIS 155 ? 1_555 FE ? B HEM . ? A HEM 200 ? 1_555 ND ? B HEM . ? A HEM 200 ? 1_555 91.2  ? 
8  NA  ? B HEM .   ? A HEM 200 ? 1_555 FE ? B HEM . ? A HEM 200 ? 1_555 ND ? B HEM . ? A HEM 200 ? 1_555 91.1  ? 
9  NB  ? B HEM .   ? A HEM 200 ? 1_555 FE ? B HEM . ? A HEM 200 ? 1_555 ND ? B HEM . ? A HEM 200 ? 1_555 173.8 ? 
10 NC  ? B HEM .   ? A HEM 200 ? 1_555 FE ? B HEM . ? A HEM 200 ? 1_555 ND ? B HEM . ? A HEM 200 ? 1_555 92.0  ? 
# 
_pdbx_modification_feature.ordinal                            1 
_pdbx_modification_feature.label_comp_id                      CYS 
_pdbx_modification_feature.label_asym_id                      A 
_pdbx_modification_feature.label_seq_id                       74 
_pdbx_modification_feature.label_alt_id                       ? 
_pdbx_modification_feature.modified_residue_label_comp_id     CYS 
_pdbx_modification_feature.modified_residue_label_asym_id     A 
_pdbx_modification_feature.modified_residue_label_seq_id      78 
_pdbx_modification_feature.modified_residue_label_alt_id      ? 
_pdbx_modification_feature.auth_comp_id                       CYS 
_pdbx_modification_feature.auth_asym_id                       A 
_pdbx_modification_feature.auth_seq_id                        74 
_pdbx_modification_feature.PDB_ins_code                       ? 
_pdbx_modification_feature.symmetry                           1_555 
_pdbx_modification_feature.modified_residue_auth_comp_id      CYS 
_pdbx_modification_feature.modified_residue_auth_asym_id      A 
_pdbx_modification_feature.modified_residue_auth_seq_id       78 
_pdbx_modification_feature.modified_residue_PDB_ins_code      ? 
_pdbx_modification_feature.modified_residue_symmetry          1_555 
_pdbx_modification_feature.comp_id_linking_atom               SG 
_pdbx_modification_feature.modified_residue_id_linking_atom   SG 
_pdbx_modification_feature.modified_residue_id                . 
_pdbx_modification_feature.ref_pcm_id                         . 
_pdbx_modification_feature.ref_comp_id                        . 
_pdbx_modification_feature.type                               None 
_pdbx_modification_feature.category                           'Disulfide bridge' 
# 
_struct_sheet.id               AA1 
_struct_sheet.type             ? 
_struct_sheet.number_strands   12 
_struct_sheet.details          ? 
# 
loop_
_struct_sheet_order.sheet_id 
_struct_sheet_order.range_id_1 
_struct_sheet_order.range_id_2 
_struct_sheet_order.offset 
_struct_sheet_order.sense 
AA1 1  2  ? anti-parallel 
AA1 2  3  ? anti-parallel 
AA1 3  4  ? anti-parallel 
AA1 4  5  ? anti-parallel 
AA1 5  6  ? anti-parallel 
AA1 6  7  ? anti-parallel 
AA1 7  8  ? anti-parallel 
AA1 8  9  ? anti-parallel 
AA1 9  10 ? anti-parallel 
AA1 10 11 ? anti-parallel 
AA1 11 12 ? anti-parallel 
# 
loop_
_struct_sheet_range.sheet_id 
_struct_sheet_range.id 
_struct_sheet_range.beg_label_comp_id 
_struct_sheet_range.beg_label_asym_id 
_struct_sheet_range.beg_label_seq_id 
_struct_sheet_range.pdbx_beg_PDB_ins_code 
_struct_sheet_range.end_label_comp_id 
_struct_sheet_range.end_label_asym_id 
_struct_sheet_range.end_label_seq_id 
_struct_sheet_range.pdbx_end_PDB_ins_code 
_struct_sheet_range.beg_auth_comp_id 
_struct_sheet_range.beg_auth_asym_id 
_struct_sheet_range.beg_auth_seq_id 
_struct_sheet_range.end_auth_comp_id 
_struct_sheet_range.end_auth_asym_id 
_struct_sheet_range.end_auth_seq_id 
AA1 1  SER A 115 ? LEU A 118 ? SER A 115 LEU A 118 
AA1 2  ILE A 89  ? THR A 100 ? ILE A 89  THR A 100 
AA1 3  VAL A 103 ? SER A 109 ? VAL A 103 SER A 109 
AA1 4  VAL A 125 ? ASP A 135 ? VAL A 125 ASP A 135 
AA1 5  GLU A 138 ? ALA A 147 ? GLU A 138 ALA A 147 
AA1 6  GLN A 150 ? GLN A 163 ? GLN A 150 GLN A 163 
AA1 7  GLY A 17  ? GLY A 25  ? GLY A 17  GLY A 25  
AA1 8  PHE A 33  ? ALA A 42  ? PHE A 33  ALA A 42  
AA1 9  PHE A 48  ? ALA A 57  ? PHE A 48  ALA A 57  
AA1 10 PRO A 63  ? VAL A 73  ? PRO A 63  VAL A 73  
AA1 11 CYS A 78  ? HIS A 85  ? CYS A 78  HIS A 85  
AA1 12 ILE A 89  ? THR A 100 ? ILE A 89  THR A 100 
# 
loop_
_pdbx_struct_sheet_hbond.sheet_id 
_pdbx_struct_sheet_hbond.range_id_1 
_pdbx_struct_sheet_hbond.range_id_2 
_pdbx_struct_sheet_hbond.range_1_label_atom_id 
_pdbx_struct_sheet_hbond.range_1_label_comp_id 
_pdbx_struct_sheet_hbond.range_1_label_asym_id 
_pdbx_struct_sheet_hbond.range_1_label_seq_id 
_pdbx_struct_sheet_hbond.range_1_PDB_ins_code 
_pdbx_struct_sheet_hbond.range_1_auth_atom_id 
_pdbx_struct_sheet_hbond.range_1_auth_comp_id 
_pdbx_struct_sheet_hbond.range_1_auth_asym_id 
_pdbx_struct_sheet_hbond.range_1_auth_seq_id 
_pdbx_struct_sheet_hbond.range_2_label_atom_id 
_pdbx_struct_sheet_hbond.range_2_label_comp_id 
_pdbx_struct_sheet_hbond.range_2_label_asym_id 
_pdbx_struct_sheet_hbond.range_2_label_seq_id 
_pdbx_struct_sheet_hbond.range_2_PDB_ins_code 
_pdbx_struct_sheet_hbond.range_2_auth_atom_id 
_pdbx_struct_sheet_hbond.range_2_auth_comp_id 
_pdbx_struct_sheet_hbond.range_2_auth_asym_id 
_pdbx_struct_sheet_hbond.range_2_auth_seq_id 
AA1 1  2  O SER A 115 ? O SER A 115 N ILE A 92  ? N ILE A 92  
AA1 2  3  N THR A 100 ? N THR A 100 O VAL A 103 ? O VAL A 103 
AA1 3  4  N ILE A 104 ? N ILE A 104 O ILE A 134 ? O ILE A 134 
AA1 4  5  N ALA A 127 ? N ALA A 127 O ARG A 146 ? O ARG A 146 
AA1 5  6  N LEU A 139 ? N LEU A 139 O LEU A 160 ? O LEU A 160 
AA1 6  7  O GLN A 163 ? O GLN A 163 N SER A 18  ? N SER A 18  
AA1 7  8  N TRP A 19  ? N TRP A 19  O VAL A 39  ? O VAL A 39  
AA1 8  9  N LEU A 36  ? N LEU A 36  O ARG A 56  ? O ARG A 56  
AA1 9  10 N LEU A 49  ? N LEU A 49  O LEU A 71  ? O LEU A 71  
AA1 10 11 N ARG A 72  ? N ARG A 72  O GLU A 80  ? O GLU A 80  
AA1 11 12 N LEU A 81  ? N LEU A 81  O GLU A 93  ? O GLU A 93  
# 
loop_
_struct_site.id 
_struct_site.pdbx_evidence_code 
_struct_site.pdbx_auth_asym_id 
_struct_site.pdbx_auth_comp_id 
_struct_site.pdbx_auth_seq_id 
_struct_site.pdbx_auth_ins_code 
_struct_site.pdbx_num_residues 
_struct_site.details 
AC1 Software A HEM 200 ? 15 'binding site for residue HEM A 200' 
AC2 Software A CYN 201 ? 1  'binding site for residue CYN A 201' 
# 
loop_
_struct_site_gen.id 
_struct_site_gen.site_id 
_struct_site_gen.pdbx_num_res 
_struct_site_gen.label_comp_id 
_struct_site_gen.label_asym_id 
_struct_site_gen.label_seq_id 
_struct_site_gen.pdbx_auth_ins_code 
_struct_site_gen.auth_comp_id 
_struct_site_gen.auth_asym_id 
_struct_site_gen.auth_seq_id 
_struct_site_gen.label_atom_id 
_struct_site_gen.label_alt_id 
_struct_site_gen.symmetry 
_struct_site_gen.details 
1  AC1 15 THR A 29  ? THR A 29  . ? 1_555 ? 
2  AC1 15 PHE A 33  ? PHE A 33  . ? 1_555 ? 
3  AC1 15 TYR A 35  ? TYR A 35  . ? 1_555 ? 
4  AC1 15 THR A 55  ? THR A 55  . ? 1_555 ? 
5  AC1 15 HIS A 65  ? HIS A 65  . ? 1_555 ? 
6  AC1 15 HIS A 85  ? HIS A 85  . ? 1_555 ? 
7  AC1 15 LYS A 123 ? LYS A 123 . ? 1_555 ? 
8  AC1 15 VAL A 125 ? VAL A 125 . ? 1_555 ? 
9  AC1 15 LEU A 128 ? LEU A 128 . ? 1_555 ? 
10 AC1 15 MET A 145 ? MET A 145 . ? 1_555 ? 
11 AC1 15 VAL A 148 ? VAL A 148 . ? 1_555 ? 
12 AC1 15 HIS A 155 ? HIS A 155 . ? 1_555 ? 
13 AC1 15 LEU A 156 ? LEU A 156 . ? 1_555 ? 
14 AC1 15 CYN C .   ? CYN A 201 . ? 1_555 ? 
15 AC1 15 HOH D .   ? HOH A 309 . ? 1_555 ? 
16 AC2 1  HEM B .   ? HEM A 200 . ? 1_555 ? 
# 
_pdbx_entry_details.entry_id                   6R3Y 
_pdbx_entry_details.compound_details           ? 
_pdbx_entry_details.source_details             ? 
_pdbx_entry_details.nonpolymer_details         ? 
_pdbx_entry_details.sequence_details           ? 
_pdbx_entry_details.has_ligand_of_interest     ? 
_pdbx_entry_details.has_protein_modification   Y 
# 
_pdbx_validate_close_contact.id               1 
_pdbx_validate_close_contact.PDB_model_num    1 
_pdbx_validate_close_contact.auth_atom_id_1   OE2 
_pdbx_validate_close_contact.auth_asym_id_1   A 
_pdbx_validate_close_contact.auth_comp_id_1   GLU 
_pdbx_validate_close_contact.auth_seq_id_1    91 
_pdbx_validate_close_contact.PDB_ins_code_1   ? 
_pdbx_validate_close_contact.label_alt_id_1   ? 
_pdbx_validate_close_contact.auth_atom_id_2   OE2 
_pdbx_validate_close_contact.auth_asym_id_2   A 
_pdbx_validate_close_contact.auth_comp_id_2   GLU 
_pdbx_validate_close_contact.auth_seq_id_2    93 
_pdbx_validate_close_contact.PDB_ins_code_2   ? 
_pdbx_validate_close_contact.label_alt_id_2   ? 
_pdbx_validate_close_contact.dist             2.17 
# 
loop_
_pdbx_validate_torsion.id 
_pdbx_validate_torsion.PDB_model_num 
_pdbx_validate_torsion.auth_comp_id 
_pdbx_validate_torsion.auth_asym_id 
_pdbx_validate_torsion.auth_seq_id 
_pdbx_validate_torsion.PDB_ins_code 
_pdbx_validate_torsion.label_alt_id 
_pdbx_validate_torsion.phi 
_pdbx_validate_torsion.psi 
1 1 PRO A 47  ? ? -75.38  46.88   
2 1 LEU A 64  ? ? -107.66 -108.12 
3 1 ARG A 75  ? ? 80.32   139.86  
4 1 ALA A 112 ? ? -97.65  54.38   
# 
loop_
_pdbx_unobs_or_zero_occ_residues.id 
_pdbx_unobs_or_zero_occ_residues.PDB_model_num 
_pdbx_unobs_or_zero_occ_residues.polymer_flag 
_pdbx_unobs_or_zero_occ_residues.occupancy_flag 
_pdbx_unobs_or_zero_occ_residues.auth_asym_id 
_pdbx_unobs_or_zero_occ_residues.auth_comp_id 
_pdbx_unobs_or_zero_occ_residues.auth_seq_id 
_pdbx_unobs_or_zero_occ_residues.PDB_ins_code 
_pdbx_unobs_or_zero_occ_residues.label_asym_id 
_pdbx_unobs_or_zero_occ_residues.label_comp_id 
_pdbx_unobs_or_zero_occ_residues.label_seq_id 
1  1 Y 1 A MET 1   ? A MET 1   
2  1 Y 1 A THR 2   ? A THR 2   
3  1 Y 1 A ARG 3   ? A ARG 3   
4  1 Y 1 A ARG 165 ? A ARG 165 
5  1 Y 1 A SER 166 ? A SER 166 
6  1 Y 1 A HIS 167 ? A HIS 167 
7  1 Y 1 A HIS 168 ? A HIS 168 
8  1 Y 1 A HIS 169 ? A HIS 169 
9  1 Y 1 A HIS 170 ? A HIS 170 
10 1 Y 1 A HIS 171 ? A HIS 171 
11 1 Y 1 A HIS 172 ? A HIS 172 
# 
loop_
_chem_comp_atom.comp_id 
_chem_comp_atom.atom_id 
_chem_comp_atom.type_symbol 
_chem_comp_atom.pdbx_aromatic_flag 
_chem_comp_atom.pdbx_stereo_config 
_chem_comp_atom.pdbx_ordinal 
ALA N    N  N N 1   
ALA CA   C  N S 2   
ALA C    C  N N 3   
ALA O    O  N N 4   
ALA CB   C  N N 5   
ALA OXT  O  N N 6   
ALA H    H  N N 7   
ALA H2   H  N N 8   
ALA HA   H  N N 9   
ALA HB1  H  N N 10  
ALA HB2  H  N N 11  
ALA HB3  H  N N 12  
ALA HXT  H  N N 13  
ARG N    N  N N 14  
ARG CA   C  N S 15  
ARG C    C  N N 16  
ARG O    O  N N 17  
ARG CB   C  N N 18  
ARG CG   C  N N 19  
ARG CD   C  N N 20  
ARG NE   N  N N 21  
ARG CZ   C  N N 22  
ARG NH1  N  N N 23  
ARG NH2  N  N N 24  
ARG OXT  O  N N 25  
ARG H    H  N N 26  
ARG H2   H  N N 27  
ARG HA   H  N N 28  
ARG HB2  H  N N 29  
ARG HB3  H  N N 30  
ARG HG2  H  N N 31  
ARG HG3  H  N N 32  
ARG HD2  H  N N 33  
ARG HD3  H  N N 34  
ARG HE   H  N N 35  
ARG HH11 H  N N 36  
ARG HH12 H  N N 37  
ARG HH21 H  N N 38  
ARG HH22 H  N N 39  
ARG HXT  H  N N 40  
ASP N    N  N N 41  
ASP CA   C  N S 42  
ASP C    C  N N 43  
ASP O    O  N N 44  
ASP CB   C  N N 45  
ASP CG   C  N N 46  
ASP OD1  O  N N 47  
ASP OD2  O  N N 48  
ASP OXT  O  N N 49  
ASP H    H  N N 50  
ASP H2   H  N N 51  
ASP HA   H  N N 52  
ASP HB2  H  N N 53  
ASP HB3  H  N N 54  
ASP HD2  H  N N 55  
ASP HXT  H  N N 56  
CYN C    C  N N 57  
CYN N    N  N N 58  
CYS N    N  N N 59  
CYS CA   C  N R 60  
CYS C    C  N N 61  
CYS O    O  N N 62  
CYS CB   C  N N 63  
CYS SG   S  N N 64  
CYS OXT  O  N N 65  
CYS H    H  N N 66  
CYS H2   H  N N 67  
CYS HA   H  N N 68  
CYS HB2  H  N N 69  
CYS HB3  H  N N 70  
CYS HG   H  N N 71  
CYS HXT  H  N N 72  
GLN N    N  N N 73  
GLN CA   C  N S 74  
GLN C    C  N N 75  
GLN O    O  N N 76  
GLN CB   C  N N 77  
GLN CG   C  N N 78  
GLN CD   C  N N 79  
GLN OE1  O  N N 80  
GLN NE2  N  N N 81  
GLN OXT  O  N N 82  
GLN H    H  N N 83  
GLN H2   H  N N 84  
GLN HA   H  N N 85  
GLN HB2  H  N N 86  
GLN HB3  H  N N 87  
GLN HG2  H  N N 88  
GLN HG3  H  N N 89  
GLN HE21 H  N N 90  
GLN HE22 H  N N 91  
GLN HXT  H  N N 92  
GLU N    N  N N 93  
GLU CA   C  N S 94  
GLU C    C  N N 95  
GLU O    O  N N 96  
GLU CB   C  N N 97  
GLU CG   C  N N 98  
GLU CD   C  N N 99  
GLU OE1  O  N N 100 
GLU OE2  O  N N 101 
GLU OXT  O  N N 102 
GLU H    H  N N 103 
GLU H2   H  N N 104 
GLU HA   H  N N 105 
GLU HB2  H  N N 106 
GLU HB3  H  N N 107 
GLU HG2  H  N N 108 
GLU HG3  H  N N 109 
GLU HE2  H  N N 110 
GLU HXT  H  N N 111 
GLY N    N  N N 112 
GLY CA   C  N N 113 
GLY C    C  N N 114 
GLY O    O  N N 115 
GLY OXT  O  N N 116 
GLY H    H  N N 117 
GLY H2   H  N N 118 
GLY HA2  H  N N 119 
GLY HA3  H  N N 120 
GLY HXT  H  N N 121 
HEM CHA  C  N N 122 
HEM CHB  C  N N 123 
HEM CHC  C  N N 124 
HEM CHD  C  N N 125 
HEM C1A  C  Y N 126 
HEM C2A  C  Y N 127 
HEM C3A  C  Y N 128 
HEM C4A  C  Y N 129 
HEM CMA  C  N N 130 
HEM CAA  C  N N 131 
HEM CBA  C  N N 132 
HEM CGA  C  N N 133 
HEM O1A  O  N N 134 
HEM O2A  O  N N 135 
HEM C1B  C  N N 136 
HEM C2B  C  N N 137 
HEM C3B  C  N N 138 
HEM C4B  C  N N 139 
HEM CMB  C  N N 140 
HEM CAB  C  N N 141 
HEM CBB  C  N N 142 
HEM C1C  C  Y N 143 
HEM C2C  C  Y N 144 
HEM C3C  C  Y N 145 
HEM C4C  C  Y N 146 
HEM CMC  C  N N 147 
HEM CAC  C  N N 148 
HEM CBC  C  N N 149 
HEM C1D  C  N N 150 
HEM C2D  C  N N 151 
HEM C3D  C  N N 152 
HEM C4D  C  N N 153 
HEM CMD  C  N N 154 
HEM CAD  C  N N 155 
HEM CBD  C  N N 156 
HEM CGD  C  N N 157 
HEM O1D  O  N N 158 
HEM O2D  O  N N 159 
HEM NA   N  Y N 160 
HEM NB   N  N N 161 
HEM NC   N  Y N 162 
HEM ND   N  N N 163 
HEM FE   FE N N 164 
HEM HHB  H  N N 165 
HEM HHC  H  N N 166 
HEM HHD  H  N N 167 
HEM HMA  H  N N 168 
HEM HMAA H  N N 169 
HEM HMAB H  N N 170 
HEM HAA  H  N N 171 
HEM HAAA H  N N 172 
HEM HBA  H  N N 173 
HEM HBAA H  N N 174 
HEM HMB  H  N N 175 
HEM HMBA H  N N 176 
HEM HMBB H  N N 177 
HEM HAB  H  N N 178 
HEM HBB  H  N N 179 
HEM HBBA H  N N 180 
HEM HMC  H  N N 181 
HEM HMCA H  N N 182 
HEM HMCB H  N N 183 
HEM HAC  H  N N 184 
HEM HBC  H  N N 185 
HEM HBCA H  N N 186 
HEM HMD  H  N N 187 
HEM HMDA H  N N 188 
HEM HMDB H  N N 189 
HEM HAD  H  N N 190 
HEM HADA H  N N 191 
HEM HBD  H  N N 192 
HEM HBDA H  N N 193 
HEM H2A  H  N N 194 
HEM H2D  H  N N 195 
HEM HHA  H  N N 196 
HIS N    N  N N 197 
HIS CA   C  N S 198 
HIS C    C  N N 199 
HIS O    O  N N 200 
HIS CB   C  N N 201 
HIS CG   C  Y N 202 
HIS ND1  N  Y N 203 
HIS CD2  C  Y N 204 
HIS CE1  C  Y N 205 
HIS NE2  N  Y N 206 
HIS OXT  O  N N 207 
HIS H    H  N N 208 
HIS H2   H  N N 209 
HIS HA   H  N N 210 
HIS HB2  H  N N 211 
HIS HB3  H  N N 212 
HIS HD1  H  N N 213 
HIS HD2  H  N N 214 
HIS HE1  H  N N 215 
HIS HE2  H  N N 216 
HIS HXT  H  N N 217 
HOH O    O  N N 218 
HOH H1   H  N N 219 
HOH H2   H  N N 220 
ILE N    N  N N 221 
ILE CA   C  N S 222 
ILE C    C  N N 223 
ILE O    O  N N 224 
ILE CB   C  N S 225 
ILE CG1  C  N N 226 
ILE CG2  C  N N 227 
ILE CD1  C  N N 228 
ILE OXT  O  N N 229 
ILE H    H  N N 230 
ILE H2   H  N N 231 
ILE HA   H  N N 232 
ILE HB   H  N N 233 
ILE HG12 H  N N 234 
ILE HG13 H  N N 235 
ILE HG21 H  N N 236 
ILE HG22 H  N N 237 
ILE HG23 H  N N 238 
ILE HD11 H  N N 239 
ILE HD12 H  N N 240 
ILE HD13 H  N N 241 
ILE HXT  H  N N 242 
LEU N    N  N N 243 
LEU CA   C  N S 244 
LEU C    C  N N 245 
LEU O    O  N N 246 
LEU CB   C  N N 247 
LEU CG   C  N N 248 
LEU CD1  C  N N 249 
LEU CD2  C  N N 250 
LEU OXT  O  N N 251 
LEU H    H  N N 252 
LEU H2   H  N N 253 
LEU HA   H  N N 254 
LEU HB2  H  N N 255 
LEU HB3  H  N N 256 
LEU HG   H  N N 257 
LEU HD11 H  N N 258 
LEU HD12 H  N N 259 
LEU HD13 H  N N 260 
LEU HD21 H  N N 261 
LEU HD22 H  N N 262 
LEU HD23 H  N N 263 
LEU HXT  H  N N 264 
LYS N    N  N N 265 
LYS CA   C  N S 266 
LYS C    C  N N 267 
LYS O    O  N N 268 
LYS CB   C  N N 269 
LYS CG   C  N N 270 
LYS CD   C  N N 271 
LYS CE   C  N N 272 
LYS NZ   N  N N 273 
LYS OXT  O  N N 274 
LYS H    H  N N 275 
LYS H2   H  N N 276 
LYS HA   H  N N 277 
LYS HB2  H  N N 278 
LYS HB3  H  N N 279 
LYS HG2  H  N N 280 
LYS HG3  H  N N 281 
LYS HD2  H  N N 282 
LYS HD3  H  N N 283 
LYS HE2  H  N N 284 
LYS HE3  H  N N 285 
LYS HZ1  H  N N 286 
LYS HZ2  H  N N 287 
LYS HZ3  H  N N 288 
LYS HXT  H  N N 289 
MET N    N  N N 290 
MET CA   C  N S 291 
MET C    C  N N 292 
MET O    O  N N 293 
MET CB   C  N N 294 
MET CG   C  N N 295 
MET SD   S  N N 296 
MET CE   C  N N 297 
MET OXT  O  N N 298 
MET H    H  N N 299 
MET H2   H  N N 300 
MET HA   H  N N 301 
MET HB2  H  N N 302 
MET HB3  H  N N 303 
MET HG2  H  N N 304 
MET HG3  H  N N 305 
MET HE1  H  N N 306 
MET HE2  H  N N 307 
MET HE3  H  N N 308 
MET HXT  H  N N 309 
PHE N    N  N N 310 
PHE CA   C  N S 311 
PHE C    C  N N 312 
PHE O    O  N N 313 
PHE CB   C  N N 314 
PHE CG   C  Y N 315 
PHE CD1  C  Y N 316 
PHE CD2  C  Y N 317 
PHE CE1  C  Y N 318 
PHE CE2  C  Y N 319 
PHE CZ   C  Y N 320 
PHE OXT  O  N N 321 
PHE H    H  N N 322 
PHE H2   H  N N 323 
PHE HA   H  N N 324 
PHE HB2  H  N N 325 
PHE HB3  H  N N 326 
PHE HD1  H  N N 327 
PHE HD2  H  N N 328 
PHE HE1  H  N N 329 
PHE HE2  H  N N 330 
PHE HZ   H  N N 331 
PHE HXT  H  N N 332 
PRO N    N  N N 333 
PRO CA   C  N S 334 
PRO C    C  N N 335 
PRO O    O  N N 336 
PRO CB   C  N N 337 
PRO CG   C  N N 338 
PRO CD   C  N N 339 
PRO OXT  O  N N 340 
PRO H    H  N N 341 
PRO HA   H  N N 342 
PRO HB2  H  N N 343 
PRO HB3  H  N N 344 
PRO HG2  H  N N 345 
PRO HG3  H  N N 346 
PRO HD2  H  N N 347 
PRO HD3  H  N N 348 
PRO HXT  H  N N 349 
SER N    N  N N 350 
SER CA   C  N S 351 
SER C    C  N N 352 
SER O    O  N N 353 
SER CB   C  N N 354 
SER OG   O  N N 355 
SER OXT  O  N N 356 
SER H    H  N N 357 
SER H2   H  N N 358 
SER HA   H  N N 359 
SER HB2  H  N N 360 
SER HB3  H  N N 361 
SER HG   H  N N 362 
SER HXT  H  N N 363 
THR N    N  N N 364 
THR CA   C  N S 365 
THR C    C  N N 366 
THR O    O  N N 367 
THR CB   C  N R 368 
THR OG1  O  N N 369 
THR CG2  C  N N 370 
THR OXT  O  N N 371 
THR H    H  N N 372 
THR H2   H  N N 373 
THR HA   H  N N 374 
THR HB   H  N N 375 
THR HG1  H  N N 376 
THR HG21 H  N N 377 
THR HG22 H  N N 378 
THR HG23 H  N N 379 
THR HXT  H  N N 380 
TRP N    N  N N 381 
TRP CA   C  N S 382 
TRP C    C  N N 383 
TRP O    O  N N 384 
TRP CB   C  N N 385 
TRP CG   C  Y N 386 
TRP CD1  C  Y N 387 
TRP CD2  C  Y N 388 
TRP NE1  N  Y N 389 
TRP CE2  C  Y N 390 
TRP CE3  C  Y N 391 
TRP CZ2  C  Y N 392 
TRP CZ3  C  Y N 393 
TRP CH2  C  Y N 394 
TRP OXT  O  N N 395 
TRP H    H  N N 396 
TRP H2   H  N N 397 
TRP HA   H  N N 398 
TRP HB2  H  N N 399 
TRP HB3  H  N N 400 
TRP HD1  H  N N 401 
TRP HE1  H  N N 402 
TRP HE3  H  N N 403 
TRP HZ2  H  N N 404 
TRP HZ3  H  N N 405 
TRP HH2  H  N N 406 
TRP HXT  H  N N 407 
TYR N    N  N N 408 
TYR CA   C  N S 409 
TYR C    C  N N 410 
TYR O    O  N N 411 
TYR CB   C  N N 412 
TYR CG   C  Y N 413 
TYR CD1  C  Y N 414 
TYR CD2  C  Y N 415 
TYR CE1  C  Y N 416 
TYR CE2  C  Y N 417 
TYR CZ   C  Y N 418 
TYR OH   O  N N 419 
TYR OXT  O  N N 420 
TYR H    H  N N 421 
TYR H2   H  N N 422 
TYR HA   H  N N 423 
TYR HB2  H  N N 424 
TYR HB3  H  N N 425 
TYR HD1  H  N N 426 
TYR HD2  H  N N 427 
TYR HE1  H  N N 428 
TYR HE2  H  N N 429 
TYR HH   H  N N 430 
TYR HXT  H  N N 431 
VAL N    N  N N 432 
VAL CA   C  N S 433 
VAL C    C  N N 434 
VAL O    O  N N 435 
VAL CB   C  N N 436 
VAL CG1  C  N N 437 
VAL CG2  C  N N 438 
VAL OXT  O  N N 439 
VAL H    H  N N 440 
VAL H2   H  N N 441 
VAL HA   H  N N 442 
VAL HB   H  N N 443 
VAL HG11 H  N N 444 
VAL HG12 H  N N 445 
VAL HG13 H  N N 446 
VAL HG21 H  N N 447 
VAL HG22 H  N N 448 
VAL HG23 H  N N 449 
VAL HXT  H  N N 450 
# 
loop_
_chem_comp_bond.comp_id 
_chem_comp_bond.atom_id_1 
_chem_comp_bond.atom_id_2 
_chem_comp_bond.value_order 
_chem_comp_bond.pdbx_aromatic_flag 
_chem_comp_bond.pdbx_stereo_config 
_chem_comp_bond.pdbx_ordinal 
ALA N   CA   sing N N 1   
ALA N   H    sing N N 2   
ALA N   H2   sing N N 3   
ALA CA  C    sing N N 4   
ALA CA  CB   sing N N 5   
ALA CA  HA   sing N N 6   
ALA C   O    doub N N 7   
ALA C   OXT  sing N N 8   
ALA CB  HB1  sing N N 9   
ALA CB  HB2  sing N N 10  
ALA CB  HB3  sing N N 11  
ALA OXT HXT  sing N N 12  
ARG N   CA   sing N N 13  
ARG N   H    sing N N 14  
ARG N   H2   sing N N 15  
ARG CA  C    sing N N 16  
ARG CA  CB   sing N N 17  
ARG CA  HA   sing N N 18  
ARG C   O    doub N N 19  
ARG C   OXT  sing N N 20  
ARG CB  CG   sing N N 21  
ARG CB  HB2  sing N N 22  
ARG CB  HB3  sing N N 23  
ARG CG  CD   sing N N 24  
ARG CG  HG2  sing N N 25  
ARG CG  HG3  sing N N 26  
ARG CD  NE   sing N N 27  
ARG CD  HD2  sing N N 28  
ARG CD  HD3  sing N N 29  
ARG NE  CZ   sing N N 30  
ARG NE  HE   sing N N 31  
ARG CZ  NH1  sing N N 32  
ARG CZ  NH2  doub N N 33  
ARG NH1 HH11 sing N N 34  
ARG NH1 HH12 sing N N 35  
ARG NH2 HH21 sing N N 36  
ARG NH2 HH22 sing N N 37  
ARG OXT HXT  sing N N 38  
ASP N   CA   sing N N 39  
ASP N   H    sing N N 40  
ASP N   H2   sing N N 41  
ASP CA  C    sing N N 42  
ASP CA  CB   sing N N 43  
ASP CA  HA   sing N N 44  
ASP C   O    doub N N 45  
ASP C   OXT  sing N N 46  
ASP CB  CG   sing N N 47  
ASP CB  HB2  sing N N 48  
ASP CB  HB3  sing N N 49  
ASP CG  OD1  doub N N 50  
ASP CG  OD2  sing N N 51  
ASP OD2 HD2  sing N N 52  
ASP OXT HXT  sing N N 53  
CYN C   N    trip N N 54  
CYS N   CA   sing N N 55  
CYS N   H    sing N N 56  
CYS N   H2   sing N N 57  
CYS CA  C    sing N N 58  
CYS CA  CB   sing N N 59  
CYS CA  HA   sing N N 60  
CYS C   O    doub N N 61  
CYS C   OXT  sing N N 62  
CYS CB  SG   sing N N 63  
CYS CB  HB2  sing N N 64  
CYS CB  HB3  sing N N 65  
CYS SG  HG   sing N N 66  
CYS OXT HXT  sing N N 67  
GLN N   CA   sing N N 68  
GLN N   H    sing N N 69  
GLN N   H2   sing N N 70  
GLN CA  C    sing N N 71  
GLN CA  CB   sing N N 72  
GLN CA  HA   sing N N 73  
GLN C   O    doub N N 74  
GLN C   OXT  sing N N 75  
GLN CB  CG   sing N N 76  
GLN CB  HB2  sing N N 77  
GLN CB  HB3  sing N N 78  
GLN CG  CD   sing N N 79  
GLN CG  HG2  sing N N 80  
GLN CG  HG3  sing N N 81  
GLN CD  OE1  doub N N 82  
GLN CD  NE2  sing N N 83  
GLN NE2 HE21 sing N N 84  
GLN NE2 HE22 sing N N 85  
GLN OXT HXT  sing N N 86  
GLU N   CA   sing N N 87  
GLU N   H    sing N N 88  
GLU N   H2   sing N N 89  
GLU CA  C    sing N N 90  
GLU CA  CB   sing N N 91  
GLU CA  HA   sing N N 92  
GLU C   O    doub N N 93  
GLU C   OXT  sing N N 94  
GLU CB  CG   sing N N 95  
GLU CB  HB2  sing N N 96  
GLU CB  HB3  sing N N 97  
GLU CG  CD   sing N N 98  
GLU CG  HG2  sing N N 99  
GLU CG  HG3  sing N N 100 
GLU CD  OE1  doub N N 101 
GLU CD  OE2  sing N N 102 
GLU OE2 HE2  sing N N 103 
GLU OXT HXT  sing N N 104 
GLY N   CA   sing N N 105 
GLY N   H    sing N N 106 
GLY N   H2   sing N N 107 
GLY CA  C    sing N N 108 
GLY CA  HA2  sing N N 109 
GLY CA  HA3  sing N N 110 
GLY C   O    doub N N 111 
GLY C   OXT  sing N N 112 
GLY OXT HXT  sing N N 113 
HEM CHA C1A  sing N N 114 
HEM CHA C4D  doub N N 115 
HEM CHA HHA  sing N N 116 
HEM CHB C4A  sing N N 117 
HEM CHB C1B  doub N N 118 
HEM CHB HHB  sing N N 119 
HEM CHC C4B  sing N N 120 
HEM CHC C1C  doub N N 121 
HEM CHC HHC  sing N N 122 
HEM CHD C4C  doub N N 123 
HEM CHD C1D  sing N N 124 
HEM CHD HHD  sing N N 125 
HEM C1A C2A  doub Y N 126 
HEM C1A NA   sing Y N 127 
HEM C2A C3A  sing Y N 128 
HEM C2A CAA  sing N N 129 
HEM C3A C4A  doub Y N 130 
HEM C3A CMA  sing N N 131 
HEM C4A NA   sing Y N 132 
HEM CMA HMA  sing N N 133 
HEM CMA HMAA sing N N 134 
HEM CMA HMAB sing N N 135 
HEM CAA CBA  sing N N 136 
HEM CAA HAA  sing N N 137 
HEM CAA HAAA sing N N 138 
HEM CBA CGA  sing N N 139 
HEM CBA HBA  sing N N 140 
HEM CBA HBAA sing N N 141 
HEM CGA O1A  doub N N 142 
HEM CGA O2A  sing N N 143 
HEM C1B C2B  sing N N 144 
HEM C1B NB   sing N N 145 
HEM C2B C3B  doub N N 146 
HEM C2B CMB  sing N N 147 
HEM C3B C4B  sing N N 148 
HEM C3B CAB  sing N N 149 
HEM C4B NB   doub N N 150 
HEM CMB HMB  sing N N 151 
HEM CMB HMBA sing N N 152 
HEM CMB HMBB sing N N 153 
HEM CAB CBB  doub N N 154 
HEM CAB HAB  sing N N 155 
HEM CBB HBB  sing N N 156 
HEM CBB HBBA sing N N 157 
HEM C1C C2C  sing Y N 158 
HEM C1C NC   sing Y N 159 
HEM C2C C3C  doub Y N 160 
HEM C2C CMC  sing N N 161 
HEM C3C C4C  sing Y N 162 
HEM C3C CAC  sing N N 163 
HEM C4C NC   sing Y N 164 
HEM CMC HMC  sing N N 165 
HEM CMC HMCA sing N N 166 
HEM CMC HMCB sing N N 167 
HEM CAC CBC  doub N N 168 
HEM CAC HAC  sing N N 169 
HEM CBC HBC  sing N N 170 
HEM CBC HBCA sing N N 171 
HEM C1D C2D  sing N N 172 
HEM C1D ND   doub N N 173 
HEM C2D C3D  doub N N 174 
HEM C2D CMD  sing N N 175 
HEM C3D C4D  sing N N 176 
HEM C3D CAD  sing N N 177 
HEM C4D ND   sing N N 178 
HEM CMD HMD  sing N N 179 
HEM CMD HMDA sing N N 180 
HEM CMD HMDB sing N N 181 
HEM CAD CBD  sing N N 182 
HEM CAD HAD  sing N N 183 
HEM CAD HADA sing N N 184 
HEM CBD CGD  sing N N 185 
HEM CBD HBD  sing N N 186 
HEM CBD HBDA sing N N 187 
HEM CGD O1D  doub N N 188 
HEM CGD O2D  sing N N 189 
HEM O2A H2A  sing N N 190 
HEM O2D H2D  sing N N 191 
HEM FE  NA   sing N N 192 
HEM FE  NB   sing N N 193 
HEM FE  NC   sing N N 194 
HEM FE  ND   sing N N 195 
HIS N   CA   sing N N 196 
HIS N   H    sing N N 197 
HIS N   H2   sing N N 198 
HIS CA  C    sing N N 199 
HIS CA  CB   sing N N 200 
HIS CA  HA   sing N N 201 
HIS C   O    doub N N 202 
HIS C   OXT  sing N N 203 
HIS CB  CG   sing N N 204 
HIS CB  HB2  sing N N 205 
HIS CB  HB3  sing N N 206 
HIS CG  ND1  sing Y N 207 
HIS CG  CD2  doub Y N 208 
HIS ND1 CE1  doub Y N 209 
HIS ND1 HD1  sing N N 210 
HIS CD2 NE2  sing Y N 211 
HIS CD2 HD2  sing N N 212 
HIS CE1 NE2  sing Y N 213 
HIS CE1 HE1  sing N N 214 
HIS NE2 HE2  sing N N 215 
HIS OXT HXT  sing N N 216 
HOH O   H1   sing N N 217 
HOH O   H2   sing N N 218 
ILE N   CA   sing N N 219 
ILE N   H    sing N N 220 
ILE N   H2   sing N N 221 
ILE CA  C    sing N N 222 
ILE CA  CB   sing N N 223 
ILE CA  HA   sing N N 224 
ILE C   O    doub N N 225 
ILE C   OXT  sing N N 226 
ILE CB  CG1  sing N N 227 
ILE CB  CG2  sing N N 228 
ILE CB  HB   sing N N 229 
ILE CG1 CD1  sing N N 230 
ILE CG1 HG12 sing N N 231 
ILE CG1 HG13 sing N N 232 
ILE CG2 HG21 sing N N 233 
ILE CG2 HG22 sing N N 234 
ILE CG2 HG23 sing N N 235 
ILE CD1 HD11 sing N N 236 
ILE CD1 HD12 sing N N 237 
ILE CD1 HD13 sing N N 238 
ILE OXT HXT  sing N N 239 
LEU N   CA   sing N N 240 
LEU N   H    sing N N 241 
LEU N   H2   sing N N 242 
LEU CA  C    sing N N 243 
LEU CA  CB   sing N N 244 
LEU CA  HA   sing N N 245 
LEU C   O    doub N N 246 
LEU C   OXT  sing N N 247 
LEU CB  CG   sing N N 248 
LEU CB  HB2  sing N N 249 
LEU CB  HB3  sing N N 250 
LEU CG  CD1  sing N N 251 
LEU CG  CD2  sing N N 252 
LEU CG  HG   sing N N 253 
LEU CD1 HD11 sing N N 254 
LEU CD1 HD12 sing N N 255 
LEU CD1 HD13 sing N N 256 
LEU CD2 HD21 sing N N 257 
LEU CD2 HD22 sing N N 258 
LEU CD2 HD23 sing N N 259 
LEU OXT HXT  sing N N 260 
LYS N   CA   sing N N 261 
LYS N   H    sing N N 262 
LYS N   H2   sing N N 263 
LYS CA  C    sing N N 264 
LYS CA  CB   sing N N 265 
LYS CA  HA   sing N N 266 
LYS C   O    doub N N 267 
LYS C   OXT  sing N N 268 
LYS CB  CG   sing N N 269 
LYS CB  HB2  sing N N 270 
LYS CB  HB3  sing N N 271 
LYS CG  CD   sing N N 272 
LYS CG  HG2  sing N N 273 
LYS CG  HG3  sing N N 274 
LYS CD  CE   sing N N 275 
LYS CD  HD2  sing N N 276 
LYS CD  HD3  sing N N 277 
LYS CE  NZ   sing N N 278 
LYS CE  HE2  sing N N 279 
LYS CE  HE3  sing N N 280 
LYS NZ  HZ1  sing N N 281 
LYS NZ  HZ2  sing N N 282 
LYS NZ  HZ3  sing N N 283 
LYS OXT HXT  sing N N 284 
MET N   CA   sing N N 285 
MET N   H    sing N N 286 
MET N   H2   sing N N 287 
MET CA  C    sing N N 288 
MET CA  CB   sing N N 289 
MET CA  HA   sing N N 290 
MET C   O    doub N N 291 
MET C   OXT  sing N N 292 
MET CB  CG   sing N N 293 
MET CB  HB2  sing N N 294 
MET CB  HB3  sing N N 295 
MET CG  SD   sing N N 296 
MET CG  HG2  sing N N 297 
MET CG  HG3  sing N N 298 
MET SD  CE   sing N N 299 
MET CE  HE1  sing N N 300 
MET CE  HE2  sing N N 301 
MET CE  HE3  sing N N 302 
MET OXT HXT  sing N N 303 
PHE N   CA   sing N N 304 
PHE N   H    sing N N 305 
PHE N   H2   sing N N 306 
PHE CA  C    sing N N 307 
PHE CA  CB   sing N N 308 
PHE CA  HA   sing N N 309 
PHE C   O    doub N N 310 
PHE C   OXT  sing N N 311 
PHE CB  CG   sing N N 312 
PHE CB  HB2  sing N N 313 
PHE CB  HB3  sing N N 314 
PHE CG  CD1  doub Y N 315 
PHE CG  CD2  sing Y N 316 
PHE CD1 CE1  sing Y N 317 
PHE CD1 HD1  sing N N 318 
PHE CD2 CE2  doub Y N 319 
PHE CD2 HD2  sing N N 320 
PHE CE1 CZ   doub Y N 321 
PHE CE1 HE1  sing N N 322 
PHE CE2 CZ   sing Y N 323 
PHE CE2 HE2  sing N N 324 
PHE CZ  HZ   sing N N 325 
PHE OXT HXT  sing N N 326 
PRO N   CA   sing N N 327 
PRO N   CD   sing N N 328 
PRO N   H    sing N N 329 
PRO CA  C    sing N N 330 
PRO CA  CB   sing N N 331 
PRO CA  HA   sing N N 332 
PRO C   O    doub N N 333 
PRO C   OXT  sing N N 334 
PRO CB  CG   sing N N 335 
PRO CB  HB2  sing N N 336 
PRO CB  HB3  sing N N 337 
PRO CG  CD   sing N N 338 
PRO CG  HG2  sing N N 339 
PRO CG  HG3  sing N N 340 
PRO CD  HD2  sing N N 341 
PRO CD  HD3  sing N N 342 
PRO OXT HXT  sing N N 343 
SER N   CA   sing N N 344 
SER N   H    sing N N 345 
SER N   H2   sing N N 346 
SER CA  C    sing N N 347 
SER CA  CB   sing N N 348 
SER CA  HA   sing N N 349 
SER C   O    doub N N 350 
SER C   OXT  sing N N 351 
SER CB  OG   sing N N 352 
SER CB  HB2  sing N N 353 
SER CB  HB3  sing N N 354 
SER OG  HG   sing N N 355 
SER OXT HXT  sing N N 356 
THR N   CA   sing N N 357 
THR N   H    sing N N 358 
THR N   H2   sing N N 359 
THR CA  C    sing N N 360 
THR CA  CB   sing N N 361 
THR CA  HA   sing N N 362 
THR C   O    doub N N 363 
THR C   OXT  sing N N 364 
THR CB  OG1  sing N N 365 
THR CB  CG2  sing N N 366 
THR CB  HB   sing N N 367 
THR OG1 HG1  sing N N 368 
THR CG2 HG21 sing N N 369 
THR CG2 HG22 sing N N 370 
THR CG2 HG23 sing N N 371 
THR OXT HXT  sing N N 372 
TRP N   CA   sing N N 373 
TRP N   H    sing N N 374 
TRP N   H2   sing N N 375 
TRP CA  C    sing N N 376 
TRP CA  CB   sing N N 377 
TRP CA  HA   sing N N 378 
TRP C   O    doub N N 379 
TRP C   OXT  sing N N 380 
TRP CB  CG   sing N N 381 
TRP CB  HB2  sing N N 382 
TRP CB  HB3  sing N N 383 
TRP CG  CD1  doub Y N 384 
TRP CG  CD2  sing Y N 385 
TRP CD1 NE1  sing Y N 386 
TRP CD1 HD1  sing N N 387 
TRP CD2 CE2  doub Y N 388 
TRP CD2 CE3  sing Y N 389 
TRP NE1 CE2  sing Y N 390 
TRP NE1 HE1  sing N N 391 
TRP CE2 CZ2  sing Y N 392 
TRP CE3 CZ3  doub Y N 393 
TRP CE3 HE3  sing N N 394 
TRP CZ2 CH2  doub Y N 395 
TRP CZ2 HZ2  sing N N 396 
TRP CZ3 CH2  sing Y N 397 
TRP CZ3 HZ3  sing N N 398 
TRP CH2 HH2  sing N N 399 
TRP OXT HXT  sing N N 400 
TYR N   CA   sing N N 401 
TYR N   H    sing N N 402 
TYR N   H2   sing N N 403 
TYR CA  C    sing N N 404 
TYR CA  CB   sing N N 405 
TYR CA  HA   sing N N 406 
TYR C   O    doub N N 407 
TYR C   OXT  sing N N 408 
TYR CB  CG   sing N N 409 
TYR CB  HB2  sing N N 410 
TYR CB  HB3  sing N N 411 
TYR CG  CD1  doub Y N 412 
TYR CG  CD2  sing Y N 413 
TYR CD1 CE1  sing Y N 414 
TYR CD1 HD1  sing N N 415 
TYR CD2 CE2  doub Y N 416 
TYR CD2 HD2  sing N N 417 
TYR CE1 CZ   doub Y N 418 
TYR CE1 HE1  sing N N 419 
TYR CE2 CZ   sing Y N 420 
TYR CE2 HE2  sing N N 421 
TYR CZ  OH   sing N N 422 
TYR OH  HH   sing N N 423 
TYR OXT HXT  sing N N 424 
VAL N   CA   sing N N 425 
VAL N   H    sing N N 426 
VAL N   H2   sing N N 427 
VAL CA  C    sing N N 428 
VAL CA  CB   sing N N 429 
VAL CA  HA   sing N N 430 
VAL C   O    doub N N 431 
VAL C   OXT  sing N N 432 
VAL CB  CG1  sing N N 433 
VAL CB  CG2  sing N N 434 
VAL CB  HB   sing N N 435 
VAL CG1 HG11 sing N N 436 
VAL CG1 HG12 sing N N 437 
VAL CG1 HG13 sing N N 438 
VAL CG2 HG21 sing N N 439 
VAL CG2 HG22 sing N N 440 
VAL CG2 HG23 sing N N 441 
VAL OXT HXT  sing N N 442 
# 
_pdbx_initial_refinement_model.id               1 
_pdbx_initial_refinement_model.entity_id_list   ? 
_pdbx_initial_refinement_model.type             'experimental model' 
_pdbx_initial_refinement_model.source_name      PDB 
_pdbx_initial_refinement_model.accession_code   2FR2 
_pdbx_initial_refinement_model.details          ? 
# 
_atom_sites.entry_id                    6R3Y 
_atom_sites.fract_transf_matrix[1][1]   -0.00612385 
_atom_sites.fract_transf_matrix[1][2]   0.00997093 
_atom_sites.fract_transf_matrix[1][3]   0.01155211 
_atom_sites.fract_transf_matrix[2][1]   -0.01124752 
_atom_sites.fract_transf_matrix[2][2]   0.00145594 
_atom_sites.fract_transf_matrix[2][3]   -0.00721904 
_atom_sites.fract_transf_matrix[3][1]   -0.00498912 
_atom_sites.fract_transf_matrix[3][2]   -0.00978392 
_atom_sites.fract_transf_matrix[3][3]   0.00579999 
_atom_sites.fract_transf_vector[1]      0.089713 
_atom_sites.fract_transf_vector[2]      0.357597 
_atom_sites.fract_transf_vector[3]      0.209618 
# 
loop_
_atom_type.symbol 
C  
FE 
N  
O  
S  
# 
loop_
_atom_site.group_PDB 
_atom_site.id 
_atom_site.type_symbol 
_atom_site.label_atom_id 
_atom_site.label_alt_id 
_atom_site.label_comp_id 
_atom_site.label_asym_id 
_atom_site.label_entity_id 
_atom_site.label_seq_id 
_atom_site.pdbx_PDB_ins_code 
_atom_site.Cartn_x 
_atom_site.Cartn_y 
_atom_site.Cartn_z 
_atom_site.occupancy 
_atom_site.B_iso_or_equiv 
_atom_site.pdbx_formal_charge 
_atom_site.auth_seq_id 
_atom_site.auth_comp_id 
_atom_site.auth_asym_id 
_atom_site.auth_atom_id 
_atom_site.pdbx_PDB_model_num 
ATOM   1    N  N   . ASP A 1 4   ? 5.239   -23.622 -8.150  1.00 34.48 ? 4   ASP A N   1 
ATOM   2    C  CA  . ASP A 1 4   ? 4.143   -22.827 -7.556  1.00 27.95 ? 4   ASP A CA  1 
ATOM   3    C  C   . ASP A 1 4   ? 4.537   -21.344 -7.571  1.00 20.21 ? 4   ASP A C   1 
ATOM   4    O  O   . ASP A 1 4   ? 4.175   -20.670 -8.545  1.00 21.79 ? 4   ASP A O   1 
ATOM   5    C  CB  . ASP A 1 4   ? 3.804   -23.294 -6.139  1.00 34.72 ? 4   ASP A CB  1 
ATOM   6    C  CG  . ASP A 1 4   ? 2.647   -22.524 -5.521  1.00 38.61 ? 4   ASP A CG  1 
ATOM   7    O  OD1 . ASP A 1 4   ? 1.795   -22.046 -6.294  1.00 37.71 ? 4   ASP A OD1 1 
ATOM   8    O  OD2 . ASP A 1 4   ? 2.641   -22.357 -4.275  1.00 44.79 ? 4   ASP A OD2 1 
ATOM   9    N  N   . LEU A 1 5   ? 5.284   -20.880 -6.559  1.00 16.82 ? 5   LEU A N   1 
ATOM   10   C  CA  . LEU A 1 5   ? 5.741   -19.463 -6.452  1.00 14.79 ? 5   LEU A CA  1 
ATOM   11   C  C   . LEU A 1 5   ? 6.828   -19.186 -7.479  1.00 13.41 ? 5   LEU A C   1 
ATOM   12   O  O   . LEU A 1 5   ? 7.822   -19.917 -7.513  1.00 13.03 ? 5   LEU A O   1 
ATOM   13   C  CB  . LEU A 1 5   ? 6.259   -19.168 -5.041  1.00 15.05 ? 5   LEU A CB  1 
ATOM   14   C  CG  . LEU A 1 5   ? 6.511   -17.693 -4.758  1.00 15.17 ? 5   LEU A CG  1 
ATOM   15   C  CD1 . LEU A 1 5   ? 5.203   -16.945 -4.629  1.00 14.73 ? 5   LEU A CD1 1 
ATOM   16   C  CD2 . LEU A 1 5   ? 7.369   -17.510 -3.512  1.00 17.42 ? 5   LEU A CD2 1 
ATOM   17   N  N   . ALA A 1 6   ? 6.669   -18.129 -8.264  1.00 11.70 ? 6   ALA A N   1 
ATOM   18   C  CA  . ALA A 1 6   ? 7.714   -17.664 -9.201  1.00 11.15 ? 6   ALA A CA  1 
ATOM   19   C  C   . ALA A 1 6   ? 8.994   -17.360 -8.430  1.00 10.66 ? 6   ALA A C   1 
ATOM   20   O  O   . ALA A 1 6   ? 8.975   -16.730 -7.375  1.00 10.35 ? 6   ALA A O   1 
ATOM   21   C  CB  . ALA A 1 6   ? 7.249   -16.471 -9.964  1.00 11.14 ? 6   ALA A CB  1 
ATOM   22   N  N   . PRO A 1 7   ? 10.161  -17.777 -8.952  1.00 10.32 ? 7   PRO A N   1 
ATOM   23   C  CA  . PRO A 1 7   ? 11.436  -17.458 -8.319  1.00 10.25 ? 7   PRO A CA  1 
ATOM   24   C  C   . PRO A 1 7   ? 11.615  -15.976 -7.948  1.00 10.51 ? 7   PRO A C   1 
ATOM   25   O  O   . PRO A 1 7   ? 12.112  -15.710 -6.893  1.00 10.07 ? 7   PRO A O   1 
ATOM   26   C  CB  . PRO A 1 7   ? 12.443  -17.905 -9.396  1.00 10.24 ? 7   PRO A CB  1 
ATOM   27   C  CG  . PRO A 1 7   ? 11.754  -19.066 -10.041 1.00 11.01 ? 7   PRO A CG  1 
ATOM   28   C  CD  . PRO A 1 7   ? 10.315  -18.614 -10.159 1.00 10.36 ? 7   PRO A CD  1 
ATOM   29   N  N   . ALA A 1 8   ? 11.146  -15.038 -8.785  1.00 11.16 ? 8   ALA A N   1 
ATOM   30   C  CA  . ALA A 1 8   ? 11.310  -13.589 -8.524  1.00 10.56 ? 8   ALA A CA  1 
ATOM   31   C  C   . ALA A 1 8   ? 10.678  -13.221 -7.180  1.00 10.07 ? 8   ALA A C   1 
ATOM   32   O  O   . ALA A 1 8   ? 11.124  -12.212 -6.599  1.00 9.98  ? 8   ALA A O   1 
ATOM   33   C  CB  . ALA A 1 8   ? 10.717  -12.769 -9.643  1.00 10.43 ? 8   ALA A CB  1 
ATOM   34   N  N   . LEU A 1 9   ? 9.621   -13.914 -6.756  1.00 10.05 ? 9   LEU A N   1 
ATOM   35   C  CA  . LEU A 1 9   ? 8.821   -13.529 -5.547  1.00 10.98 ? 9   LEU A CA  1 
ATOM   36   C  C   . LEU A 1 9   ? 9.426   -14.114 -4.247  1.00 11.44 ? 9   LEU A C   1 
ATOM   37   O  O   . LEU A 1 9   ? 8.831   -13.905 -3.175  1.00 11.38 ? 9   LEU A O   1 
ATOM   38   C  CB  . LEU A 1 9   ? 7.378   -13.995 -5.718  1.00 11.29 ? 9   LEU A CB  1 
ATOM   39   C  CG  . LEU A 1 9   ? 6.595   -13.354 -6.859  1.00 12.45 ? 9   LEU A CG  1 
ATOM   40   C  CD1 . LEU A 1 9   ? 5.147   -13.788 -6.796  1.00 13.03 ? 9   LEU A CD1 1 
ATOM   41   C  CD2 . LEU A 1 9   ? 6.710   -11.842 -6.830  1.00 12.67 ? 9   LEU A CD2 1 
ATOM   42   N  N   . GLN A 1 10  ? 10.533  -14.860 -4.305  1.00 10.91 ? 10  GLN A N   1 
ATOM   43   C  CA  . GLN A 1 10  ? 11.022  -15.630 -3.117  1.00 11.71 ? 10  GLN A CA  1 
ATOM   44   C  C   . GLN A 1 10  ? 11.193  -14.703 -1.887  1.00 10.34 ? 10  GLN A C   1 
ATOM   45   O  O   . GLN A 1 10  ? 10.732  -15.086 -0.792  1.00 10.36 ? 10  GLN A O   1 
ATOM   46   C  CB  . GLN A 1 10  ? 12.320  -16.357 -3.454  1.00 12.58 ? 10  GLN A CB  1 
ATOM   47   C  CG  . GLN A 1 10  ? 12.932  -17.133 -2.277  1.00 13.67 ? 10  GLN A CG  1 
ATOM   48   C  CD  . GLN A 1 10  ? 12.102  -18.307 -1.812  1.00 17.30 ? 10  GLN A CD  1 
ATOM   49   O  OE1 . GLN A 1 10  ? 11.325  -18.907 -2.571  1.00 17.14 ? 10  GLN A OE1 1 
ATOM   50   N  NE2 . GLN A 1 10  ? 12.250  -18.635 -0.537  1.00 18.76 ? 10  GLN A NE2 1 
ATOM   51   N  N   . ALA A 1 11  ? 11.849  -13.556 -2.034  1.00 10.11 ? 11  ALA A N   1 
ATOM   52   C  CA  . ALA A 1 11  ? 12.136  -12.612 -0.918  1.00 8.94  ? 11  ALA A CA  1 
ATOM   53   C  C   . ALA A 1 11  ? 10.821  -12.147 -0.290  1.00 10.30 ? 11  ALA A C   1 
ATOM   54   O  O   . ALA A 1 11  ? 10.804  -11.840 0.900   1.00 10.99 ? 11  ALA A O   1 
ATOM   55   C  CB  . ALA A 1 11  ? 12.941  -11.442 -1.411  1.00 9.14  ? 11  ALA A CB  1 
ATOM   56   N  N   . LEU A 1 12  ? 9.763   -12.042 -1.080  1.00 10.43 ? 12  LEU A N   1 
ATOM   57   C  CA  . LEU A 1 12  ? 8.490   -11.425 -0.638  1.00 10.27 ? 12  LEU A CA  1 
ATOM   58   C  C   . LEU A 1 12  ? 7.489   -12.504 -0.233  1.00 10.32 ? 12  LEU A C   1 
ATOM   59   O  O   . LEU A 1 12  ? 6.361   -12.141 0.100   1.00 10.05 ? 12  LEU A O   1 
ATOM   60   C  CB  . LEU A 1 12  ? 7.932   -10.534 -1.747  1.00 10.52 ? 12  LEU A CB  1 
ATOM   61   C  CG  . LEU A 1 12  ? 8.803   -9.334  -2.122  1.00 11.86 ? 12  LEU A CG  1 
ATOM   62   C  CD1 . LEU A 1 12  ? 8.065   -8.425  -3.076  1.00 12.57 ? 12  LEU A CD1 1 
ATOM   63   C  CD2 . LEU A 1 12  ? 9.241   -8.552  -0.906  1.00 13.01 ? 12  LEU A CD2 1 
ATOM   64   N  N   . SER A 1 13  ? 7.902   -13.770 -0.142  1.00 10.95 ? 13  SER A N   1 
ATOM   65   C  CA  . SER A 1 13  ? 6.972   -14.866 0.213   1.00 11.92 ? 13  SER A CA  1 
ATOM   66   C  C   . SER A 1 13  ? 6.328   -14.613 1.589   1.00 11.34 ? 13  SER A C   1 
ATOM   67   O  O   . SER A 1 13  ? 5.162   -14.974 1.785   1.00 11.86 ? 13  SER A O   1 
ATOM   68   C  CB  . SER A 1 13  ? 7.621   -16.248 0.070   1.00 12.46 ? 13  SER A CB  1 
ATOM   69   O  OG  . SER A 1 13  ? 8.643   -16.436 1.027   1.00 15.05 ? 13  SER A OG  1 
ATOM   70   N  N   . PRO A 1 14  ? 7.003   -13.981 2.584   1.00 10.90 ? 14  PRO A N   1 
ATOM   71   C  CA  . PRO A 1 14  ? 6.355   -13.709 3.870   1.00 11.55 ? 14  PRO A CA  1 
ATOM   72   C  C   . PRO A 1 14  ? 5.109   -12.809 3.771   1.00 11.56 ? 14  PRO A C   1 
ATOM   73   O  O   . PRO A 1 14  ? 4.347   -12.777 4.708   1.00 12.57 ? 14  PRO A O   1 
ATOM   74   C  CB  . PRO A 1 14  ? 7.456   -13.019 4.672   1.00 12.89 ? 14  PRO A CB  1 
ATOM   75   C  CG  . PRO A 1 14  ? 8.725   -13.625 4.134   1.00 11.66 ? 14  PRO A CG  1 
ATOM   76   C  CD  . PRO A 1 14  ? 8.453   -13.691 2.645   1.00 11.41 ? 14  PRO A CD  1 
ATOM   77   N  N   . LEU A 1 15  ? 4.952   -12.066 2.676   1.00 11.86 ? 15  LEU A N   1 
ATOM   78   C  CA  . LEU A 1 15  ? 3.782   -11.161 2.485   1.00 10.48 ? 15  LEU A CA  1 
ATOM   79   C  C   . LEU A 1 15  ? 2.513   -11.986 2.258   1.00 10.62 ? 15  LEU A C   1 
ATOM   80   O  O   . LEU A 1 15  ? 1.443   -11.504 2.584   1.00 10.29 ? 15  LEU A O   1 
ATOM   81   C  CB  . LEU A 1 15  ? 4.029   -10.218 1.302   1.00 10.86 ? 15  LEU A CB  1 
ATOM   82   C  CG  . LEU A 1 15  ? 4.731   -8.910  1.641   1.00 10.96 ? 15  LEU A CG  1 
ATOM   83   C  CD1 . LEU A 1 15  ? 6.135   -9.153  2.173   1.00 12.63 ? 15  LEU A CD1 1 
ATOM   84   C  CD2 . LEU A 1 15  ? 4.768   -8.013  0.412   1.00 11.83 ? 15  LEU A CD2 1 
ATOM   85   N  N   . LEU A 1 16  ? 2.634   -13.178 1.668   1.00 11.10 ? 16  LEU A N   1 
ATOM   86   C  CA  . LEU A 1 16  ? 1.474   -14.007 1.275   1.00 11.96 ? 16  LEU A CA  1 
ATOM   87   C  C   . LEU A 1 16  ? 0.602   -14.292 2.499   1.00 11.57 ? 16  LEU A C   1 
ATOM   88   O  O   . LEU A 1 16  ? 1.137   -14.714 3.570   1.00 11.96 ? 16  LEU A O   1 
ATOM   89   C  CB  . LEU A 1 16  ? 1.961   -15.307 0.645   1.00 12.58 ? 16  LEU A CB  1 
ATOM   90   C  CG  . LEU A 1 16  ? 2.572   -15.171 -0.745  1.00 14.50 ? 16  LEU A CG  1 
ATOM   91   C  CD1 . LEU A 1 16  ? 3.272   -16.466 -1.129  1.00 14.40 ? 16  LEU A CD1 1 
ATOM   92   C  CD2 . LEU A 1 16  ? 1.515   -14.808 -1.769  1.00 13.62 ? 16  LEU A CD2 1 
ATOM   93   N  N   . GLY A 1 17  ? -0.682  -14.047 2.345   1.00 12.03 ? 17  GLY A N   1 
ATOM   94   C  CA  . GLY A 1 17  ? -1.704  -14.406 3.325   1.00 12.10 ? 17  GLY A CA  1 
ATOM   95   C  C   . GLY A 1 17  ? -2.560  -13.214 3.679   1.00 13.12 ? 17  GLY A C   1 
ATOM   96   O  O   . GLY A 1 17  ? -2.653  -12.259 2.858   1.00 12.92 ? 17  GLY A O   1 
ATOM   97   N  N   . SER A 1 18  ? -3.281  -13.326 4.786   1.00 12.97 ? 18  SER A N   1 
ATOM   98   C  CA  . SER A 1 18  ? -4.283  -12.341 5.241   1.00 13.06 ? 18  SER A CA  1 
ATOM   99   C  C   . SER A 1 18  ? -3.702  -11.574 6.423   1.00 12.45 ? 18  SER A C   1 
ATOM   100  O  O   . SER A 1 18  ? -3.111  -12.209 7.320   1.00 12.83 ? 18  SER A O   1 
ATOM   101  C  CB  . SER A 1 18  ? -5.576  -13.006 5.604   1.00 13.91 ? 18  SER A CB  1 
ATOM   102  O  OG  . SER A 1 18  ? -6.128  -13.646 4.463   1.00 16.32 ? 18  SER A OG  1 
ATOM   103  N  N   . TRP A 1 19  ? -3.944  -10.269 6.436   1.00 11.58 ? 19  TRP A N   1 
ATOM   104  C  CA  . TRP A 1 19  ? -3.455  -9.304  7.436   1.00 11.19 ? 19  TRP A CA  1 
ATOM   105  C  C   . TRP A 1 19  ? -4.641  -8.475  7.908   1.00 10.82 ? 19  TRP A C   1 
ATOM   106  O  O   . TRP A 1 19  ? -5.511  -8.140  7.075   1.00 11.17 ? 19  TRP A O   1 
ATOM   107  C  CB  . TRP A 1 19  ? -2.357  -8.424  6.828   1.00 10.52 ? 19  TRP A CB  1 
ATOM   108  C  CG  . TRP A 1 19  ? -1.193  -9.190  6.288   1.00 10.67 ? 19  TRP A CG  1 
ATOM   109  C  CD1 . TRP A 1 19  ? -1.080  -9.800  5.075   1.00 10.18 ? 19  TRP A CD1 1 
ATOM   110  C  CD2 . TRP A 1 19  ? 0.036   -9.435  6.977   1.00 9.40  ? 19  TRP A CD2 1 
ATOM   111  N  NE1 . TRP A 1 19  ? 0.148   -10.375 4.949   1.00 11.16 ? 19  TRP A NE1 1 
ATOM   112  C  CE2 . TRP A 1 19  ? 0.857   -10.182 6.105   1.00 10.33 ? 19  TRP A CE2 1 
ATOM   113  C  CE3 . TRP A 1 19  ? 0.521   -9.091  8.239   1.00 9.93  ? 19  TRP A CE3 1 
ATOM   114  C  CZ2 . TRP A 1 19  ? 2.116   -10.639 6.480   1.00 10.05 ? 19  TRP A CZ2 1 
ATOM   115  C  CZ3 . TRP A 1 19  ? 1.780   -9.511  8.595   1.00 10.40 ? 19  TRP A CZ3 1 
ATOM   116  C  CH2 . TRP A 1 19  ? 2.573   -10.257 7.722   1.00 10.72 ? 19  TRP A CH2 1 
ATOM   117  N  N   . ALA A 1 20  ? -4.721  -8.198  9.201   1.00 11.54 ? 20  ALA A N   1 
ATOM   118  C  CA  . ALA A 1 20  ? -5.788  -7.361  9.779   1.00 11.14 ? 20  ALA A CA  1 
ATOM   119  C  C   . ALA A 1 20  ? -5.201  -6.485  10.872  1.00 10.26 ? 20  ALA A C   1 
ATOM   120  O  O   . ALA A 1 20  ? -4.329  -6.948  11.627  1.00 9.28  ? 20  ALA A O   1 
ATOM   121  C  CB  . ALA A 1 20  ? -6.913  -8.223  10.305  1.00 11.93 ? 20  ALA A CB  1 
ATOM   122  N  N   . GLY A 1 21  ? -5.658  -5.255  10.957  1.00 10.43 ? 21  GLY A N   1 
ATOM   123  C  CA  . GLY A 1 21  ? -5.236  -4.369  12.036  1.00 10.74 ? 21  GLY A CA  1 
ATOM   124  C  C   . GLY A 1 21  ? -5.943  -3.036  11.987  1.00 10.45 ? 21  GLY A C   1 
ATOM   125  O  O   . GLY A 1 21  ? -7.143  -2.979  11.605  1.00 9.93  ? 21  GLY A O   1 
ATOM   126  N  N   . ARG A 1 22  ? -5.218  -1.977  12.324  1.00 10.13 ? 22  ARG A N   1 
ATOM   127  C  CA  . ARG A 1 22  ? -5.818  -0.679  12.642  1.00 9.82  ? 22  ARG A CA  1 
ATOM   128  C  C   . ARG A 1 22  ? -4.795  0.405   12.356  1.00 8.90  ? 22  ARG A C   1 
ATOM   129  O  O   . ARG A 1 22  ? -3.584  0.149   12.493  1.00 9.06  ? 22  ARG A O   1 
ATOM   130  C  CB  . ARG A 1 22  ? -6.309  -0.684  14.093  1.00 10.79 ? 22  ARG A CB  1 
ATOM   131  C  CG  . ARG A 1 22  ? -6.832  0.653   14.583  1.00 11.52 ? 22  ARG A CG  1 
ATOM   132  C  CD  . ARG A 1 22  ? -7.532  0.487   15.921  1.00 11.98 ? 22  ARG A CD  1 
ATOM   133  N  NE  . ARG A 1 22  ? -7.769  1.777   16.560  1.00 12.81 ? 22  ARG A NE  1 
ATOM   134  C  CZ  . ARG A 1 22  ? -8.444  1.948   17.701  1.00 13.68 ? 22  ARG A CZ  1 
ATOM   135  N  NH1 . ARG A 1 22  ? -8.913  0.905   18.343  1.00 13.41 ? 22  ARG A NH1 1 
ATOM   136  N  NH2 . ARG A 1 22  ? -8.573  3.150   18.222  1.00 14.91 ? 22  ARG A NH2 1 
ATOM   137  N  N   . GLY A 1 23  ? -5.263  1.551   11.898  1.00 8.18  ? 23  GLY A N   1 
ATOM   138  C  CA  . GLY A 1 23  ? -4.391  2.677   11.592  1.00 8.37  ? 23  GLY A CA  1 
ATOM   139  C  C   . GLY A 1 23  ? -5.090  3.993   11.811  1.00 8.24  ? 23  GLY A C   1 
ATOM   140  O  O   . GLY A 1 23  ? -6.172  4.007   12.418  1.00 9.17  ? 23  GLY A O   1 
ATOM   141  N  N   . ALA A 1 24  ? -4.454  5.070   11.383  1.00 8.21  ? 24  ALA A N   1 
ATOM   142  C  CA  . ALA A 1 24  ? -4.961  6.433   11.595  1.00 9.37  ? 24  ALA A CA  1 
ATOM   143  C  C   . ALA A 1 24  ? -4.472  7.297   10.466  1.00 9.79  ? 24  ALA A C   1 
ATOM   144  O  O   . ALA A 1 24  ? -3.511  6.899   9.773   1.00 9.97  ? 24  ALA A O   1 
ATOM   145  C  CB  . ALA A 1 24  ? -4.527  6.957   12.944  1.00 9.48  ? 24  ALA A CB  1 
ATOM   146  N  N   . GLY A 1 25  ? -5.113  8.434   10.275  1.00 9.70  ? 25  GLY A N   1 
ATOM   147  C  CA  . GLY A 1 25  ? -4.761  9.307   9.162   1.00 10.93 ? 25  GLY A CA  1 
ATOM   148  C  C   . GLY A 1 25  ? -5.205  10.722  9.384   1.00 11.16 ? 25  GLY A C   1 
ATOM   149  O  O   . GLY A 1 25  ? -5.904  11.004  10.386  1.00 11.37 ? 25  GLY A O   1 
ATOM   150  N  N   . LYS A 1 26  ? -4.780  11.592  8.484   1.00 10.92 ? 26  LYS A N   1 
ATOM   151  C  CA  . LYS A 1 26  ? -4.942  13.038  8.632   1.00 10.78 ? 26  LYS A CA  1 
ATOM   152  C  C   . LYS A 1 26  ? -4.588  13.687  7.304   1.00 11.30 ? 26  LYS A C   1 
ATOM   153  O  O   . LYS A 1 26  ? -3.970  13.015  6.445   1.00 9.75  ? 26  LYS A O   1 
ATOM   154  C  CB  . LYS A 1 26  ? -4.054  13.521  9.775   1.00 12.34 ? 26  LYS A CB  1 
ATOM   155  C  CG  . LYS A 1 26  ? -2.562  13.308  9.568   1.00 14.10 ? 26  LYS A CG  1 
ATOM   156  C  CD  . LYS A 1 26  ? -1.726  14.033  10.627  1.00 17.97 ? 26  LYS A CD  1 
ATOM   157  C  CE  . LYS A 1 26  ? -0.237  13.849  10.423  1.00 23.73 ? 26  LYS A CE  1 
ATOM   158  N  NZ  . LYS A 1 26  ? 0.376   12.984  11.466  1.00 30.13 ? 26  LYS A NZ  1 
ATOM   159  N  N   . TYR A 1 27  ? -4.962  14.938  7.131   1.00 10.74 ? 27  TYR A N   1 
ATOM   160  C  CA  . TYR A 1 27  ? -4.461  15.794  6.035   1.00 10.91 ? 27  TYR A CA  1 
ATOM   161  C  C   . TYR A 1 27  ? -4.866  17.227  6.346   1.00 11.25 ? 27  TYR A C   1 
ATOM   162  O  O   . TYR A 1 27  ? -5.836  17.430  7.067   1.00 12.62 ? 27  TYR A O   1 
ATOM   163  C  CB  . TYR A 1 27  ? -4.993  15.326  4.674   1.00 10.05 ? 27  TYR A CB  1 
ATOM   164  C  CG  . TYR A 1 27  ? -4.001  15.508  3.547   1.00 9.72  ? 27  TYR A CG  1 
ATOM   165  C  CD1 . TYR A 1 27  ? -2.735  14.918  3.601   1.00 9.43  ? 27  TYR A CD1 1 
ATOM   166  C  CD2 . TYR A 1 27  ? -4.263  16.359  2.487   1.00 9.86  ? 27  TYR A CD2 1 
ATOM   167  C  CE1 . TYR A 1 27  ? -1.786  15.143  2.613   1.00 9.56  ? 27  TYR A CE1 1 
ATOM   168  C  CE2 . TYR A 1 27  ? -3.330  16.572  1.478   1.00 9.06  ? 27  TYR A CE2 1 
ATOM   169  C  CZ  . TYR A 1 27  ? -2.078  15.974  1.549   1.00 8.46  ? 27  TYR A CZ  1 
ATOM   170  O  OH  . TYR A 1 27  ? -1.111  16.232  0.611   1.00 8.05  ? 27  TYR A OH  1 
ATOM   171  N  N   . PRO A 1 28  ? -4.108  18.254  5.914   1.00 12.60 ? 28  PRO A N   1 
ATOM   172  C  CA  . PRO A 1 28  ? -4.434  19.621  6.326   1.00 13.50 ? 28  PRO A CA  1 
ATOM   173  C  C   . PRO A 1 28  ? -5.878  20.039  6.000   1.00 14.72 ? 28  PRO A C   1 
ATOM   174  O  O   . PRO A 1 28  ? -6.400  20.882  6.706   1.00 15.67 ? 28  PRO A O   1 
ATOM   175  C  CB  . PRO A 1 28  ? -3.399  20.464  5.581   1.00 13.80 ? 28  PRO A CB  1 
ATOM   176  C  CG  . PRO A 1 28  ? -2.194  19.546  5.505   1.00 13.23 ? 28  PRO A CG  1 
ATOM   177  C  CD  . PRO A 1 28  ? -2.800  18.176  5.246   1.00 13.01 ? 28  PRO A CD  1 
ATOM   178  N  N   . THR A 1 29  ? -6.510  19.407  5.015   1.00 13.48 ? 29  THR A N   1 
ATOM   179  C  CA  . THR A 1 29  ? -7.792  19.856  4.431   1.00 13.43 ? 29  THR A CA  1 
ATOM   180  C  C   . THR A 1 29  ? -8.962  19.104  5.067   1.00 13.57 ? 29  THR A C   1 
ATOM   181  O  O   . THR A 1 29  ? -10.115 19.411  4.714   1.00 15.71 ? 29  THR A O   1 
ATOM   182  C  CB  . THR A 1 29  ? -7.775  19.660  2.918   1.00 14.50 ? 29  THR A CB  1 
ATOM   183  O  OG1 . THR A 1 29  ? -7.416  18.291  2.697   1.00 16.25 ? 29  THR A OG1 1 
ATOM   184  C  CG2 . THR A 1 29  ? -6.806  20.578  2.213   1.00 15.04 ? 29  THR A CG2 1 
ATOM   185  N  N   . ILE A 1 30  ? -8.690  18.175  5.996   1.00 13.65 ? 30  ILE A N   1 
ATOM   186  C  CA  . ILE A 1 30  ? -9.704  17.236  6.552   1.00 12.88 ? 30  ILE A CA  1 
ATOM   187  C  C   . ILE A 1 30  ? -9.521  17.150  8.074   1.00 12.80 ? 30  ILE A C   1 
ATOM   188  O  O   . ILE A 1 30  ? -8.479  17.604  8.572   1.00 13.53 ? 30  ILE A O   1 
ATOM   189  C  CB  . ILE A 1 30  ? -9.625  15.841  5.889   1.00 13.12 ? 30  ILE A CB  1 
ATOM   190  C  CG1 . ILE A 1 30  ? -8.353  15.099  6.324   1.00 12.07 ? 30  ILE A CG1 1 
ATOM   191  C  CG2 . ILE A 1 30  ? -9.730  15.957  4.362   1.00 14.59 ? 30  ILE A CG2 1 
ATOM   192  C  CD1 . ILE A 1 30  ? -8.215  13.701  5.808   1.00 12.82 ? 30  ILE A CD1 1 
ATOM   193  N  N   . ARG A 1 31  ? -10.470 16.507  8.754   1.00 15.77 ? 31  ARG A N   1 
ATOM   194  C  CA  . ARG A 1 31  ? -10.355 16.130  10.181  1.00 17.63 ? 31  ARG A CA  1 
ATOM   195  C  C   . ARG A 1 31  ? -9.650  14.781  10.293  1.00 14.19 ? 31  ARG A C   1 
ATOM   196  O  O   . ARG A 1 31  ? -9.812  13.915  9.440   1.00 12.90 ? 31  ARG A O   1 
ATOM   197  C  CB  . ARG A 1 31  ? -11.740 16.076  10.828  1.00 23.56 ? 31  ARG A CB  1 
ATOM   198  C  CG  . ARG A 1 31  ? -12.515 17.386  10.726  1.00 30.43 ? 31  ARG A CG  1 
ATOM   199  C  CD  . ARG A 1 31  ? -11.828 18.509  11.477  1.00 38.05 ? 31  ARG A CD  1 
ATOM   200  N  NE  . ARG A 1 31  ? -11.935 18.291  12.915  1.00 54.93 ? 31  ARG A NE  1 
ATOM   201  C  CZ  . ARG A 1 31  ? -12.840 18.868  13.707  1.00 67.67 ? 31  ARG A CZ  1 
ATOM   202  N  NH1 . ARG A 1 31  ? -13.690 19.759  13.215  1.00 67.80 ? 31  ARG A NH1 1 
ATOM   203  N  NH2 . ARG A 1 31  ? -12.882 18.557  14.993  1.00 68.49 ? 31  ARG A NH2 1 
ATOM   204  N  N   . PRO A 1 32  ? -8.834  14.569  11.348  1.00 12.01 ? 32  PRO A N   1 
ATOM   205  C  CA  . PRO A 1 32  ? -8.208  13.265  11.558  1.00 12.24 ? 32  PRO A CA  1 
ATOM   206  C  C   . PRO A 1 32  ? -9.228  12.142  11.763  1.00 10.88 ? 32  PRO A C   1 
ATOM   207  O  O   . PRO A 1 32  ? -10.367 12.386  12.104  1.00 11.67 ? 32  PRO A O   1 
ATOM   208  C  CB  . PRO A 1 32  ? -7.348  13.474  12.821  1.00 12.00 ? 32  PRO A CB  1 
ATOM   209  C  CG  . PRO A 1 32  ? -7.019  14.952  12.782  1.00 13.30 ? 32  PRO A CG  1 
ATOM   210  C  CD  . PRO A 1 32  ? -8.264  15.596  12.222  1.00 13.25 ? 32  PRO A CD  1 
ATOM   211  N  N   . PHE A 1 33  ? -8.808  10.918  11.485  1.00 11.22 ? 33  PHE A N   1 
ATOM   212  C  CA  . PHE A 1 33  ? -9.668  9.725   11.503  1.00 11.98 ? 33  PHE A CA  1 
ATOM   213  C  C   . PHE A 1 33  ? -8.823  8.514   11.887  1.00 11.88 ? 33  PHE A C   1 
ATOM   214  O  O   . PHE A 1 33  ? -7.555  8.577   11.844  1.00 9.95  ? 33  PHE A O   1 
ATOM   215  C  CB  . PHE A 1 33  ? -10.331 9.499   10.136  1.00 13.23 ? 33  PHE A CB  1 
ATOM   216  C  CG  . PHE A 1 33  ? -9.353  9.350   8.997   1.00 12.79 ? 33  PHE A CG  1 
ATOM   217  C  CD1 . PHE A 1 33  ? -8.809  8.109   8.693   1.00 14.10 ? 33  PHE A CD1 1 
ATOM   218  C  CD2 . PHE A 1 33  ? -8.868  10.463  8.325   1.00 13.06 ? 33  PHE A CD2 1 
ATOM   219  C  CE1 . PHE A 1 33  ? -7.856  7.981   7.693   1.00 13.17 ? 33  PHE A CE1 1 
ATOM   220  C  CE2 . PHE A 1 33  ? -7.911  10.331  7.336   1.00 13.36 ? 33  PHE A CE2 1 
ATOM   221  C  CZ  . PHE A 1 33  ? -7.385  9.093   7.043   1.00 13.61 ? 33  PHE A CZ  1 
ATOM   222  N  N   . GLU A 1 34  ? -9.515  7.448   12.254  1.00 11.19 ? 34  GLU A N   1 
ATOM   223  C  CA  . GLU A 1 34  ? -8.924  6.103   12.441  1.00 12.31 ? 34  GLU A CA  1 
ATOM   224  C  C   . GLU A 1 34  ? -9.687  5.100   11.601  1.00 10.96 ? 34  GLU A C   1 
ATOM   225  O  O   . GLU A 1 34  ? -10.878 5.349   11.275  1.00 11.73 ? 34  GLU A O   1 
ATOM   226  C  CB  . GLU A 1 34  ? -9.059  5.609   13.869  1.00 14.01 ? 34  GLU A CB  1 
ATOM   227  C  CG  . GLU A 1 34  ? -8.541  6.506   14.918  1.00 19.74 ? 34  GLU A CG  1 
ATOM   228  C  CD  . GLU A 1 34  ? -8.752  5.865   16.283  1.00 18.53 ? 34  GLU A CD  1 
ATOM   229  O  OE1 . GLU A 1 34  ? -9.919  5.904   16.819  1.00 21.72 ? 34  GLU A OE1 1 
ATOM   230  O  OE2 . GLU A 1 34  ? -7.844  5.187   16.694  1.00 22.40 ? 34  GLU A OE2 1 
ATOM   231  N  N   . TYR A 1 35  ? -9.119  3.925   11.408  1.00 10.52 ? 35  TYR A N   1 
ATOM   232  C  CA  . TYR A 1 35  ? -9.733  2.897   10.554  1.00 9.86  ? 35  TYR A CA  1 
ATOM   233  C  C   . TYR A 1 35  ? -9.266  1.512   10.974  1.00 9.59  ? 35  TYR A C   1 
ATOM   234  O  O   . TYR A 1 35  ? -8.129  1.364   11.501  1.00 10.28 ? 35  TYR A O   1 
ATOM   235  C  CB  . TYR A 1 35  ? -9.420  3.214   9.084   1.00 9.26  ? 35  TYR A CB  1 
ATOM   236  C  CG  . TYR A 1 35  ? -7.952  3.272   8.727   1.00 8.94  ? 35  TYR A CG  1 
ATOM   237  C  CD1 . TYR A 1 35  ? -7.276  2.146   8.277   1.00 8.76  ? 35  TYR A CD1 1 
ATOM   238  C  CD2 . TYR A 1 35  ? -7.248  4.462   8.765   1.00 8.19  ? 35  TYR A CD2 1 
ATOM   239  C  CE1 . TYR A 1 35  ? -5.941  2.194   7.887   1.00 8.89  ? 35  TYR A CE1 1 
ATOM   240  C  CE2 . TYR A 1 35  ? -5.923  4.535   8.353   1.00 8.27  ? 35  TYR A CE2 1 
ATOM   241  C  CZ  . TYR A 1 35  ? -5.260  3.392   7.914   1.00 8.70  ? 35  TYR A CZ  1 
ATOM   242  O  OH  . TYR A 1 35  ? -3.955  3.507   7.499   1.00 9.88  ? 35  TYR A OH  1 
ATOM   243  N  N   . LEU A 1 36  ? -10.071 0.512   10.638  1.00 9.88  ? 36  LEU A N   1 
ATOM   244  C  CA  . LEU A 1 36  ? -9.667  -0.902  10.624  1.00 10.18 ? 36  LEU A CA  1 
ATOM   245  C  C   . LEU A 1 36  ? -9.315  -1.299  9.193   1.00 10.61 ? 36  LEU A C   1 
ATOM   246  O  O   . LEU A 1 36  ? -9.902  -0.741  8.255   1.00 10.25 ? 36  LEU A O   1 
ATOM   247  C  CB  . LEU A 1 36  ? -10.805 -1.767  11.180  1.00 10.87 ? 36  LEU A CB  1 
ATOM   248  C  CG  . LEU A 1 36  ? -11.285 -1.387  12.578  1.00 11.09 ? 36  LEU A CG  1 
ATOM   249  C  CD1 . LEU A 1 36  ? -12.404 -2.317  13.029  1.00 11.61 ? 36  LEU A CD1 1 
ATOM   250  C  CD2 . LEU A 1 36  ? -10.142 -1.410  13.570  1.00 11.70 ? 36  LEU A CD2 1 
ATOM   251  N  N   . GLU A 1 37  ? -8.381  -2.226  9.040   1.00 10.40 ? 37  GLU A N   1 
ATOM   252  C  CA  . GLU A 1 37  ? -7.829  -2.594  7.725   1.00 11.17 ? 37  GLU A CA  1 
ATOM   253  C  C   . GLU A 1 37  ? -7.684  -4.108  7.614   1.00 11.52 ? 37  GLU A C   1 
ATOM   254  O  O   . GLU A 1 37  ? -7.189  -4.717  8.547   1.00 11.26 ? 37  GLU A O   1 
ATOM   255  C  CB  . GLU A 1 37  ? -6.490  -1.902  7.510   1.00 11.40 ? 37  GLU A CB  1 
ATOM   256  C  CG  . GLU A 1 37  ? -5.863  -2.266  6.184   1.00 10.36 ? 37  GLU A CG  1 
ATOM   257  C  CD  . GLU A 1 37  ? -4.690  -1.394  5.831   1.00 10.77 ? 37  GLU A CD  1 
ATOM   258  O  OE1 . GLU A 1 37  ? -4.381  -0.479  6.620   1.00 11.88 ? 37  GLU A OE1 1 
ATOM   259  O  OE2 . GLU A 1 37  ? -4.047  -1.671  4.788   1.00 12.61 ? 37  GLU A OE2 1 
ATOM   260  N  N   . GLU A 1 38  ? -8.113  -4.655  6.472   1.00 12.10 ? 38  GLU A N   1 
ATOM   261  C  CA  . GLU A 1 38  ? -7.893  -6.056  6.066   1.00 12.71 ? 38  GLU A CA  1 
ATOM   262  C  C   . GLU A 1 38  ? -7.197  -6.041  4.723   1.00 12.54 ? 38  GLU A C   1 
ATOM   263  O  O   . GLU A 1 38  ? -7.690  -5.360  3.820   1.00 12.15 ? 38  GLU A O   1 
ATOM   264  C  CB  . GLU A 1 38  ? -9.217  -6.785  5.968   1.00 15.66 ? 38  GLU A CB  1 
ATOM   265  C  CG  . GLU A 1 38  ? -10.041 -6.645  7.216   1.00 21.97 ? 38  GLU A CG  1 
ATOM   266  C  CD  . GLU A 1 38  ? -10.765 -7.915  7.581   1.00 32.91 ? 38  GLU A CD  1 
ATOM   267  O  OE1 . GLU A 1 38  ? -11.911 -8.094  7.102   1.00 43.02 ? 38  GLU A OE1 1 
ATOM   268  O  OE2 . GLU A 1 38  ? -10.141 -8.767  8.250   1.00 42.32 ? 38  GLU A OE2 1 
ATOM   269  N  N   . VAL A 1 39  ? -6.144  -6.845  4.601   1.00 11.01 ? 39  VAL A N   1 
ATOM   270  C  CA  . VAL A 1 39  ? -5.307  -6.950  3.392   1.00 11.91 ? 39  VAL A CA  1 
ATOM   271  C  C   . VAL A 1 39  ? -5.141  -8.425  3.063   1.00 12.30 ? 39  VAL A C   1 
ATOM   272  O  O   . VAL A 1 39  ? -4.992  -9.240  3.995   1.00 12.97 ? 39  VAL A O   1 
ATOM   273  C  CB  . VAL A 1 39  ? -3.955  -6.245  3.586   1.00 12.70 ? 39  VAL A CB  1 
ATOM   274  C  CG1 . VAL A 1 39  ? -2.899  -6.766  2.617   1.00 13.80 ? 39  VAL A CG1 1 
ATOM   275  C  CG2 . VAL A 1 39  ? -4.096  -4.735  3.471   1.00 14.23 ? 39  VAL A CG2 1 
ATOM   276  N  N   . VAL A 1 40  ? -5.156  -8.760  1.786   1.00 10.99 ? 40  VAL A N   1 
ATOM   277  C  CA  . VAL A 1 40  ? -4.788  -10.120 1.306   1.00 11.33 ? 40  VAL A CA  1 
ATOM   278  C  C   . VAL A 1 40  ? -3.733  -9.977  0.219   1.00 10.63 ? 40  VAL A C   1 
ATOM   279  O  O   . VAL A 1 40  ? -3.982  -9.233  -0.766  1.00 11.08 ? 40  VAL A O   1 
ATOM   280  C  CB  . VAL A 1 40  ? -6.015  -10.900 0.792   1.00 12.26 ? 40  VAL A CB  1 
ATOM   281  C  CG1 . VAL A 1 40  ? -5.615  -12.252 0.253   1.00 12.89 ? 40  VAL A CG1 1 
ATOM   282  C  CG2 . VAL A 1 40  ? -7.073  -11.055 1.862   1.00 14.93 ? 40  VAL A CG2 1 
ATOM   283  N  N   . PHE A 1 41  ? -2.610  -10.682 0.368   1.00 10.55 ? 41  PHE A N   1 
ATOM   284  C  CA  . PHE A 1 41  ? -1.622  -10.901 -0.703  1.00 10.61 ? 41  PHE A CA  1 
ATOM   285  C  C   . PHE A 1 41  ? -1.725  -12.344 -1.169  1.00 10.78 ? 41  PHE A C   1 
ATOM   286  O  O   . PHE A 1 41  ? -1.756  -13.255 -0.305  1.00 11.00 ? 41  PHE A O   1 
ATOM   287  C  CB  . PHE A 1 41  ? -0.208  -10.639 -0.216  1.00 10.81 ? 41  PHE A CB  1 
ATOM   288  C  CG  . PHE A 1 41  ? 0.140   -9.191  -0.035  1.00 11.03 ? 41  PHE A CG  1 
ATOM   289  C  CD1 . PHE A 1 41  ? 0.535   -8.418  -1.118  1.00 10.87 ? 41  PHE A CD1 1 
ATOM   290  C  CD2 . PHE A 1 41  ? 0.218   -8.638  1.236   1.00 11.07 ? 41  PHE A CD2 1 
ATOM   291  C  CE1 . PHE A 1 41  ? 0.957   -7.108  -0.936  1.00 11.17 ? 41  PHE A CE1 1 
ATOM   292  C  CE2 . PHE A 1 41  ? 0.620   -7.325  1.414   1.00 11.06 ? 41  PHE A CE2 1 
ATOM   293  C  CZ  . PHE A 1 41  ? 0.951   -6.552  0.328   1.00 11.77 ? 41  PHE A CZ  1 
ATOM   294  N  N   . ALA A 1 42  ? -1.828  -12.548 -2.473  1.00 10.34 ? 42  ALA A N   1 
ATOM   295  C  CA  . ALA A 1 42  ? -1.856  -13.887 -3.088  1.00 10.54 ? 42  ALA A CA  1 
ATOM   296  C  C   . ALA A 1 42  ? -1.062  -13.857 -4.398  1.00 10.70 ? 42  ALA A C   1 
ATOM   297  O  O   . ALA A 1 42  ? -0.383  -12.860 -4.658  1.00 10.96 ? 42  ALA A O   1 
ATOM   298  C  CB  . ALA A 1 42  ? -3.279  -14.335 -3.291  1.00 10.89 ? 42  ALA A CB  1 
ATOM   299  N  N   . HIS A 1 43  ? -1.079  -14.948 -5.162  1.00 11.63 ? 43  HIS A N   1 
ATOM   300  C  CA  . HIS A 1 43  ? -0.378  -15.018 -6.455  1.00 11.69 ? 43  HIS A CA  1 
ATOM   301  C  C   . HIS A 1 43  ? -1.037  -16.077 -7.329  1.00 12.16 ? 43  HIS A C   1 
ATOM   302  O  O   . HIS A 1 43  ? -1.821  -16.874 -6.791  1.00 13.64 ? 43  HIS A O   1 
ATOM   303  C  CB  . HIS A 1 43  ? 1.111   -15.267 -6.244  1.00 12.85 ? 43  HIS A CB  1 
ATOM   304  C  CG  . HIS A 1 43  ? 1.442   -16.673 -5.878  1.00 12.90 ? 43  HIS A CG  1 
ATOM   305  N  ND1 . HIS A 1 43  ? 1.792   -17.633 -6.837  1.00 13.34 ? 43  HIS A ND1 1 
ATOM   306  C  CD2 . HIS A 1 43  ? 1.421   -17.312 -4.682  1.00 14.38 ? 43  HIS A CD2 1 
ATOM   307  C  CE1 . HIS A 1 43  ? 1.994   -18.787 -6.231  1.00 14.71 ? 43  HIS A CE1 1 
ATOM   308  N  NE2 . HIS A 1 43  ? 1.738   -18.627 -4.911  1.00 13.14 ? 43  HIS A NE2 1 
ATOM   309  N  N   . VAL A 1 44  ? -0.697  -16.083 -8.612  1.00 12.22 ? 44  VAL A N   1 
ATOM   310  C  CA  . VAL A 1 44  ? -1.217  -17.055 -9.612  1.00 12.48 ? 44  VAL A CA  1 
ATOM   311  C  C   . VAL A 1 44  ? -0.034  -17.658 -10.391 1.00 13.75 ? 44  VAL A C   1 
ATOM   312  O  O   . VAL A 1 44  ? -0.237  -18.113 -11.511 1.00 15.85 ? 44  VAL A O   1 
ATOM   313  C  CB  . VAL A 1 44  ? -2.280  -16.411 -10.523 1.00 12.72 ? 44  VAL A CB  1 
ATOM   314  C  CG1 . VAL A 1 44  ? -3.503  -15.975 -9.734  1.00 13.01 ? 44  VAL A CG1 1 
ATOM   315  C  CG2 . VAL A 1 44  ? -1.722  -15.248 -11.344 1.00 12.88 ? 44  VAL A CG2 1 
ATOM   316  N  N   . GLY A 1 45  ? 1.149   -17.713 -9.795  1.00 11.92 ? 45  GLY A N   1 
ATOM   317  C  CA  . GLY A 1 45  ? 2.295   -18.457 -10.363 1.00 13.33 ? 45  GLY A CA  1 
ATOM   318  C  C   . GLY A 1 45  ? 3.180   -17.592 -11.247 1.00 13.27 ? 45  GLY A C   1 
ATOM   319  O  O   . GLY A 1 45  ? 4.197   -18.113 -11.762 1.00 13.30 ? 45  GLY A O   1 
ATOM   320  N  N   . LYS A 1 46  ? 2.878   -16.296 -11.365 1.00 13.17 ? 46  LYS A N   1 
ATOM   321  C  CA  . LYS A 1 46  ? 3.686   -15.327 -12.150 1.00 13.20 ? 46  LYS A CA  1 
ATOM   322  C  C   . LYS A 1 46  ? 4.474   -14.396 -11.229 1.00 13.03 ? 46  LYS A C   1 
ATOM   323  O  O   . LYS A 1 46  ? 4.304   -14.435 -10.013 1.00 14.26 ? 46  LYS A O   1 
ATOM   324  C  CB  . LYS A 1 46  ? 2.748   -14.551 -13.056 1.00 16.19 ? 46  LYS A CB  1 
ATOM   325  C  CG  . LYS A 1 46  ? 2.009   -15.396 -14.068 1.00 19.81 ? 46  LYS A CG  1 
ATOM   326  C  CD  . LYS A 1 46  ? 1.553   -14.565 -15.242 1.00 24.98 ? 46  LYS A CD  1 
ATOM   327  C  CE  . LYS A 1 46  ? 0.911   -15.360 -16.351 1.00 28.62 ? 46  LYS A CE  1 
ATOM   328  N  NZ  . LYS A 1 46  ? -0.041  -14.513 -17.102 1.00 31.26 ? 46  LYS A NZ  1 
ATOM   329  N  N   . PRO A 1 47  ? 5.431   -13.588 -11.761 1.00 12.22 ? 47  PRO A N   1 
ATOM   330  C  CA  . PRO A 1 47  ? 6.268   -12.730 -10.925 1.00 12.68 ? 47  PRO A CA  1 
ATOM   331  C  C   . PRO A 1 47  ? 5.553   -11.483 -10.395 1.00 12.08 ? 47  PRO A C   1 
ATOM   332  O  O   . PRO A 1 47  ? 6.093   -10.377 -10.538 1.00 11.19 ? 47  PRO A O   1 
ATOM   333  C  CB  . PRO A 1 47  ? 7.399   -12.242 -11.852 1.00 13.80 ? 47  PRO A CB  1 
ATOM   334  C  CG  . PRO A 1 47  ? 7.327   -13.135 -13.059 1.00 14.77 ? 47  PRO A CG  1 
ATOM   335  C  CD  . PRO A 1 47  ? 5.906   -13.630 -13.146 1.00 15.11 ? 47  PRO A CD  1 
ATOM   336  N  N   . PHE A 1 48  ? 4.347   -11.655 -9.866  1.00 10.75 ? 48  PHE A N   1 
ATOM   337  C  CA  . PHE A 1 48  ? 3.613   -10.585 -9.140  1.00 9.44  ? 48  PHE A CA  1 
ATOM   338  C  C   . PHE A 1 48  ? 2.734   -11.201 -8.062  1.00 9.35  ? 48  PHE A C   1 
ATOM   339  O  O   . PHE A 1 48  ? 2.289   -12.377 -8.174  1.00 8.69  ? 48  PHE A O   1 
ATOM   340  C  CB  . PHE A 1 48  ? 2.772   -9.724  -10.090 1.00 9.11  ? 48  PHE A CB  1 
ATOM   341  C  CG  . PHE A 1 48  ? 1.668   -10.468 -10.800 1.00 8.86  ? 48  PHE A CG  1 
ATOM   342  C  CD1 . PHE A 1 48  ? 0.424   -10.641 -10.209 1.00 8.33  ? 48  PHE A CD1 1 
ATOM   343  C  CD2 . PHE A 1 48  ? 1.868   -10.970 -12.077 1.00 8.92  ? 48  PHE A CD2 1 
ATOM   344  C  CE1 . PHE A 1 48  ? -0.568  -11.381 -10.839 1.00 8.74  ? 48  PHE A CE1 1 
ATOM   345  C  CE2 . PHE A 1 48  ? 0.851   -11.635 -12.744 1.00 8.99  ? 48  PHE A CE2 1 
ATOM   346  C  CZ  . PHE A 1 48  ? -0.349  -11.878 -12.117 1.00 8.95  ? 48  PHE A CZ  1 
ATOM   347  N  N   . LEU A 1 49  ? 2.547   -10.438 -6.987  1.00 9.86  ? 49  LEU A N   1 
ATOM   348  C  CA  . LEU A 1 49  ? 1.523   -10.702 -5.975  1.00 9.30  ? 49  LEU A CA  1 
ATOM   349  C  C   . LEU A 1 49  ? 0.243   -9.992  -6.401  1.00 9.53  ? 49  LEU A C   1 
ATOM   350  O  O   . LEU A 1 49  ? 0.334   -8.833  -6.895  1.00 10.63 ? 49  LEU A O   1 
ATOM   351  C  CB  . LEU A 1 49  ? 2.005   -10.184 -4.619  1.00 9.95  ? 49  LEU A CB  1 
ATOM   352  C  CG  . LEU A 1 49  ? 3.262   -10.850 -4.076  1.00 11.71 ? 49  LEU A CG  1 
ATOM   353  C  CD1 . LEU A 1 49  ? 3.629   -10.263 -2.725  1.00 13.69 ? 49  LEU A CD1 1 
ATOM   354  C  CD2 . LEU A 1 49  ? 3.061   -12.360 -3.981  1.00 13.86 ? 49  LEU A CD2 1 
ATOM   355  N  N   . THR A 1 50  ? -0.896  -10.602 -6.130  1.00 9.21  ? 50  THR A N   1 
ATOM   356  C  CA  . THR A 1 50  ? -2.197  -9.915  -6.112  1.00 9.53  ? 50  THR A CA  1 
ATOM   357  C  C   . THR A 1 50  ? -2.342  -9.243  -4.756  1.00 9.02  ? 50  THR A C   1 
ATOM   358  O  O   . THR A 1 50  ? -1.869  -9.805  -3.751  1.00 9.42  ? 50  THR A O   1 
ATOM   359  C  CB  . THR A 1 50  ? -3.357  -10.860 -6.433  1.00 10.60 ? 50  THR A CB  1 
ATOM   360  O  OG1 . THR A 1 50  ? -3.469  -11.837 -5.387  1.00 10.91 ? 50  THR A OG1 1 
ATOM   361  C  CG2 . THR A 1 50  ? -3.215  -11.531 -7.781  1.00 11.68 ? 50  THR A CG2 1 
ATOM   362  N  N   . TYR A 1 51  ? -3.043  -8.122  -4.698  1.00 9.72  ? 51  TYR A N   1 
ATOM   363  C  CA  . TYR A 1 51  ? -3.192  -7.343  -3.449  1.00 9.60  ? 51  TYR A CA  1 
ATOM   364  C  C   . TYR A 1 51  ? -4.564  -6.677  -3.402  1.00 10.99 ? 51  TYR A C   1 
ATOM   365  O  O   . TYR A 1 51  ? -4.985  -6.086  -4.384  1.00 12.24 ? 51  TYR A O   1 
ATOM   366  C  CB  . TYR A 1 51  ? -2.073  -6.314  -3.354  1.00 8.98  ? 51  TYR A CB  1 
ATOM   367  C  CG  . TYR A 1 51  ? -2.323  -5.206  -2.355  1.00 10.06 ? 51  TYR A CG  1 
ATOM   368  C  CD1 . TYR A 1 51  ? -2.176  -5.413  -0.996  1.00 11.04 ? 51  TYR A CD1 1 
ATOM   369  C  CD2 . TYR A 1 51  ? -2.725  -3.943  -2.777  1.00 10.74 ? 51  TYR A CD2 1 
ATOM   370  C  CE1 . TYR A 1 51  ? -2.389  -4.392  -0.079  1.00 11.03 ? 51  TYR A CE1 1 
ATOM   371  C  CE2 . TYR A 1 51  ? -2.902  -2.901  -1.877  1.00 10.31 ? 51  TYR A CE2 1 
ATOM   372  C  CZ  . TYR A 1 51  ? -2.760  -3.137  -0.517  1.00 10.35 ? 51  TYR A CZ  1 
ATOM   373  O  OH  . TYR A 1 51  ? -2.961  -2.123  0.393   1.00 10.15 ? 51  TYR A OH  1 
ATOM   374  N  N   . THR A 1 52  ? -5.275  -6.850  -2.297  1.00 10.91 ? 52  THR A N   1 
ATOM   375  C  CA  A THR A 1 52  ? -6.551  -6.147  -2.040  0.50 10.98 ? 52  THR A CA  1 
ATOM   376  C  CA  B THR A 1 52  ? -6.569  -6.156  -2.033  0.50 11.34 ? 52  THR A CA  1 
ATOM   377  C  C   . THR A 1 52  ? -6.557  -5.634  -0.604  1.00 11.28 ? 52  THR A C   1 
ATOM   378  O  O   . THR A 1 52  ? -6.126  -6.393  0.279   1.00 12.60 ? 52  THR A O   1 
ATOM   379  C  CB  A THR A 1 52  ? -7.719  -7.084  -2.322  0.50 11.62 ? 52  THR A CB  1 
ATOM   380  C  CB  B THR A 1 52  ? -7.787  -7.074  -2.206  0.50 12.72 ? 52  THR A CB  1 
ATOM   381  O  OG1 A THR A 1 52  ? -7.466  -8.274  -1.567  0.50 14.62 ? 52  THR A OG1 1 
ATOM   382  O  OG1 B THR A 1 52  ? -8.953  -6.275  -2.431  0.50 13.97 ? 52  THR A OG1 1 
ATOM   383  C  CG2 A THR A 1 52  ? -7.856  -7.391  -3.795  0.50 10.38 ? 52  THR A CG2 1 
ATOM   384  C  CG2 B THR A 1 52  ? -8.036  -7.946  -0.993  0.50 13.28 ? 52  THR A CG2 1 
ATOM   385  N  N   . GLN A 1 53  ? -7.070  -4.430  -0.417  1.00 10.45 ? 53  GLN A N   1 
ATOM   386  C  CA  . GLN A 1 53  ? -7.227  -3.767  0.901   1.00 11.04 ? 53  GLN A CA  1 
ATOM   387  C  C   . GLN A 1 53  ? -8.680  -3.334  1.037   1.00 10.38 ? 53  GLN A C   1 
ATOM   388  O  O   . GLN A 1 53  ? -9.231  -2.814  0.065   1.00 12.34 ? 53  GLN A O   1 
ATOM   389  C  CB  . GLN A 1 53  ? -6.291  -2.561  1.007   1.00 12.13 ? 53  GLN A CB  1 
ATOM   390  C  CG  . GLN A 1 53  ? -6.486  -1.748  2.278   1.00 12.75 ? 53  GLN A CG  1 
ATOM   391  C  CD  . GLN A 1 53  ? -6.171  -0.284  2.084   1.00 14.73 ? 53  GLN A CD  1 
ATOM   392  O  OE1 . GLN A 1 53  ? -5.176  0.223   2.580   1.00 19.27 ? 53  GLN A OE1 1 
ATOM   393  N  NE2 . GLN A 1 53  ? -7.010  0.410   1.337   1.00 16.44 ? 53  GLN A NE2 1 
ATOM   394  N  N   . GLN A 1 54  ? -9.287  -3.543  2.199   1.00 10.34 ? 54  GLN A N   1 
ATOM   395  C  CA  . GLN A 1 54  ? -10.573 -2.898  2.567   1.00 11.43 ? 54  GLN A CA  1 
ATOM   396  C  C   . GLN A 1 54  ? -10.398 -2.249  3.933   1.00 10.50 ? 54  GLN A C   1 
ATOM   397  O  O   . GLN A 1 54  ? -9.831  -2.888  4.835   1.00 10.93 ? 54  GLN A O   1 
ATOM   398  C  CB  . GLN A 1 54  ? -11.741 -3.883  2.587   1.00 14.00 ? 54  GLN A CB  1 
ATOM   399  C  CG  . GLN A 1 54  ? -13.101 -3.223  2.910   1.00 17.22 ? 54  GLN A CG  1 
ATOM   400  C  CD  . GLN A 1 54  ? -13.609 -2.296  1.818   1.00 20.82 ? 54  GLN A CD  1 
ATOM   401  O  OE1 . GLN A 1 54  ? -13.923 -2.735  0.695   1.00 21.67 ? 54  GLN A OE1 1 
ATOM   402  N  NE2 . GLN A 1 54  ? -13.770 -1.013  2.152   1.00 18.97 ? 54  GLN A NE2 1 
ATOM   403  N  N   . THR A 1 55  ? -10.843 -1.018  4.082   1.00 10.04 ? 55  THR A N   1 
ATOM   404  C  CA  . THR A 1 55  ? -10.818 -0.332  5.394   1.00 11.10 ? 55  THR A CA  1 
ATOM   405  C  C   . THR A 1 55  ? -12.240 0.042   5.772   1.00 11.44 ? 55  THR A C   1 
ATOM   406  O  O   . THR A 1 55  ? -13.086 0.215   4.859   1.00 12.32 ? 55  THR A O   1 
ATOM   407  C  CB  . THR A 1 55  ? -9.863  0.857   5.408   1.00 11.24 ? 55  THR A CB  1 
ATOM   408  O  OG1 . THR A 1 55  ? -10.441 1.903   4.619   1.00 12.71 ? 55  THR A OG1 1 
ATOM   409  C  CG2 . THR A 1 55  ? -8.482  0.469   4.905   1.00 10.09 ? 55  THR A CG2 1 
ATOM   410  N  N   . ARG A 1 56  ? -12.479 0.206   7.069   1.00 11.58 ? 56  ARG A N   1 
ATOM   411  C  CA  . ARG A 1 56  ? -13.810 0.585   7.605   1.00 13.81 ? 56  ARG A CA  1 
ATOM   412  C  C   . ARG A 1 56  ? -13.630 1.347   8.909   1.00 13.65 ? 56  ARG A C   1 
ATOM   413  O  O   . ARG A 1 56  ? -12.528 1.297   9.508   1.00 11.92 ? 56  ARG A O   1 
ATOM   414  C  CB  . ARG A 1 56  ? -14.682 -0.655  7.816   1.00 16.73 ? 56  ARG A CB  1 
ATOM   415  C  CG  . ARG A 1 56  ? -14.149 -1.633  8.841   1.00 20.59 ? 56  ARG A CG  1 
ATOM   416  C  CD  . ARG A 1 56  ? -14.985 -2.904  8.869   1.00 22.91 ? 56  ARG A CD  1 
ATOM   417  N  NE  . ARG A 1 56  ? -14.682 -3.740  10.022  1.00 25.54 ? 56  ARG A NE  1 
ATOM   418  C  CZ  . ARG A 1 56  ? -13.578 -4.465  10.161  1.00 28.46 ? 56  ARG A CZ  1 
ATOM   419  N  NH1 . ARG A 1 56  ? -12.641 -4.442  9.227   1.00 27.31 ? 56  ARG A NH1 1 
ATOM   420  N  NH2 . ARG A 1 56  ? -13.407 -5.197  11.253  1.00 31.44 ? 56  ARG A NH2 1 
ATOM   421  N  N   . ALA A 1 57  ? -14.653 2.097   9.306   1.00 14.72 ? 57  ALA A N   1 
ATOM   422  C  CA  . ALA A 1 57  ? -14.593 2.991   10.481  1.00 16.36 ? 57  ALA A CA  1 
ATOM   423  C  C   . ALA A 1 57  ? -14.490 2.133   11.739  1.00 15.70 ? 57  ALA A C   1 
ATOM   424  O  O   . ALA A 1 57  ? -15.094 1.058   11.777  1.00 16.27 ? 57  ALA A O   1 
ATOM   425  C  CB  . ALA A 1 57  ? -15.803 3.889   10.510  1.00 18.14 ? 57  ALA A CB  1 
ATOM   426  N  N   . VAL A 1 58  ? -13.661 2.541   12.690  1.00 16.56 ? 58  VAL A N   1 
ATOM   427  C  CA  . VAL A 1 58  ? -13.521 1.819   13.983  1.00 18.11 ? 58  VAL A CA  1 
ATOM   428  C  C   . VAL A 1 58  ? -14.870 1.868   14.718  1.00 22.13 ? 58  VAL A C   1 
ATOM   429  O  O   . VAL A 1 58  ? -15.297 0.804   15.211  1.00 20.85 ? 58  VAL A O   1 
ATOM   430  C  CB  . VAL A 1 58  ? -12.381 2.401   14.832  1.00 17.28 ? 58  VAL A CB  1 
ATOM   431  C  CG1 . VAL A 1 58  ? -12.279 1.682   16.168  1.00 17.16 ? 58  VAL A CG1 1 
ATOM   432  C  CG2 . VAL A 1 58  ? -11.054 2.347   14.108  1.00 17.24 ? 58  VAL A CG2 1 
ATOM   433  N  N   . ALA A 1 59  ? -15.561 3.015   14.658  1.00 26.54 ? 59  ALA A N   1 
ATOM   434  C  CA  . ALA A 1 59  ? -16.822 3.296   15.394  1.00 34.27 ? 59  ALA A CA  1 
ATOM   435  C  C   . ALA A 1 59  ? -17.940 2.355   14.912  1.00 40.15 ? 59  ALA A C   1 
ATOM   436  O  O   . ALA A 1 59  ? -18.434 1.564   15.739  1.00 46.29 ? 59  ALA A O   1 
ATOM   437  C  CB  . ALA A 1 59  ? -17.199 4.751   15.227  1.00 34.32 ? 59  ALA A CB  1 
ATOM   438  N  N   . ASP A 1 60  ? -18.288 2.392   13.616  1.00 39.56 ? 60  ASP A N   1 
ATOM   439  C  CA  . ASP A 1 60  ? -19.561 1.820   13.080  1.00 40.96 ? 60  ASP A CA  1 
ATOM   440  C  C   . ASP A 1 60  ? -19.287 0.785   11.971  1.00 38.69 ? 60  ASP A C   1 
ATOM   441  O  O   . ASP A 1 60  ? -20.258 0.229   11.455  1.00 38.88 ? 60  ASP A O   1 
ATOM   442  C  CB  . ASP A 1 60  ? -20.500 2.919   12.568  1.00 43.09 ? 60  ASP A CB  1 
ATOM   443  C  CG  . ASP A 1 60  ? -19.861 3.851   11.555  1.00 46.77 ? 60  ASP A CG  1 
ATOM   444  O  OD1 . ASP A 1 60  ? -18.905 3.428   10.897  1.00 49.78 ? 60  ASP A OD1 1 
ATOM   445  O  OD2 . ASP A 1 60  ? -20.324 4.992   11.441  1.00 49.48 ? 60  ASP A OD2 1 
ATOM   446  N  N   . GLY A 1 61  ? -18.019 0.551   11.611  1.00 33.22 ? 61  GLY A N   1 
ATOM   447  C  CA  . GLY A 1 61  ? -17.618 -0.423  10.574  1.00 30.05 ? 61  GLY A CA  1 
ATOM   448  C  C   . GLY A 1 61  ? -18.111 -0.040  9.181   1.00 24.49 ? 61  GLY A C   1 
ATOM   449  O  O   . GLY A 1 61  ? -18.084 -0.906  8.301   1.00 25.81 ? 61  GLY A O   1 
ATOM   450  N  N   . LYS A 1 62  ? -18.431 1.233   8.959   1.00 24.70 ? 62  LYS A N   1 
ATOM   451  C  CA  . LYS A 1 62  ? -18.784 1.785   7.618   1.00 27.03 ? 62  LYS A CA  1 
ATOM   452  C  C   . LYS A 1 62  ? -17.563 1.724   6.701   1.00 23.91 ? 62  LYS A C   1 
ATOM   453  O  O   . LYS A 1 62  ? -16.475 2.179   7.071   1.00 20.90 ? 62  LYS A O   1 
ATOM   454  C  CB  . LYS A 1 62  ? -19.264 3.233   7.734   1.00 32.06 ? 62  LYS A CB  1 
ATOM   455  C  CG  . LYS A 1 62  ? -20.719 3.390   8.152   1.00 40.12 ? 62  LYS A CG  1 
ATOM   456  C  CD  . LYS A 1 62  ? -21.135 4.829   8.330   1.00 46.64 ? 62  LYS A CD  1 
ATOM   457  C  CE  . LYS A 1 62  ? -22.412 4.983   9.129   1.00 50.51 ? 62  LYS A CE  1 
ATOM   458  N  NZ  . LYS A 1 62  ? -22.566 6.368   9.635   1.00 53.80 ? 62  LYS A NZ  1 
ATOM   459  N  N   . PRO A 1 63  ? -17.714 1.275   5.437   1.00 20.42 ? 63  PRO A N   1 
ATOM   460  C  CA  . PRO A 1 63  ? -16.572 1.174   4.544   1.00 18.61 ? 63  PRO A CA  1 
ATOM   461  C  C   . PRO A 1 63  ? -15.999 2.561   4.255   1.00 16.89 ? 63  PRO A C   1 
ATOM   462  O  O   . PRO A 1 63  ? -16.737 3.526   4.023   1.00 16.99 ? 63  PRO A O   1 
ATOM   463  C  CB  . PRO A 1 63  ? -17.124 0.490   3.276   1.00 19.55 ? 63  PRO A CB  1 
ATOM   464  C  CG  . PRO A 1 63  ? -18.615 0.790   3.309   1.00 23.16 ? 63  PRO A CG  1 
ATOM   465  C  CD  . PRO A 1 63  ? -18.979 0.909   4.782   1.00 21.96 ? 63  PRO A CD  1 
ATOM   466  N  N   . LEU A 1 64  ? -14.692 2.670   4.330   1.00 14.73 ? 64  LEU A N   1 
ATOM   467  C  CA  . LEU A 1 64  ? -13.983 3.901   3.983   1.00 16.21 ? 64  LEU A CA  1 
ATOM   468  C  C   . LEU A 1 64  ? -13.269 3.643   2.656   1.00 20.15 ? 64  LEU A C   1 
ATOM   469  O  O   . LEU A 1 64  ? -13.966 3.364   1.671   1.00 26.66 ? 64  LEU A O   1 
ATOM   470  C  CB  . LEU A 1 64  ? -13.064 4.288   5.150   1.00 16.62 ? 64  LEU A CB  1 
ATOM   471  C  CG  . LEU A 1 64  ? -13.809 4.632   6.444   1.00 18.15 ? 64  LEU A CG  1 
ATOM   472  C  CD1 . LEU A 1 64  ? -12.849 4.770   7.618   1.00 17.46 ? 64  LEU A CD1 1 
ATOM   473  C  CD2 . LEU A 1 64  ? -14.618 5.915   6.271   1.00 17.93 ? 64  LEU A CD2 1 
ATOM   474  N  N   . HIS A 1 65  ? -11.963 3.516   2.661   1.00 16.32 ? 65  HIS A N   1 
ATOM   475  C  CA  . HIS A 1 65  ? -11.168 3.374   1.429   1.00 14.49 ? 65  HIS A CA  1 
ATOM   476  C  C   . HIS A 1 65  ? -11.009 1.885   1.120   1.00 14.62 ? 65  HIS A C   1 
ATOM   477  O  O   . HIS A 1 65  ? -11.089 1.052   2.041   1.00 15.37 ? 65  HIS A O   1 
ATOM   478  C  CB  . HIS A 1 65  ? -9.831  4.107   1.588   1.00 15.13 ? 65  HIS A CB  1 
ATOM   479  C  CG  . HIS A 1 65  ? -8.962  4.039   0.377   1.00 16.77 ? 65  HIS A CG  1 
ATOM   480  N  ND1 . HIS A 1 65  ? -7.905  3.127   0.273   1.00 20.13 ? 65  HIS A ND1 1 
ATOM   481  C  CD2 . HIS A 1 65  ? -8.916  4.817   -0.728  1.00 20.24 ? 65  HIS A CD2 1 
ATOM   482  C  CE1 . HIS A 1 65  ? -7.284  3.320   -0.870  1.00 21.49 ? 65  HIS A CE1 1 
ATOM   483  N  NE2 . HIS A 1 65  ? -7.915  4.328   -1.532  1.00 17.78 ? 65  HIS A NE2 1 
ATOM   484  N  N   . SER A 1 66  ? -10.830 1.545   -0.140  1.00 12.91 ? 66  SER A N   1 
ATOM   485  C  CA  . SER A 1 66  ? -10.276 0.235   -0.539  1.00 11.75 ? 66  SER A CA  1 
ATOM   486  C  C   . SER A 1 66  ? -9.271  0.481   -1.656  1.00 9.64  ? 66  SER A C   1 
ATOM   487  O  O   . SER A 1 66  ? -9.291  1.558   -2.250  1.00 9.94  ? 66  SER A O   1 
ATOM   488  C  CB  . SER A 1 66  ? -11.385 -0.738  -0.957  1.00 12.78 ? 66  SER A CB  1 
ATOM   489  O  OG  . SER A 1 66  ? -12.158 -0.189  -2.030  1.00 15.16 ? 66  SER A OG  1 
ATOM   490  N  N   . GLU A 1 67  ? -8.482  -0.518  -1.987  1.00 9.35  ? 67  GLU A N   1 
ATOM   491  C  CA  . GLU A 1 67  ? -7.566  -0.453  -3.140  1.00 9.56  ? 67  GLU A CA  1 
ATOM   492  C  C   . GLU A 1 67  ? -7.244  -1.870  -3.582  1.00 9.21  ? 67  GLU A C   1 
ATOM   493  O  O   . GLU A 1 67  ? -7.435  -2.802  -2.801  1.00 8.72  ? 67  GLU A O   1 
ATOM   494  C  CB  . GLU A 1 67  ? -6.310  0.368   -2.834  1.00 10.22 ? 67  GLU A CB  1 
ATOM   495  C  CG  . GLU A 1 67  ? -5.553  -0.091  -1.608  1.00 10.43 ? 67  GLU A CG  1 
ATOM   496  C  CD  . GLU A 1 67  ? -4.343  0.746   -1.230  1.00 11.20 ? 67  GLU A CD  1 
ATOM   497  O  OE1 . GLU A 1 67  ? -4.383  1.969   -1.441  1.00 10.95 ? 67  GLU A OE1 1 
ATOM   498  O  OE2 . GLU A 1 67  ? -3.396  0.182   -0.642  1.00 10.55 ? 67  GLU A OE2 1 
ATOM   499  N  N   . THR A 1 68  ? -6.950  -2.028  -4.862  1.00 8.26  ? 68  THR A N   1 
ATOM   500  C  CA  . THR A 1 68  ? -6.761  -3.351  -5.452  1.00 8.02  ? 68  THR A CA  1 
ATOM   501  C  C   . THR A 1 68  ? -5.764  -3.260  -6.597  1.00 8.46  ? 68  THR A C   1 
ATOM   502  O  O   . THR A 1 68  ? -5.789  -2.259  -7.351  1.00 8.17  ? 68  THR A O   1 
ATOM   503  C  CB  . THR A 1 68  ? -8.113  -3.933  -5.864  1.00 8.97  ? 68  THR A CB  1 
ATOM   504  O  OG1 . THR A 1 68  ? -7.889  -5.293  -6.235  1.00 9.77  ? 68  THR A OG1 1 
ATOM   505  C  CG2 . THR A 1 68  ? -8.763  -3.147  -6.981  1.00 9.34  ? 68  THR A CG2 1 
ATOM   506  N  N   . GLY A 1 69  ? -4.943  -4.283  -6.758  1.00 8.45  ? 69  GLY A N   1 
ATOM   507  C  CA  . GLY A 1 69  ? -4.009  -4.383  -7.875  1.00 8.28  ? 69  GLY A CA  1 
ATOM   508  C  C   . GLY A 1 69  ? -2.923  -5.377  -7.596  1.00 7.76  ? 69  GLY A C   1 
ATOM   509  O  O   . GLY A 1 69  ? -3.252  -6.516  -7.177  1.00 7.88  ? 69  GLY A O   1 
ATOM   510  N  N   . TYR A 1 70  ? -1.694  -5.031  -7.954  1.00 7.79  ? 70  TYR A N   1 
ATOM   511  C  CA  . TYR A 1 70  ? -0.606  -6.004  -8.161  1.00 8.03  ? 70  TYR A CA  1 
ATOM   512  C  C   . TYR A 1 70  ? 0.687   -5.426  -7.614  1.00 8.43  ? 70  TYR A C   1 
ATOM   513  O  O   . TYR A 1 70  ? 0.947   -4.215  -7.802  1.00 8.32  ? 70  TYR A O   1 
ATOM   514  C  CB  . TYR A 1 70  ? -0.506  -6.373  -9.645  1.00 8.58  ? 70  TYR A CB  1 
ATOM   515  C  CG  . TYR A 1 70  ? -1.817  -6.842  -10.228 1.00 8.20  ? 70  TYR A CG  1 
ATOM   516  C  CD1 . TYR A 1 70  ? -2.298  -8.111  -9.945  1.00 8.96  ? 70  TYR A CD1 1 
ATOM   517  C  CD2 . TYR A 1 70  ? -2.648  -5.979  -10.927 1.00 8.39  ? 70  TYR A CD2 1 
ATOM   518  C  CE1 . TYR A 1 70  ? -3.539  -8.536  -10.402 1.00 9.27  ? 70  TYR A CE1 1 
ATOM   519  C  CE2 . TYR A 1 70  ? -3.902  -6.375  -11.352 1.00 8.54  ? 70  TYR A CE2 1 
ATOM   520  C  CZ  . TYR A 1 70  ? -4.327  -7.668  -11.146 1.00 9.22  ? 70  TYR A CZ  1 
ATOM   521  O  OH  . TYR A 1 70  ? -5.570  -8.059  -11.575 1.00 10.00 ? 70  TYR A OH  1 
ATOM   522  N  N   . LEU A 1 71  ? 1.505   -6.283  -7.008  1.00 8.14  ? 71  LEU A N   1 
ATOM   523  C  CA  . LEU A 1 71  ? 2.898   -5.957  -6.636  1.00 9.07  ? 71  LEU A CA  1 
ATOM   524  C  C   . LEU A 1 71  ? 3.815   -6.784  -7.526  1.00 8.98  ? 71  LEU A C   1 
ATOM   525  O  O   . LEU A 1 71  ? 3.927   -7.994  -7.310  1.00 10.74 ? 71  LEU A O   1 
ATOM   526  C  CB  . LEU A 1 71  ? 3.133   -6.197  -5.141  1.00 9.74  ? 71  LEU A CB  1 
ATOM   527  C  CG  . LEU A 1 71  ? 4.499   -5.745  -4.590  1.00 11.16 ? 71  LEU A CG  1 
ATOM   528  C  CD1 . LEU A 1 71  ? 4.770   -4.280  -4.869  1.00 12.51 ? 71  LEU A CD1 1 
ATOM   529  C  CD2 . LEU A 1 71  ? 4.599   -6.001  -3.103  1.00 11.88 ? 71  LEU A CD2 1 
ATOM   530  N  N   . ARG A 1 72  ? 4.351   -6.154  -8.558  1.00 9.88  ? 72  ARG A N   1 
ATOM   531  C  CA  . ARG A 1 72  ? 5.269   -6.780  -9.540  1.00 9.19  ? 72  ARG A CA  1 
ATOM   532  C  C   . ARG A 1 72  ? 6.684   -6.717  -8.991  1.00 9.00  ? 72  ARG A C   1 
ATOM   533  O  O   . ARG A 1 72  ? 7.080   -5.646  -8.531  1.00 8.78  ? 72  ARG A O   1 
ATOM   534  C  CB  . ARG A 1 72  ? 5.198   -6.062  -10.880 1.00 9.77  ? 72  ARG A CB  1 
ATOM   535  C  CG  . ARG A 1 72  ? 3.877   -6.250  -11.615 1.00 9.94  ? 72  ARG A CG  1 
ATOM   536  C  CD  . ARG A 1 72  ? 3.570   -5.129  -12.599 1.00 10.01 ? 72  ARG A CD  1 
ATOM   537  N  NE  . ARG A 1 72  ? 4.683   -4.809  -13.482 1.00 10.36 ? 72  ARG A NE  1 
ATOM   538  C  CZ  . ARG A 1 72  ? 5.013   -5.448  -14.593 1.00 10.54 ? 72  ARG A CZ  1 
ATOM   539  N  NH1 . ARG A 1 72  ? 4.304   -6.473  -15.040 1.00 11.10 ? 72  ARG A NH1 1 
ATOM   540  N  NH2 . ARG A 1 72  ? 6.017   -4.993  -15.306 1.00 11.08 ? 72  ARG A NH2 1 
ATOM   541  N  N   . VAL A 1 73  ? 7.469   -7.752  -9.234  1.00 8.60  ? 73  VAL A N   1 
ATOM   542  C  CA  . VAL A 1 73  ? 8.939   -7.694  -9.030  1.00 9.90  ? 73  VAL A CA  1 
ATOM   543  C  C   . VAL A 1 73  ? 9.605   -7.494  -10.392 1.00 10.44 ? 73  VAL A C   1 
ATOM   544  O  O   . VAL A 1 73  ? 9.418   -8.350  -11.278 1.00 12.53 ? 73  VAL A O   1 
ATOM   545  C  CB  . VAL A 1 73  ? 9.445   -8.941  -8.283  1.00 9.48  ? 73  VAL A CB  1 
ATOM   546  C  CG1 . VAL A 1 73  ? 10.973  -9.045  -8.333  1.00 9.58  ? 73  VAL A CG1 1 
ATOM   547  C  CG2 . VAL A 1 73  ? 8.925   -8.964  -6.844  1.00 10.15 ? 73  VAL A CG2 1 
ATOM   548  N  N   . CYS A 1 74  ? 10.209  -6.320  -10.588 1.00 10.70 ? 74  CYS A N   1 
ATOM   549  C  CA  . CYS A 1 74  ? 10.872  -5.877  -11.835 1.00 11.28 ? 74  CYS A CA  1 
ATOM   550  C  C   . CYS A 1 74  ? 12.339  -6.324  -11.773 1.00 11.80 ? 74  CYS A C   1 
ATOM   551  O  O   . CYS A 1 74  ? 13.228  -5.470  -11.807 1.00 13.93 ? 74  CYS A O   1 
ATOM   552  C  CB  . CYS A 1 74  ? 10.708  -4.359  -12.062 1.00 10.82 ? 74  CYS A CB  1 
ATOM   553  S  SG  . CYS A 1 74  ? 10.542  -3.370  -10.541 1.00 11.64 ? 74  CYS A SG  1 
ATOM   554  N  N   . ARG A 1 75  ? 12.547  -7.636  -11.626 1.00 12.03 ? 75  ARG A N   1 
ATOM   555  C  CA  . ARG A 1 75  ? 13.833  -8.276  -11.245 1.00 12.58 ? 75  ARG A CA  1 
ATOM   556  C  C   . ARG A 1 75  ? 14.010  -8.175  -9.736  1.00 11.43 ? 75  ARG A C   1 
ATOM   557  O  O   . ARG A 1 75  ? 13.668  -7.167  -9.128  1.00 10.71 ? 75  ARG A O   1 
ATOM   558  C  CB  . ARG A 1 75  ? 15.019  -7.642  -11.969 1.00 14.26 ? 75  ARG A CB  1 
ATOM   559  C  CG  . ARG A 1 75  ? 14.972  -7.780  -13.480 1.00 17.20 ? 75  ARG A CG  1 
ATOM   560  C  CD  . ARG A 1 75  ? 16.265  -7.314  -14.124 1.00 21.33 ? 75  ARG A CD  1 
ATOM   561  N  NE  . ARG A 1 75  ? 16.143  -7.278  -15.578 1.00 26.36 ? 75  ARG A NE  1 
ATOM   562  C  CZ  . ARG A 1 75  ? 17.168  -7.158  -16.429 1.00 30.77 ? 75  ARG A CZ  1 
ATOM   563  N  NH1 . ARG A 1 75  ? 18.407  -7.070  -15.978 1.00 30.08 ? 75  ARG A NH1 1 
ATOM   564  N  NH2 . ARG A 1 75  ? 16.938  -7.116  -17.728 1.00 33.75 ? 75  ARG A NH2 1 
ATOM   565  N  N   . PRO A 1 76  ? 14.519  -9.236  -9.070  1.00 10.92 ? 76  PRO A N   1 
ATOM   566  C  CA  . PRO A 1 76  ? 14.703  -9.201  -7.618  1.00 10.54 ? 76  PRO A CA  1 
ATOM   567  C  C   . PRO A 1 76  ? 15.333  -7.888  -7.114  1.00 9.92  ? 76  PRO A C   1 
ATOM   568  O  O   . PRO A 1 76  ? 16.319  -7.419  -7.677  1.00 10.77 ? 76  PRO A O   1 
ATOM   569  C  CB  . PRO A 1 76  ? 15.599  -10.441 -7.387  1.00 10.97 ? 76  PRO A CB  1 
ATOM   570  C  CG  . PRO A 1 76  ? 15.098  -11.425 -8.437  1.00 10.84 ? 76  PRO A CG  1 
ATOM   571  C  CD  . PRO A 1 76  ? 14.820  -10.556 -9.648  1.00 12.20 ? 76  PRO A CD  1 
ATOM   572  N  N   . GLY A 1 77  ? 14.683  -7.288  -6.105  1.00 9.91  ? 77  GLY A N   1 
ATOM   573  C  CA  . GLY A 1 77  ? 15.092  -6.036  -5.446  1.00 9.82  ? 77  GLY A CA  1 
ATOM   574  C  C   . GLY A 1 77  ? 14.247  -4.853  -5.897  1.00 9.95  ? 77  GLY A C   1 
ATOM   575  O  O   . GLY A 1 77  ? 14.381  -3.770  -5.293  1.00 10.10 ? 77  GLY A O   1 
ATOM   576  N  N   . CYS A 1 78  ? 13.560  -5.002  -7.028  1.00 8.76  ? 78  CYS A N   1 
ATOM   577  C  CA  . CYS A 1 78  ? 12.795  -3.915  -7.700  1.00 9.27  ? 78  CYS A CA  1 
ATOM   578  C  C   . CYS A 1 78  ? 11.297  -4.220  -7.569  1.00 9.17  ? 78  CYS A C   1 
ATOM   579  O  O   . CYS A 1 78  ? 10.919  -5.397  -7.812  1.00 9.52  ? 78  CYS A O   1 
ATOM   580  C  CB  . CYS A 1 78  ? 13.218  -3.854  -9.158  1.00 9.93  ? 78  CYS A CB  1 
ATOM   581  S  SG  . CYS A 1 78  ? 12.398  -2.574  -10.144 1.00 11.66 ? 78  CYS A SG  1 
ATOM   582  N  N   . VAL A 1 79  ? 10.458  -3.222  -7.299  1.00 8.77  ? 79  VAL A N   1 
ATOM   583  C  CA  . VAL A 1 79  ? 8.979   -3.415  -7.251  1.00 9.18  ? 79  VAL A CA  1 
ATOM   584  C  C   . VAL A 1 79  ? 8.256   -2.318  -8.027  1.00 8.60  ? 79  VAL A C   1 
ATOM   585  O  O   . VAL A 1 79  ? 8.677   -1.156  -8.006  1.00 8.07  ? 79  VAL A O   1 
ATOM   586  C  CB  . VAL A 1 79  ? 8.430   -3.529  -5.818  1.00 10.20 ? 79  VAL A CB  1 
ATOM   587  C  CG1 . VAL A 1 79  ? 8.707   -4.902  -5.223  1.00 10.78 ? 79  VAL A CG1 1 
ATOM   588  C  CG2 . VAL A 1 79  ? 8.947   -2.445  -4.909  1.00 12.31 ? 79  VAL A CG2 1 
ATOM   589  N  N   . GLU A 1 80  ? 7.153   -2.710  -8.641  1.00 8.14  ? 80  GLU A N   1 
ATOM   590  C  CA  . GLU A 1 80  ? 6.141   -1.809  -9.233  1.00 7.92  ? 80  GLU A CA  1 
ATOM   591  C  C   . GLU A 1 80  ? 4.795   -2.164  -8.612  1.00 8.23  ? 80  GLU A C   1 
ATOM   592  O  O   . GLU A 1 80  ? 4.360   -3.314  -8.777  1.00 7.84  ? 80  GLU A O   1 
ATOM   593  C  CB  . GLU A 1 80  ? 6.099   -1.978  -10.757 1.00 8.03  ? 80  GLU A CB  1 
ATOM   594  C  CG  . GLU A 1 80  ? 7.374   -1.561  -11.463 1.00 8.36  ? 80  GLU A CG  1 
ATOM   595  C  CD  . GLU A 1 80  ? 7.497   -2.087  -12.874 1.00 9.28  ? 80  GLU A CD  1 
ATOM   596  O  OE1 . GLU A 1 80  ? 6.718   -2.955  -13.232 1.00 11.45 ? 80  GLU A OE1 1 
ATOM   597  O  OE2 . GLU A 1 80  ? 8.404   -1.618  -13.606 1.00 10.06 ? 80  GLU A OE2 1 
ATOM   598  N  N   . LEU A 1 81  ? 4.233   -1.255  -7.817  1.00 7.84  ? 81  LEU A N   1 
ATOM   599  C  CA  . LEU A 1 81  ? 2.916   -1.419  -7.167  1.00 8.05  ? 81  LEU A CA  1 
ATOM   600  C  C   . LEU A 1 81  ? 1.865   -0.692  -8.001  1.00 7.65  ? 81  LEU A C   1 
ATOM   601  O  O   . LEU A 1 81  ? 2.058   0.491   -8.297  1.00 7.61  ? 81  LEU A O   1 
ATOM   602  C  CB  . LEU A 1 81  ? 2.989   -0.861  -5.750  1.00 8.45  ? 81  LEU A CB  1 
ATOM   603  C  CG  . LEU A 1 81  ? 1.675   -0.851  -4.982  1.00 9.31  ? 81  LEU A CG  1 
ATOM   604  C  CD1 . LEU A 1 81  ? 1.183   -2.264  -4.727  1.00 9.33  ? 81  LEU A CD1 1 
ATOM   605  C  CD2 . LEU A 1 81  ? 1.846   -0.096  -3.676  1.00 11.02 ? 81  LEU A CD2 1 
ATOM   606  N  N   . VAL A 1 82  ? 0.918   -1.453  -8.542  1.00 6.92  ? 82  VAL A N   1 
ATOM   607  C  CA  . VAL A 1 82  ? -0.047  -0.995  -9.575  1.00 7.41  ? 82  VAL A CA  1 
ATOM   608  C  C   . VAL A 1 82  ? -1.441  -1.083  -8.970  1.00 7.31  ? 82  VAL A C   1 
ATOM   609  O  O   . VAL A 1 82  ? -1.855  -2.226  -8.673  1.00 7.05  ? 82  VAL A O   1 
ATOM   610  C  CB  . VAL A 1 82  ? 0.067   -1.875  -10.841 1.00 7.73  ? 82  VAL A CB  1 
ATOM   611  C  CG1 . VAL A 1 82  ? -0.892  -1.429  -11.924 1.00 8.15  ? 82  VAL A CG1 1 
ATOM   612  C  CG2 . VAL A 1 82  ? 1.509   -1.931  -11.373 1.00 8.34  ? 82  VAL A CG2 1 
ATOM   613  N  N   . LEU A 1 83  ? -2.129  0.056   -8.754  1.00 7.60  ? 83  LEU A N   1 
ATOM   614  C  CA  . LEU A 1 83  ? -3.362  0.092   -7.931  1.00 7.39  ? 83  LEU A CA  1 
ATOM   615  C  C   . LEU A 1 83  ? -4.460  0.910   -8.591  1.00 7.04  ? 83  LEU A C   1 
ATOM   616  O  O   . LEU A 1 83  ? -4.162  1.946   -9.235  1.00 7.20  ? 83  LEU A O   1 
ATOM   617  C  CB  . LEU A 1 83  ? -3.082  0.681   -6.555  1.00 7.58  ? 83  LEU A CB  1 
ATOM   618  C  CG  . LEU A 1 83  ? -2.113  -0.079  -5.659  1.00 7.54  ? 83  LEU A CG  1 
ATOM   619  C  CD1 . LEU A 1 83  ? -1.864  0.707   -4.373  1.00 7.86  ? 83  LEU A CD1 1 
ATOM   620  C  CD2 . LEU A 1 83  ? -2.630  -1.464  -5.353  1.00 8.15  ? 83  LEU A CD2 1 
ATOM   621  N  N   . ALA A 1 84  ? -5.678  0.430   -8.420  1.00 6.66  ? 84  ALA A N   1 
ATOM   622  C  CA  . ALA A 1 84  ? -6.932  1.168   -8.647  1.00 7.08  ? 84  ALA A CA  1 
ATOM   623  C  C   . ALA A 1 84  ? -7.523  1.589   -7.311  1.00 7.19  ? 84  ALA A C   1 
ATOM   624  O  O   . ALA A 1 84  ? -7.474  0.763   -6.348  1.00 7.60  ? 84  ALA A O   1 
ATOM   625  C  CB  . ALA A 1 84  ? -7.891  0.305   -9.409  1.00 7.57  ? 84  ALA A CB  1 
ATOM   626  N  N   . HIS A 1 85  ? -8.126  2.781   -7.270  1.00 7.87  ? 85  HIS A N   1 
ATOM   627  C  CA  . HIS A 1 85  ? -8.838  3.342   -6.103  1.00 7.18  ? 85  HIS A CA  1 
ATOM   628  C  C   . HIS A 1 85  ? -10.279 3.652   -6.479  1.00 7.53  ? 85  HIS A C   1 
ATOM   629  O  O   . HIS A 1 85  ? -10.537 4.224   -7.531  1.00 7.02  ? 85  HIS A O   1 
ATOM   630  C  CB  . HIS A 1 85  ? -8.139  4.603   -5.608  1.00 7.03  ? 85  HIS A CB  1 
ATOM   631  C  CG  . HIS A 1 85  ? -6.730  4.362   -5.186  1.00 6.90  ? 85  HIS A CG  1 
ATOM   632  N  ND1 . HIS A 1 85  ? -6.400  4.059   -3.894  1.00 8.01  ? 85  HIS A ND1 1 
ATOM   633  C  CD2 . HIS A 1 85  ? -5.569  4.386   -5.874  1.00 7.83  ? 85  HIS A CD2 1 
ATOM   634  C  CE1 . HIS A 1 85  ? -5.097  3.893   -3.794  1.00 7.97  ? 85  HIS A CE1 1 
ATOM   635  N  NE2 . HIS A 1 85  ? -4.566  4.045   -4.992  1.00 8.14  ? 85  HIS A NE2 1 
ATOM   636  N  N   . PRO A 1 86  ? -11.229 3.400   -5.567  1.00 7.90  ? 86  PRO A N   1 
ATOM   637  C  CA  . PRO A 1 86  ? -12.652 3.649   -5.825  1.00 8.87  ? 86  PRO A CA  1 
ATOM   638  C  C   . PRO A 1 86  ? -13.024 5.130   -5.835  1.00 9.12  ? 86  PRO A C   1 
ATOM   639  O  O   . PRO A 1 86  ? -14.142 5.457   -6.290  1.00 9.10  ? 86  PRO A O   1 
ATOM   640  C  CB  . PRO A 1 86  ? -13.344 2.921   -4.672  1.00 9.17  ? 86  PRO A CB  1 
ATOM   641  C  CG  . PRO A 1 86  ? -12.329 2.941   -3.561  1.00 9.16  ? 86  PRO A CG  1 
ATOM   642  C  CD  . PRO A 1 86  ? -10.994 2.777   -4.256  1.00 8.44  ? 86  PRO A CD  1 
ATOM   643  N  N   . SER A 1 87  ? -12.061 5.976   -5.478  1.00 8.63  ? 87  SER A N   1 
ATOM   644  C  CA  . SER A 1 87  ? -12.131 7.468   -5.526  1.00 8.92  ? 87  SER A CA  1 
ATOM   645  C  C   . SER A 1 87  ? -11.863 8.005   -6.941  1.00 8.68  ? 87  SER A C   1 
ATOM   646  O  O   . SER A 1 87  ? -11.818 9.234   -7.104  1.00 8.84  ? 87  SER A O   1 
ATOM   647  C  CB  . SER A 1 87  ? -11.165 8.038   -4.549  1.00 9.89  ? 87  SER A CB  1 
ATOM   648  O  OG  . SER A 1 87  ? -9.867  7.474   -4.772  1.00 11.51 ? 87  SER A OG  1 
ATOM   649  N  N   . GLY A 1 88  ? -11.587 7.137   -7.913  1.00 7.70  ? 88  GLY A N   1 
ATOM   650  C  CA  . GLY A 1 88  ? -11.393 7.551   -9.313  1.00 7.71  ? 88  GLY A CA  1 
ATOM   651  C  C   . GLY A 1 88  ? -9.938  7.874   -9.613  1.00 7.46  ? 88  GLY A C   1 
ATOM   652  O  O   . GLY A 1 88  ? -9.681  8.738   -10.465 1.00 7.05  ? 88  GLY A O   1 
ATOM   653  N  N   . ILE A 1 89  ? -9.017  7.192   -8.945  1.00 7.50  ? 89  ILE A N   1 
ATOM   654  C  CA  . ILE A 1 89  ? -7.565  7.455   -9.051  1.00 7.40  ? 89  ILE A CA  1 
ATOM   655  C  C   . ILE A 1 89  ? -6.834  6.136   -9.286  1.00 7.18  ? 89  ILE A C   1 
ATOM   656  O  O   . ILE A 1 89  ? -7.246  5.082   -8.727  1.00 6.95  ? 89  ILE A O   1 
ATOM   657  C  CB  . ILE A 1 89  ? -7.064  8.161   -7.781  1.00 8.47  ? 89  ILE A CB  1 
ATOM   658  C  CG1 . ILE A 1 89  ? -7.786  9.499   -7.579  1.00 8.66  ? 89  ILE A CG1 1 
ATOM   659  C  CG2 . ILE A 1 89  ? -5.569  8.318   -7.821  1.00 8.75  ? 89  ILE A CG2 1 
ATOM   660  C  CD1 . ILE A 1 89  ? -7.453  10.183  -6.282  1.00 10.27 ? 89  ILE A CD1 1 
ATOM   661  N  N   . THR A 1 90  ? -5.843  6.158   -10.173 1.00 7.08  ? 90  THR A N   1 
ATOM   662  C  CA  . THR A 1 90  ? -4.900  5.051   -10.370 1.00 6.90  ? 90  THR A CA  1 
ATOM   663  C  C   . THR A 1 90  ? -3.502  5.493   -9.941  1.00 7.09  ? 90  THR A C   1 
ATOM   664  O  O   . THR A 1 90  ? -3.221  6.705   -9.934  1.00 6.85  ? 90  THR A O   1 
ATOM   665  C  CB  . THR A 1 90  ? -4.875  4.578   -11.829 1.00 6.81  ? 90  THR A CB  1 
ATOM   666  O  OG1 . THR A 1 90  ? -4.450  5.696   -12.625 1.00 7.47  ? 90  THR A OG1 1 
ATOM   667  C  CG2 . THR A 1 90  ? -6.207  4.029   -12.294 1.00 6.62  ? 90  THR A CG2 1 
ATOM   668  N  N   . GLU A 1 91  ? -2.674  4.531   -9.566  1.00 7.74  ? 91  GLU A N   1 
ATOM   669  C  CA  . GLU A 1 91  ? -1.366  4.765   -8.898  1.00 9.06  ? 91  GLU A CA  1 
ATOM   670  C  C   . GLU A 1 91  ? -0.410  3.689   -9.398  1.00 7.90  ? 91  GLU A C   1 
ATOM   671  O  O   . GLU A 1 91  ? -0.789  2.502   -9.356  1.00 7.68  ? 91  GLU A O   1 
ATOM   672  C  CB  . GLU A 1 91  ? -1.585  4.699   -7.375  1.00 10.08 ? 91  GLU A CB  1 
ATOM   673  C  CG  . GLU A 1 91  ? -0.345  4.859   -6.500  1.00 13.54 ? 91  GLU A CG  1 
ATOM   674  C  CD  . GLU A 1 91  ? -0.596  4.574   -5.041  1.00 12.47 ? 91  GLU A CD  1 
ATOM   675  O  OE1 . GLU A 1 91  ? -1.773  4.218   -4.679  1.00 9.91  ? 91  GLU A OE1 1 
ATOM   676  O  OE2 . GLU A 1 91  ? 0.387   4.601   -4.261  1.00 17.58 ? 91  GLU A OE2 1 
ATOM   677  N  N   . ILE A 1 92  ? 0.765   4.085   -9.840  1.00 7.39  ? 92  ILE A N   1 
ATOM   678  C  CA  . ILE A 1 92  ? 1.936   3.188   -9.989  1.00 7.25  ? 92  ILE A CA  1 
ATOM   679  C  C   . ILE A 1 92  ? 3.068   3.741   -9.135  1.00 7.47  ? 92  ILE A C   1 
ATOM   680  O  O   . ILE A 1 92  ? 3.459   4.886   -9.335  1.00 7.16  ? 92  ILE A O   1 
ATOM   681  C  CB  . ILE A 1 92  ? 2.351   3.012   -11.449 1.00 7.44  ? 92  ILE A CB  1 
ATOM   682  C  CG1 . ILE A 1 92  ? 1.188   2.495   -12.303 1.00 7.60  ? 92  ILE A CG1 1 
ATOM   683  C  CG2 . ILE A 1 92  ? 3.568   2.100   -11.512 1.00 7.65  ? 92  ILE A CG2 1 
ATOM   684  C  CD1 . ILE A 1 92  ? 1.529   2.319   -13.770 1.00 8.75  ? 92  ILE A CD1 1 
ATOM   685  N  N   . GLU A 1 93  ? 3.465   2.990   -8.129  1.00 7.96  ? 93  GLU A N   1 
ATOM   686  C  CA  . GLU A 1 93  ? 4.629   3.349   -7.307  1.00 7.35  ? 93  GLU A CA  1 
ATOM   687  C  C   . GLU A 1 93  ? 5.767   2.433   -7.714  1.00 7.94  ? 93  GLU A C   1 
ATOM   688  O  O   . GLU A 1 93  ? 5.532   1.218   -7.887  1.00 7.96  ? 93  GLU A O   1 
ATOM   689  C  CB  . GLU A 1 93  ? 4.312   3.219   -5.823  1.00 8.18  ? 93  GLU A CB  1 
ATOM   690  C  CG  . GLU A 1 93  ? 3.251   4.193   -5.346  1.00 9.66  ? 93  GLU A CG  1 
ATOM   691  C  CD  . GLU A 1 93  ? 3.321   4.521   -3.861  1.00 12.31 ? 93  GLU A CD  1 
ATOM   692  O  OE1 . GLU A 1 93  ? 4.436   4.385   -3.269  1.00 13.85 ? 93  GLU A OE1 1 
ATOM   693  O  OE2 . GLU A 1 93  ? 2.293   5.056   -3.329  1.00 12.90 ? 93  GLU A OE2 1 
ATOM   694  N  N   . VAL A 1 94  ? 6.962   2.962   -7.765  1.00 7.37  ? 94  VAL A N   1 
ATOM   695  C  CA  . VAL A 1 94  ? 8.176   2.179   -8.117  1.00 7.51  ? 94  VAL A CA  1 
ATOM   696  C  C   . VAL A 1 94  ? 9.134   2.261   -6.939  1.00 7.79  ? 94  VAL A C   1 
ATOM   697  O  O   . VAL A 1 94  ? 9.204   3.324   -6.299  1.00 7.87  ? 94  VAL A O   1 
ATOM   698  C  CB  . VAL A 1 94  ? 8.775   2.715   -9.415  1.00 8.16  ? 94  VAL A CB  1 
ATOM   699  C  CG1 . VAL A 1 94  ? 9.984   1.940   -9.870  1.00 8.91  ? 94  VAL A CG1 1 
ATOM   700  C  CG2 . VAL A 1 94  ? 7.714   2.746   -10.502 1.00 8.24  ? 94  VAL A CG2 1 
ATOM   701  N  N   . GLY A 1 95  ? 9.871   1.192   -6.677  1.00 7.70  ? 95  GLY A N   1 
ATOM   702  C  CA  . GLY A 1 95  ? 10.909  1.262   -5.647  1.00 7.93  ? 95  GLY A CA  1 
ATOM   703  C  C   . GLY A 1 95  ? 11.635  -0.033  -5.462  1.00 8.60  ? 95  GLY A C   1 
ATOM   704  O  O   . GLY A 1 95  ? 11.858  -0.738  -6.441  1.00 9.19  ? 95  GLY A O   1 
ATOM   705  N  N   . THR A 1 96  ? 12.132  -0.238  -4.247  1.00 9.67  ? 96  THR A N   1 
ATOM   706  C  CA  . THR A 1 96  ? 13.118  -1.284  -3.920  1.00 9.71  ? 96  THR A CA  1 
ATOM   707  C  C   . THR A 1 96  ? 12.742  -1.912  -2.589  1.00 10.10 ? 96  THR A C   1 
ATOM   708  O  O   . THR A 1 96  ? 11.858  -1.400  -1.886  1.00 8.26  ? 96  THR A O   1 
ATOM   709  C  CB  . THR A 1 96  ? 14.548  -0.736  -3.888  1.00 10.78 ? 96  THR A CB  1 
ATOM   710  O  OG1 . THR A 1 96  ? 14.618  0.249   -2.860  1.00 13.73 ? 96  THR A OG1 1 
ATOM   711  C  CG2 . THR A 1 96  ? 14.974  -0.101  -5.186  1.00 11.89 ? 96  THR A CG2 1 
ATOM   712  N  N   . TYR A 1 97  ? 13.323  -3.061  -2.302  1.00 10.15 ? 97  TYR A N   1 
ATOM   713  C  CA  . TYR A 1 97  ? 13.164  -3.719  -0.995  1.00 10.50 ? 97  TYR A CA  1 
ATOM   714  C  C   . TYR A 1 97  ? 14.471  -4.366  -0.608  1.00 10.35 ? 97  TYR A C   1 
ATOM   715  O  O   . TYR A 1 97  ? 15.337  -4.625  -1.494  1.00 9.93  ? 97  TYR A O   1 
ATOM   716  C  CB  . TYR A 1 97  ? 12.020  -4.728  -0.977  1.00 10.18 ? 97  TYR A CB  1 
ATOM   717  C  CG  . TYR A 1 97  ? 12.151  -5.849  -1.972  1.00 10.07 ? 97  TYR A CG  1 
ATOM   718  C  CD1 . TYR A 1 97  ? 12.849  -7.014  -1.663  1.00 10.94 ? 97  TYR A CD1 1 
ATOM   719  C  CD2 . TYR A 1 97  ? 11.658  -5.703  -3.263  1.00 10.90 ? 97  TYR A CD2 1 
ATOM   720  C  CE1 . TYR A 1 97  ? 12.984  -8.031  -2.592  1.00 12.06 ? 97  TYR A CE1 1 
ATOM   721  C  CE2 . TYR A 1 97  ? 11.750  -6.730  -4.182  1.00 10.88 ? 97  TYR A CE2 1 
ATOM   722  C  CZ  . TYR A 1 97  ? 12.435  -7.887  -3.853  1.00 12.10 ? 97  TYR A CZ  1 
ATOM   723  O  OH  . TYR A 1 97  ? 12.558  -8.872  -4.788  1.00 13.36 ? 97  TYR A OH  1 
ATOM   724  N  N   . SER A 1 98  ? 14.599  -4.565  0.698   1.00 10.53 ? 98  SER A N   1 
ATOM   725  C  CA  . SER A 1 98  ? 15.728  -5.228  1.377   1.00 13.65 ? 98  SER A CA  1 
ATOM   726  C  C   . SER A 1 98  ? 15.178  -6.313  2.297   1.00 13.15 ? 98  SER A C   1 
ATOM   727  O  O   . SER A 1 98  ? 14.139  -6.062  2.972   1.00 13.90 ? 98  SER A O   1 
ATOM   728  C  CB  . SER A 1 98  ? 16.520  -4.229  2.147   1.00 15.98 ? 98  SER A CB  1 
ATOM   729  O  OG  . SER A 1 98  ? 17.886  -4.456  1.951   1.00 28.33 ? 98  SER A OG  1 
ATOM   730  N  N   . VAL A 1 99  ? 15.923  -7.410  2.429   1.00 11.71 ? 99  VAL A N   1 
ATOM   731  C  CA  . VAL A 1 99  ? 15.683  -8.484  3.439   1.00 13.01 ? 99  VAL A CA  1 
ATOM   732  C  C   . VAL A 1 99  ? 16.811  -8.428  4.469   1.00 13.37 ? 99  VAL A C   1 
ATOM   733  O  O   . VAL A 1 99  ? 17.997  -8.506  4.063   1.00 13.56 ? 99  VAL A O   1 
ATOM   734  C  CB  . VAL A 1 99  ? 15.613  -9.874  2.797   1.00 12.75 ? 99  VAL A CB  1 
ATOM   735  C  CG1 . VAL A 1 99  ? 15.489  -10.955 3.862   1.00 14.47 ? 99  VAL A CG1 1 
ATOM   736  C  CG2 . VAL A 1 99  ? 14.480  -9.977  1.781   1.00 12.70 ? 99  VAL A CG2 1 
ATOM   737  N  N   . THR A 1 100 ? 16.456  -8.244  5.733   1.00 13.49 ? 100 THR A N   1 
ATOM   738  C  CA  . THR A 1 100 ? 17.387  -8.308  6.884   1.00 14.20 ? 100 THR A CA  1 
ATOM   739  C  C   . THR A 1 100 ? 16.813  -9.318  7.880   1.00 13.61 ? 100 THR A C   1 
ATOM   740  O  O   . THR A 1 100 ? 15.999  -8.935  8.711   1.00 14.53 ? 100 THR A O   1 
ATOM   741  C  CB  . THR A 1 100 ? 17.634  -6.921  7.482   1.00 15.67 ? 100 THR A CB  1 
ATOM   742  O  OG1 . THR A 1 100 ? 17.902  -5.987  6.431   1.00 15.63 ? 100 THR A OG1 1 
ATOM   743  C  CG2 . THR A 1 100 ? 18.786  -6.898  8.461   1.00 16.78 ? 100 THR A CG2 1 
ATOM   744  N  N   . GLY A 1 101 ? 17.160  -10.592 7.710   1.00 14.31 ? 101 GLY A N   1 
ATOM   745  C  CA  . GLY A 1 101 ? 16.529  -11.700 8.436   1.00 14.01 ? 101 GLY A CA  1 
ATOM   746  C  C   . GLY A 1 101 ? 15.029  -11.680 8.264   1.00 14.35 ? 101 GLY A C   1 
ATOM   747  O  O   . GLY A 1 101 ? 14.569  -11.628 7.121   1.00 14.81 ? 101 GLY A O   1 
ATOM   748  N  N   . ASP A 1 102 ? 14.287  -11.594 9.366   1.00 14.57 ? 102 ASP A N   1 
ATOM   749  C  CA  . ASP A 1 102 ? 12.812  -11.717 9.374   1.00 15.65 ? 102 ASP A CA  1 
ATOM   750  C  C   . ASP A 1 102 ? 12.179  -10.369 9.045   1.00 14.25 ? 102 ASP A C   1 
ATOM   751  O  O   . ASP A 1 102 ? 10.947  -10.267 9.138   1.00 15.83 ? 102 ASP A O   1 
ATOM   752  C  CB  . ASP A 1 102 ? 12.296  -12.215 10.721  1.00 19.43 ? 102 ASP A CB  1 
ATOM   753  C  CG  . ASP A 1 102 ? 12.464  -13.708 10.899  1.00 24.23 ? 102 ASP A CG  1 
ATOM   754  O  OD1 . ASP A 1 102 ? 12.226  -14.456 9.908   1.00 25.08 ? 102 ASP A OD1 1 
ATOM   755  O  OD2 . ASP A 1 102 ? 12.895  -14.104 11.999  1.00 33.83 ? 102 ASP A OD2 1 
ATOM   756  N  N   . VAL A 1 103 ? 12.989  -9.360  8.761   1.00 12.48 ? 103 VAL A N   1 
ATOM   757  C  CA  . VAL A 1 103 ? 12.506  -8.002  8.383   1.00 13.07 ? 103 VAL A CA  1 
ATOM   758  C  C   . VAL A 1 103 ? 12.645  -7.803  6.877   1.00 11.72 ? 103 VAL A C   1 
ATOM   759  O  O   . VAL A 1 103 ? 13.785  -7.806  6.364   1.00 13.13 ? 103 VAL A O   1 
ATOM   760  C  CB  . VAL A 1 103 ? 13.240  -6.898  9.150   1.00 13.91 ? 103 VAL A CB  1 
ATOM   761  C  CG1 . VAL A 1 103 ? 12.783  -5.515  8.696   1.00 14.43 ? 103 VAL A CG1 1 
ATOM   762  C  CG2 . VAL A 1 103 ? 13.048  -7.051  10.643  1.00 15.36 ? 103 VAL A CG2 1 
ATOM   763  N  N   . ILE A 1 104 ? 11.535  -7.450  6.232   1.00 11.54 ? 104 ILE A N   1 
ATOM   764  C  CA  . ILE A 1 104 ? 11.530  -6.889  4.859   1.00 11.41 ? 104 ILE A CA  1 
ATOM   765  C  C   . ILE A 1 104 ? 11.162  -5.418  4.944   1.00 11.40 ? 104 ILE A C   1 
ATOM   766  O  O   . ILE A 1 104 ? 10.118  -5.112  5.573   1.00 11.10 ? 104 ILE A O   1 
ATOM   767  C  CB  . ILE A 1 104 ? 10.534  -7.635  3.956   1.00 11.83 ? 104 ILE A CB  1 
ATOM   768  C  CG1 . ILE A 1 104 ? 10.832  -9.131  3.893   1.00 12.76 ? 104 ILE A CG1 1 
ATOM   769  C  CG2 . ILE A 1 104 ? 10.497  -6.992  2.570   1.00 12.46 ? 104 ILE A CG2 1 
ATOM   770  C  CD1 . ILE A 1 104 ? 9.663   -9.963  3.443   1.00 13.01 ? 104 ILE A CD1 1 
ATOM   771  N  N   . GLU A 1 105 ? 11.927  -4.569  4.266   1.00 10.81 ? 105 GLU A N   1 
ATOM   772  C  CA  . GLU A 1 105 ? 11.641  -3.119  4.102   1.00 10.97 ? 105 GLU A CA  1 
ATOM   773  C  C   . GLU A 1 105 ? 11.403  -2.815  2.622   1.00 10.46 ? 105 GLU A C   1 
ATOM   774  O  O   . GLU A 1 105 ? 12.291  -3.111  1.814   1.00 10.37 ? 105 GLU A O   1 
ATOM   775  C  CB  . GLU A 1 105 ? 12.773  -2.294  4.664   1.00 12.76 ? 105 GLU A CB  1 
ATOM   776  C  CG  . GLU A 1 105 ? 12.850  -2.413  6.163   1.00 17.52 ? 105 GLU A CG  1 
ATOM   777  C  CD  . GLU A 1 105 ? 14.063  -1.779  6.802   1.00 21.78 ? 105 GLU A CD  1 
ATOM   778  O  OE1 . GLU A 1 105 ? 15.160  -2.266  6.551   1.00 28.87 ? 105 GLU A OE1 1 
ATOM   779  O  OE2 . GLU A 1 105 ? 13.886  -0.848  7.599   1.00 26.64 ? 105 GLU A OE2 1 
ATOM   780  N  N   . LEU A 1 106 ? 10.238  -2.258  2.305   1.00 9.89  ? 106 LEU A N   1 
ATOM   781  C  CA  . LEU A 1 106 ? 9.886   -1.815  0.933   1.00 9.94  ? 106 LEU A CA  1 
ATOM   782  C  C   . LEU A 1 106 ? 9.721   -0.316  0.946   1.00 10.18 ? 106 LEU A C   1 
ATOM   783  O  O   . LEU A 1 106 ? 9.026   0.185   1.847   1.00 10.35 ? 106 LEU A O   1 
ATOM   784  C  CB  . LEU A 1 106 ? 8.594   -2.470  0.448   1.00 10.48 ? 106 LEU A CB  1 
ATOM   785  C  CG  . LEU A 1 106 ? 8.615   -3.983  0.373   1.00 12.43 ? 106 LEU A CG  1 
ATOM   786  C  CD1 . LEU A 1 106 ? 7.870   -4.590  1.551   1.00 13.17 ? 106 LEU A CD1 1 
ATOM   787  C  CD2 . LEU A 1 106 ? 8.008   -4.466  -0.922  1.00 14.89 ? 106 LEU A CD2 1 
ATOM   788  N  N   . GLU A 1 107 ? 10.311  0.354   -0.032  1.00 9.81  ? 107 GLU A N   1 
ATOM   789  C  CA  . GLU A 1 107 ? 10.243  1.828   -0.184  1.00 11.26 ? 107 GLU A CA  1 
ATOM   790  C  C   . GLU A 1 107 ? 9.826   2.124   -1.625  1.00 9.47  ? 107 GLU A C   1 
ATOM   791  O  O   . GLU A 1 107 ? 10.504  1.632   -2.530  1.00 10.11 ? 107 GLU A O   1 
ATOM   792  C  CB  . GLU A 1 107 ? 11.592  2.462   0.157   1.00 14.12 ? 107 GLU A CB  1 
ATOM   793  C  CG  . GLU A 1 107 ? 11.996  2.296   1.613   1.00 17.10 ? 107 GLU A CG  1 
ATOM   794  C  CD  . GLU A 1 107 ? 11.145  3.081   2.594   1.00 19.90 ? 107 GLU A CD  1 
ATOM   795  O  OE1 . GLU A 1 107 ? 10.545  4.086   2.179   1.00 25.89 ? 107 GLU A OE1 1 
ATOM   796  O  OE2 . GLU A 1 107 ? 11.115  2.699   3.799   1.00 26.84 ? 107 GLU A OE2 1 
ATOM   797  N  N   . LEU A 1 108 ? 8.626   2.668   -1.815  1.00 9.01  ? 108 LEU A N   1 
ATOM   798  C  CA  . LEU A 1 108 ? 8.074   2.950   -3.163  1.00 9.62  ? 108 LEU A CA  1 
ATOM   799  C  C   . LEU A 1 108 ? 7.627   4.409   -3.248  1.00 8.34  ? 108 LEU A C   1 
ATOM   800  O  O   . LEU A 1 108 ? 7.267   5.002   -2.229  1.00 9.08  ? 108 LEU A O   1 
ATOM   801  C  CB  . LEU A 1 108 ? 6.889   2.026   -3.436  1.00 10.40 ? 108 LEU A CB  1 
ATOM   802  C  CG  . LEU A 1 108 ? 7.165   0.532   -3.292  1.00 13.31 ? 108 LEU A CG  1 
ATOM   803  C  CD1 . LEU A 1 108 ? 6.720   0.040   -1.942  1.00 16.02 ? 108 LEU A CD1 1 
ATOM   804  C  CD2 . LEU A 1 108 ? 6.465   -0.240  -4.399  1.00 13.89 ? 108 LEU A CD2 1 
ATOM   805  N  N   . SER A 1 109 ? 7.486   4.902   -4.457  1.00 8.00  ? 109 SER A N   1 
ATOM   806  C  CA  . SER A 1 109 ? 6.924   6.234   -4.696  1.00 7.22  ? 109 SER A CA  1 
ATOM   807  C  C   . SER A 1 109 ? 6.414   6.343   -6.137  1.00 6.98  ? 109 SER A C   1 
ATOM   808  O  O   . SER A 1 109 ? 7.054   5.812   -7.052  1.00 6.29  ? 109 SER A O   1 
ATOM   809  C  CB  . SER A 1 109 ? 7.958   7.294   -4.397  1.00 7.26  ? 109 SER A CB  1 
ATOM   810  O  OG  . SER A 1 109 ? 7.439   8.597   -4.658  1.00 8.19  ? 109 SER A OG  1 
ATOM   811  N  N   . THR A 1 110 ? 5.347   7.109   -6.331  1.00 7.04  ? 110 THR A N   1 
ATOM   812  C  CA  . THR A 1 110 ? 4.931   7.534   -7.691  1.00 6.84  ? 110 THR A CA  1 
ATOM   813  C  C   . THR A 1 110 ? 6.014   8.440   -8.270  1.00 6.78  ? 110 THR A C   1 
ATOM   814  O  O   . THR A 1 110 ? 6.064   8.583   -9.493  1.00 7.17  ? 110 THR A O   1 
ATOM   815  C  CB  . THR A 1 110 ? 3.577   8.238   -7.665  1.00 6.52  ? 110 THR A CB  1 
ATOM   816  O  OG1 . THR A 1 110 ? 3.723   9.434   -6.903  1.00 6.84  ? 110 THR A OG1 1 
ATOM   817  C  CG2 . THR A 1 110 ? 2.486   7.368   -7.088  1.00 6.79  ? 110 THR A CG2 1 
ATOM   818  N  N   . ARG A 1 111 ? 6.821   9.073   -7.416  1.00 6.73  ? 111 ARG A N   1 
ATOM   819  C  CA  . ARG A 1 111 ? 7.840   10.071  -7.833  1.00 7.35  ? 111 ARG A CA  1 
ATOM   820  C  C   . ARG A 1 111 ? 9.074   9.381   -8.449  1.00 8.28  ? 111 ARG A C   1 
ATOM   821  O  O   . ARG A 1 111 ? 9.919   10.079  -8.982  1.00 9.85  ? 111 ARG A O   1 
ATOM   822  C  CB  . ARG A 1 111 ? 8.219   10.953  -6.643  1.00 7.50  ? 111 ARG A CB  1 
ATOM   823  C  CG  . ARG A 1 111 ? 7.015   11.606  -5.974  1.00 8.46  ? 111 ARG A CG  1 
ATOM   824  C  CD  . ARG A 1 111 ? 7.433   12.576  -4.910  1.00 9.69  ? 111 ARG A CD  1 
ATOM   825  N  NE  . ARG A 1 111 ? 8.029   11.889  -3.781  1.00 9.89  ? 111 ARG A NE  1 
ATOM   826  C  CZ  . ARG A 1 111 ? 9.259   12.073  -3.370  1.00 11.28 ? 111 ARG A CZ  1 
ATOM   827  N  NH1 . ARG A 1 111 ? 10.053  12.924  -3.994  1.00 12.68 ? 111 ARG A NH1 1 
ATOM   828  N  NH2 . ARG A 1 111 ? 9.707   11.416  -2.318  1.00 11.88 ? 111 ARG A NH2 1 
ATOM   829  N  N   . ALA A 1 112 ? 9.214   8.071   -8.304  1.00 7.66  ? 112 ALA A N   1 
ATOM   830  C  CA  . ALA A 1 112 ? 10.371  7.309   -8.827  1.00 8.24  ? 112 ALA A CA  1 
ATOM   831  C  C   . ALA A 1 112 ? 9.996   6.670   -10.173 1.00 8.42  ? 112 ALA A C   1 
ATOM   832  O  O   . ALA A 1 112 ? 10.106  5.435   -10.297 1.00 10.61 ? 112 ALA A O   1 
ATOM   833  C  CB  . ALA A 1 112 ? 10.832  6.278   -7.807  1.00 8.82  ? 112 ALA A CB  1 
ATOM   834  N  N   . ASP A 1 113 ? 9.524   7.479   -11.131 1.00 8.60  ? 113 ASP A N   1 
ATOM   835  C  CA  . ASP A 1 113 ? 9.118   7.024   -12.486 1.00 8.29  ? 113 ASP A CA  1 
ATOM   836  C  C   . ASP A 1 113 ? 7.833   6.182   -12.386 1.00 7.97  ? 113 ASP A C   1 
ATOM   837  O  O   . ASP A 1 113 ? 7.579   5.351   -13.273 1.00 8.53  ? 113 ASP A O   1 
ATOM   838  C  CB  . ASP A 1 113 ? 10.257  6.268   -13.165 1.00 8.89  ? 113 ASP A CB  1 
ATOM   839  C  CG  . ASP A 1 113 ? 10.170  6.284   -14.678 1.00 8.88  ? 113 ASP A CG  1 
ATOM   840  O  OD1 . ASP A 1 113 ? 9.441   7.153   -15.222 1.00 10.75 ? 113 ASP A OD1 1 
ATOM   841  O  OD2 . ASP A 1 113 ? 10.835  5.452   -15.294 1.00 10.23 ? 113 ASP A OD2 1 
ATOM   842  N  N   . GLY A 1 114 ? 6.988   6.499   -11.413 1.00 8.12  ? 114 GLY A N   1 
ATOM   843  C  CA  . GLY A 1 114 ? 5.628   5.972   -11.308 1.00 7.99  ? 114 GLY A CA  1 
ATOM   844  C  C   . GLY A 1 114 ? 4.636   6.900   -11.993 1.00 9.40  ? 114 GLY A C   1 
ATOM   845  O  O   . GLY A 1 114 ? 5.028   7.635   -12.918 1.00 9.83  ? 114 GLY A O   1 
ATOM   846  N  N   . SER A 1 115 ? 3.386   6.820   -11.577 1.00 9.10  ? 115 SER A N   1 
ATOM   847  C  CA  . SER A 1 115 ? 2.236   7.400   -12.297 1.00 10.48 ? 115 SER A CA  1 
ATOM   848  C  C   . SER A 1 115 ? 1.127   7.706   -11.307 1.00 9.79  ? 115 SER A C   1 
ATOM   849  O  O   . SER A 1 115 ? 0.921   6.924   -10.362 1.00 8.53  ? 115 SER A O   1 
ATOM   850  C  CB  . SER A 1 115 ? 1.754   6.462   -13.372 1.00 11.86 ? 115 SER A CB  1 
ATOM   851  O  OG  . SER A 1 115 ? 0.497   6.881   -13.876 1.00 15.90 ? 115 SER A OG  1 
ATOM   852  N  N   . ILE A 1 116 ? 0.344   8.736   -11.591 1.00 9.94  ? 116 ILE A N   1 
ATOM   853  C  CA  A ILE A 1 116 ? -1.030  8.884   -11.038 0.50 9.23  ? 116 ILE A CA  1 
ATOM   854  C  CA  B ILE A 1 116 ? -1.029  8.900   -11.028 0.50 9.50  ? 116 ILE A CA  1 
ATOM   855  C  C   . ILE A 1 116 ? -1.965  9.197   -12.192 1.00 9.24  ? 116 ILE A C   1 
ATOM   856  O  O   . ILE A 1 116 ? -1.599  10.035  -13.025 1.00 9.93  ? 116 ILE A O   1 
ATOM   857  C  CB  A ILE A 1 116 ? -1.079  9.962   -9.947  0.50 9.53  ? 116 ILE A CB  1 
ATOM   858  C  CB  B ILE A 1 116 ? -1.085  10.006  -9.956  0.50 10.21 ? 116 ILE A CB  1 
ATOM   859  C  CG1 A ILE A 1 116 ? -0.374  9.483   -8.679  0.50 9.34  ? 116 ILE A CG1 1 
ATOM   860  C  CG1 B ILE A 1 116 ? -0.146  9.725   -8.776  0.50 10.42 ? 116 ILE A CG1 1 
ATOM   861  C  CG2 A ILE A 1 116 ? -2.510  10.396  -9.666  0.50 9.62  ? 116 ILE A CG2 1 
ATOM   862  C  CG2 B ILE A 1 116 ? -2.514  10.217  -9.482  0.50 10.28 ? 116 ILE A CG2 1 
ATOM   863  C  CD1 A ILE A 1 116 ? -0.109  10.566  -7.685  0.50 9.28  ? 116 ILE A CD1 1 
ATOM   864  C  CD1 B ILE A 1 116 ? -0.800  8.960   -7.635  0.50 10.99 ? 116 ILE A CD1 1 
ATOM   865  N  N   . GLY A 1 117 ? -3.110  8.560   -12.218 1.00 8.10  ? 117 GLY A N   1 
ATOM   866  C  CA  . GLY A 1 117 ? -4.192  8.947   -13.125 1.00 7.78  ? 117 GLY A CA  1 
ATOM   867  C  C   . GLY A 1 117 ? -5.370  9.462   -12.345 1.00 7.67  ? 117 GLY A C   1 
ATOM   868  O  O   . GLY A 1 117 ? -5.657  8.918   -11.258 1.00 6.38  ? 117 GLY A O   1 
ATOM   869  N  N   . LEU A 1 118 ? -6.012  10.511  -12.847 1.00 7.46  ? 118 LEU A N   1 
ATOM   870  C  CA  . LEU A 1 118 ? -7.162  11.128  -12.181 1.00 7.65  ? 118 LEU A CA  1 
ATOM   871  C  C   . LEU A 1 118 ? -8.348  11.070  -13.133 1.00 8.11  ? 118 LEU A C   1 
ATOM   872  O  O   . LEU A 1 118 ? -8.243  11.635  -14.243 1.00 8.96  ? 118 LEU A O   1 
ATOM   873  C  CB  . LEU A 1 118 ? -6.832  12.574  -11.840 1.00 7.87  ? 118 LEU A CB  1 
ATOM   874  C  CG  . LEU A 1 118 ? -5.622  12.813  -10.954 1.00 7.86  ? 118 LEU A CG  1 
ATOM   875  C  CD1 . LEU A 1 118 ? -5.400  14.300  -10.796 1.00 8.07  ? 118 LEU A CD1 1 
ATOM   876  C  CD2 . LEU A 1 118 ? -5.793  12.146  -9.606  1.00 8.07  ? 118 LEU A CD2 1 
ATOM   877  N  N   . ALA A 1 119 ? -9.454  10.498  -12.691 1.00 7.80  ? 119 ALA A N   1 
ATOM   878  C  CA  . ALA A 1 119 ? -10.739 10.578  -13.404 1.00 7.73  ? 119 ALA A CA  1 
ATOM   879  C  C   . ALA A 1 119 ? -11.213 12.030  -13.416 1.00 7.43  ? 119 ALA A C   1 
ATOM   880  O  O   . ALA A 1 119 ? -10.786 12.860  -12.594 1.00 7.65  ? 119 ALA A O   1 
ATOM   881  C  CB  . ALA A 1 119 ? -11.737 9.656   -12.753 1.00 7.81  ? 119 ALA A CB  1 
ATOM   882  N  N   . PRO A 1 120 ? -12.140 12.395  -14.313 1.00 7.27  ? 120 PRO A N   1 
ATOM   883  C  CA  . PRO A 1 120 ? -12.579 13.795  -14.391 1.00 7.77  ? 120 PRO A CA  1 
ATOM   884  C  C   . PRO A 1 120 ? -13.152 14.326  -13.073 1.00 8.31  ? 120 PRO A C   1 
ATOM   885  O  O   . PRO A 1 120 ? -13.005 15.496  -12.817 1.00 8.21  ? 120 PRO A O   1 
ATOM   886  C  CB  . PRO A 1 120 ? -13.605 13.764  -15.531 1.00 7.71  ? 120 PRO A CB  1 
ATOM   887  C  CG  . PRO A 1 120 ? -13.126 12.636  -16.410 1.00 7.80  ? 120 PRO A CG  1 
ATOM   888  C  CD  . PRO A 1 120 ? -12.585 11.592  -15.464 1.00 7.09  ? 120 PRO A CD  1 
ATOM   889  N  N   . THR A 1 121 ? -13.747 13.450  -12.250 1.00 8.69  ? 121 THR A N   1 
ATOM   890  C  CA  . THR A 1 121 ? -14.446 13.815  -10.982 1.00 8.93  ? 121 THR A CA  1 
ATOM   891  C  C   . THR A 1 121 ? -13.570 13.512  -9.761  1.00 9.03  ? 121 THR A C   1 
ATOM   892  O  O   . THR A 1 121 ? -14.042 13.736  -8.646  1.00 9.13  ? 121 THR A O   1 
ATOM   893  C  CB  . THR A 1 121 ? -15.815 13.129  -10.888 1.00 9.67  ? 121 THR A CB  1 
ATOM   894  O  OG1 . THR A 1 121 ? -15.636 11.718  -10.851 1.00 9.96  ? 121 THR A OG1 1 
ATOM   895  C  CG2 . THR A 1 121 ? -16.725 13.519  -12.028 1.00 10.00 ? 121 THR A CG2 1 
ATOM   896  N  N   . ALA A 1 122 ? -12.301 13.186  -9.948  1.00 8.53  ? 122 ALA A N   1 
ATOM   897  C  CA  . ALA A 1 122 ? -11.403 12.832  -8.828  1.00 9.65  ? 122 ALA A CA  1 
ATOM   898  C  C   . ALA A 1 122 ? -10.848 14.105  -8.173  1.00 9.54  ? 122 ALA A C   1 
ATOM   899  O  O   . ALA A 1 122 ? -10.603 15.125  -8.894  1.00 8.99  ? 122 ALA A O   1 
ATOM   900  C  CB  . ALA A 1 122 ? -10.308 11.902  -9.298  1.00 10.29 ? 122 ALA A CB  1 
ATOM   901  N  N   . LYS A 1 123 ? -10.496 14.005  -6.893  1.00 10.51 ? 123 LYS A N   1 
ATOM   902  C  CA  . LYS A 1 123 ? -9.638  14.999  -6.188  1.00 10.88 ? 123 LYS A CA  1 
ATOM   903  C  C   . LYS A 1 123 ? -8.231  14.967  -6.770  1.00 10.10 ? 123 LYS A C   1 
ATOM   904  O  O   . LYS A 1 123 ? -7.809  13.907  -7.283  1.00 9.96  ? 123 LYS A O   1 
ATOM   905  C  CB  . LYS A 1 123 ? -9.587  14.696  -4.690  1.00 12.79 ? 123 LYS A CB  1 
ATOM   906  C  CG  . LYS A 1 123 ? -10.928 14.785  -3.978  1.00 16.92 ? 123 LYS A CG  1 
ATOM   907  C  CD  . LYS A 1 123 ? -11.356 16.203  -3.707  1.00 20.58 ? 123 LYS A CD  1 
ATOM   908  C  CE  . LYS A 1 123 ? -12.742 16.305  -3.100  1.00 26.08 ? 123 LYS A CE  1 
ATOM   909  N  NZ  . LYS A 1 123 ? -12.849 15.540  -1.843  1.00 30.06 ? 123 LYS A NZ  1 
ATOM   910  N  N   . GLU A 1 124 ? -7.534  16.098  -6.725  1.00 9.43  ? 124 GLU A N   1 
ATOM   911  C  CA  . GLU A 1 124 ? -6.205  16.257  -7.353  1.00 9.64  ? 124 GLU A CA  1 
ATOM   912  C  C   . GLU A 1 124 ? -5.115  15.705  -6.433  1.00 9.63  ? 124 GLU A C   1 
ATOM   913  O  O   . GLU A 1 124 ? -4.477  16.511  -5.712  1.00 11.29 ? 124 GLU A O   1 
ATOM   914  C  CB  . GLU A 1 124 ? -5.953  17.721  -7.690  1.00 9.89  ? 124 GLU A CB  1 
ATOM   915  C  CG  . GLU A 1 124 ? -6.977  18.284  -8.644  1.00 10.85 ? 124 GLU A CG  1 
ATOM   916  C  CD  . GLU A 1 124 ? -8.085  19.070  -7.980  1.00 12.14 ? 124 GLU A CD  1 
ATOM   917  O  OE1 . GLU A 1 124 ? -8.265  18.914  -6.747  1.00 14.79 ? 124 GLU A OE1 1 
ATOM   918  O  OE2 . GLU A 1 124 ? -8.861  19.714  -8.712  1.00 14.92 ? 124 GLU A OE2 1 
ATOM   919  N  N   . VAL A 1 125 ? -4.736  14.454  -6.668  1.00 8.81  ? 125 VAL A N   1 
ATOM   920  C  CA  . VAL A 1 125 ? -3.567  13.787  -6.040  1.00 8.16  ? 125 VAL A CA  1 
ATOM   921  C  C   . VAL A 1 125 ? -2.426  13.806  -7.052  1.00 8.49  ? 125 VAL A C   1 
ATOM   922  O  O   . VAL A 1 125 ? -2.671  13.400  -8.203  1.00 8.15  ? 125 VAL A O   1 
ATOM   923  C  CB  . VAL A 1 125 ? -3.903  12.354  -5.595  1.00 8.46  ? 125 VAL A CB  1 
ATOM   924  C  CG1 . VAL A 1 125 ? -2.672  11.660  -5.027  1.00 8.11  ? 125 VAL A CG1 1 
ATOM   925  C  CG2 . VAL A 1 125 ? -5.028  12.333  -4.578  1.00 8.39  ? 125 VAL A CG2 1 
ATOM   926  N  N   . THR A 1 126 ? -1.232  14.247  -6.646  1.00 8.09  ? 126 THR A N   1 
ATOM   927  C  CA  . THR A 1 126 ? -0.071  14.335  -7.578  1.00 8.61  ? 126 THR A CA  1 
ATOM   928  C  C   . THR A 1 126 ? 1.128   13.500  -7.148  1.00 8.98  ? 126 THR A C   1 
ATOM   929  O  O   . THR A 1 126 ? 1.928   13.203  -8.040  1.00 10.97 ? 126 THR A O   1 
ATOM   930  C  CB  . THR A 1 126 ? 0.365   15.772  -7.829  1.00 8.38  ? 126 THR A CB  1 
ATOM   931  O  OG1 . THR A 1 126 ? 0.794   16.375  -6.606  1.00 8.17  ? 126 THR A OG1 1 
ATOM   932  C  CG2 . THR A 1 126 ? -0.746  16.593  -8.453  1.00 8.87  ? 126 THR A CG2 1 
ATOM   933  N  N   . ALA A 1 127 ? 1.237   13.058  -5.889  1.00 8.54  ? 127 ALA A N   1 
ATOM   934  C  CA  . ALA A 1 127 ? 2.292   12.089  -5.487  1.00 8.20  ? 127 ALA A CA  1 
ATOM   935  C  C   . ALA A 1 127 ? 1.836   11.240  -4.307  1.00 7.74  ? 127 ALA A C   1 
ATOM   936  O  O   . ALA A 1 127 ? 1.137   11.759  -3.400  1.00 7.39  ? 127 ALA A O   1 
ATOM   937  C  CB  . ALA A 1 127 ? 3.593   12.785  -5.183  1.00 7.87  ? 127 ALA A CB  1 
ATOM   938  N  N   . LEU A 1 128 ? 2.310   9.999   -4.283  1.00 7.48  ? 128 LEU A N   1 
ATOM   939  C  CA  . LEU A 1 128 ? 2.112   9.082   -3.150  1.00 7.55  ? 128 LEU A CA  1 
ATOM   940  C  C   . LEU A 1 128 ? 3.401   8.325   -2.900  1.00 7.51  ? 128 LEU A C   1 
ATOM   941  O  O   . LEU A 1 128 ? 4.022   7.838   -3.890  1.00 7.49  ? 128 LEU A O   1 
ATOM   942  C  CB  . LEU A 1 128 ? 0.988   8.110   -3.470  1.00 7.75  ? 128 LEU A CB  1 
ATOM   943  C  CG  . LEU A 1 128 ? -0.406  8.725   -3.611  1.00 8.57  ? 128 LEU A CG  1 
ATOM   944  C  CD1 . LEU A 1 128 ? -1.333  7.785   -4.375  1.00 8.90  ? 128 LEU A CD1 1 
ATOM   945  C  CD2 . LEU A 1 128 ? -0.995  9.091   -2.259  1.00 9.20  ? 128 LEU A CD2 1 
ATOM   946  N  N   . ASP A 1 129 ? 3.817   8.289   -1.639  1.00 7.48  ? 129 ASP A N   1 
ATOM   947  C  CA  . ASP A 1 129 ? 4.992   7.528   -1.167  1.00 7.81  ? 129 ASP A CA  1 
ATOM   948  C  C   . ASP A 1 129 ? 4.518   6.486   -0.170  1.00 8.29  ? 129 ASP A C   1 
ATOM   949  O  O   . ASP A 1 129 ? 3.750   6.860   0.748   1.00 8.32  ? 129 ASP A O   1 
ATOM   950  C  CB  . ASP A 1 129 ? 5.999   8.430   -0.464  1.00 7.84  ? 129 ASP A CB  1 
ATOM   951  C  CG  . ASP A 1 129 ? 6.812   9.356   -1.343  1.00 9.30  ? 129 ASP A CG  1 
ATOM   952  O  OD1 . ASP A 1 129 ? 6.412   9.599   -2.489  1.00 9.33  ? 129 ASP A OD1 1 
ATOM   953  O  OD2 . ASP A 1 129 ? 7.790   9.932   -0.810  1.00 11.54 ? 129 ASP A OD2 1 
ATOM   954  N  N   . ARG A 1 130 ? 5.014   5.257   -0.270  1.00 7.94  ? 130 ARG A N   1 
ATOM   955  C  CA  . ARG A 1 130 ? 4.690   4.178   0.696   1.00 8.62  ? 130 ARG A CA  1 
ATOM   956  C  C   . ARG A 1 130 ? 5.977   3.590   1.260   1.00 9.36  ? 130 ARG A C   1 
ATOM   957  O  O   . ARG A 1 130 ? 6.885   3.292   0.470   1.00 8.95  ? 130 ARG A O   1 
ATOM   958  C  CB  . ARG A 1 130 ? 3.848   3.105   0.016   1.00 9.11  ? 130 ARG A CB  1 
ATOM   959  C  CG  . ARG A 1 130 ? 2.442   3.567   -0.299  1.00 8.81  ? 130 ARG A CG  1 
ATOM   960  C  CD  . ARG A 1 130 ? 1.728   2.507   -1.098  1.00 9.39  ? 130 ARG A CD  1 
ATOM   961  N  NE  . ARG A 1 130 ? 0.476   2.985   -1.649  1.00 9.02  ? 130 ARG A NE  1 
ATOM   962  C  CZ  . ARG A 1 130 ? -0.712  2.524   -1.326  1.00 10.00 ? 130 ARG A CZ  1 
ATOM   963  N  NH1 . ARG A 1 130 ? -0.830  1.555   -0.428  1.00 10.54 ? 130 ARG A NH1 1 
ATOM   964  N  NH2 . ARG A 1 130 ? -1.775  2.986   -1.952  1.00 9.27  ? 130 ARG A NH2 1 
ATOM   965  N  N   . SER A 1 131 ? 6.000   3.400   2.574   1.00 9.91  ? 131 SER A N   1 
ATOM   966  C  CA  A SER A 1 131 ? 7.078   2.707   3.325   0.50 10.89 ? 131 SER A CA  1 
ATOM   967  C  CA  B SER A 1 131 ? 7.081   2.690   3.310   0.50 10.25 ? 131 SER A CA  1 
ATOM   968  C  C   . SER A 1 131 ? 6.463   1.519   4.075   1.00 10.27 ? 131 SER A C   1 
ATOM   969  O  O   . SER A 1 131 ? 5.610   1.763   4.907   1.00 9.94  ? 131 SER A O   1 
ATOM   970  C  CB  A SER A 1 131 ? 7.745   3.677   4.260   0.50 12.25 ? 131 SER A CB  1 
ATOM   971  C  CB  B SER A 1 131 ? 7.815   3.624   4.229   0.50 10.81 ? 131 SER A CB  1 
ATOM   972  O  OG  A SER A 1 131 ? 8.965   3.158   4.742   0.50 14.62 ? 131 SER A OG  1 
ATOM   973  O  OG  B SER A 1 131 ? 8.545   4.591   3.492   0.50 10.88 ? 131 SER A OG  1 
ATOM   974  N  N   . TYR A 1 132 ? 6.856   0.294   3.726   1.00 10.38 ? 132 TYR A N   1 
ATOM   975  C  CA  . TYR A 1 132 ? 6.300   -0.948  4.316   1.00 11.11 ? 132 TYR A CA  1 
ATOM   976  C  C   . TYR A 1 132 ? 7.393   -1.662  5.076   1.00 11.47 ? 132 TYR A C   1 
ATOM   977  O  O   . TYR A 1 132 ? 8.559   -1.699  4.611   1.00 10.62 ? 132 TYR A O   1 
ATOM   978  C  CB  . TYR A 1 132 ? 5.758   -1.897  3.248   1.00 12.26 ? 132 TYR A CB  1 
ATOM   979  C  CG  . TYR A 1 132 ? 4.423   -1.489  2.702   1.00 15.80 ? 132 TYR A CG  1 
ATOM   980  C  CD1 . TYR A 1 132 ? 3.239   -1.901  3.297   1.00 14.24 ? 132 TYR A CD1 1 
ATOM   981  C  CD2 . TYR A 1 132 ? 4.347   -0.754  1.546   1.00 20.64 ? 132 TYR A CD2 1 
ATOM   982  C  CE1 . TYR A 1 132 ? 2.005   -1.526  2.798   1.00 16.32 ? 132 TYR A CE1 1 
ATOM   983  C  CE2 . TYR A 1 132 ? 3.126   -0.358  1.037   1.00 22.41 ? 132 TYR A CE2 1 
ATOM   984  C  CZ  . TYR A 1 132 ? 1.956   -0.704  1.689   1.00 22.78 ? 132 TYR A CZ  1 
ATOM   985  O  OH  . TYR A 1 132 ? 0.764   -0.297  1.171   1.00 28.37 ? 132 TYR A OH  1 
ATOM   986  N  N   . ARG A 1 133 ? 7.039   -2.218  6.222   1.00 12.58 ? 133 ARG A N   1 
ATOM   987  C  CA  . ARG A 1 133 ? 7.957   -3.058  7.013   1.00 12.59 ? 133 ARG A CA  1 
ATOM   988  C  C   . ARG A 1 133 ? 7.194   -4.324  7.410   1.00 12.80 ? 133 ARG A C   1 
ATOM   989  O  O   . ARG A 1 133 ? 6.132   -4.200  8.033   1.00 13.98 ? 133 ARG A O   1 
ATOM   990  C  CB  . ARG A 1 133 ? 8.497   -2.265  8.203   1.00 13.52 ? 133 ARG A CB  1 
ATOM   991  C  CG  . ARG A 1 133 ? 9.369   -3.070  9.156   1.00 16.11 ? 133 ARG A CG  1 
ATOM   992  C  CD  . ARG A 1 133 ? 9.629   -2.294  10.431  1.00 18.56 ? 133 ARG A CD  1 
ATOM   993  N  NE  . ARG A 1 133 ? 10.426  -3.063  11.373  1.00 21.57 ? 133 ARG A NE  1 
ATOM   994  C  CZ  . ARG A 1 133 ? 11.747  -3.012  11.458  1.00 23.88 ? 133 ARG A CZ  1 
ATOM   995  N  NH1 . ARG A 1 133 ? 12.437  -2.237  10.641  1.00 27.03 ? 133 ARG A NH1 1 
ATOM   996  N  NH2 . ARG A 1 133 ? 12.378  -3.780  12.326  1.00 27.36 ? 133 ARG A NH2 1 
ATOM   997  N  N   . ILE A 1 134 ? 7.672   -5.489  6.969   1.00 12.56 ? 134 ILE A N   1 
ATOM   998  C  CA  . ILE A 1 134 ? 7.159   -6.807  7.426   1.00 13.20 ? 134 ILE A CA  1 
ATOM   999  C  C   . ILE A 1 134 ? 8.223   -7.409  8.356   1.00 13.59 ? 134 ILE A C   1 
ATOM   1000 O  O   . ILE A 1 134 ? 9.341   -7.715  7.886   1.00 15.85 ? 134 ILE A O   1 
ATOM   1001 C  CB  . ILE A 1 134 ? 6.787   -7.767  6.275   1.00 13.35 ? 134 ILE A CB  1 
ATOM   1002 C  CG1 . ILE A 1 134 ? 5.588   -7.276  5.456   1.00 15.29 ? 134 ILE A CG1 1 
ATOM   1003 C  CG2 . ILE A 1 134 ? 6.494   -9.143  6.859   1.00 15.15 ? 134 ILE A CG2 1 
ATOM   1004 C  CD1 . ILE A 1 134 ? 5.882   -6.089  4.543   1.00 15.13 ? 134 ILE A CD1 1 
ATOM   1005 N  N   . ASP A 1 135 ? 7.892   -7.513  9.622   1.00 14.28 ? 135 ASP A N   1 
ATOM   1006 C  CA  . ASP A 1 135 ? 8.764   -8.064  10.691  1.00 14.45 ? 135 ASP A CA  1 
ATOM   1007 C  C   . ASP A 1 135 ? 8.046   -9.253  11.303  1.00 13.81 ? 135 ASP A C   1 
ATOM   1008 O  O   . ASP A 1 135 ? 7.116   -9.043  12.073  1.00 12.82 ? 135 ASP A O   1 
ATOM   1009 C  CB  . ASP A 1 135 ? 9.068   -6.997  11.733  1.00 15.83 ? 135 ASP A CB  1 
ATOM   1010 C  CG  . ASP A 1 135 ? 10.025  -7.458  12.802  1.00 17.46 ? 135 ASP A CG  1 
ATOM   1011 O  OD1 . ASP A 1 135 ? 10.415  -8.616  12.757  1.00 18.98 ? 135 ASP A OD1 1 
ATOM   1012 O  OD2 . ASP A 1 135 ? 10.410  -6.629  13.602  1.00 22.22 ? 135 ASP A OD2 1 
ATOM   1013 N  N   . GLY A 1 136 ? 8.359   -10.456 10.844  1.00 13.31 ? 136 GLY A N   1 
ATOM   1014 C  CA  . GLY A 1 136 ? 7.644   -11.674 11.260  1.00 15.29 ? 136 GLY A CA  1 
ATOM   1015 C  C   . GLY A 1 136 ? 6.160   -11.606 10.931  1.00 15.94 ? 136 GLY A C   1 
ATOM   1016 O  O   . GLY A 1 136 ? 5.814   -11.674 9.737   1.00 15.41 ? 136 GLY A O   1 
ATOM   1017 N  N   . ASP A 1 137 ? 5.294   -11.531 11.954  1.00 15.24 ? 137 ASP A N   1 
ATOM   1018 C  CA  . ASP A 1 137 ? 3.818   -11.554 11.786  1.00 14.16 ? 137 ASP A CA  1 
ATOM   1019 C  C   . ASP A 1 137 ? 3.247   -10.126 11.885  1.00 12.56 ? 137 ASP A C   1 
ATOM   1020 O  O   . ASP A 1 137 ? 2.031   -9.996  12.002  1.00 14.18 ? 137 ASP A O   1 
ATOM   1021 C  CB  . ASP A 1 137 ? 3.169   -12.493 12.799  1.00 14.93 ? 137 ASP A CB  1 
ATOM   1022 C  CG  . ASP A 1 137 ? 3.364   -13.970 12.509  1.00 17.79 ? 137 ASP A CG  1 
ATOM   1023 O  OD1 . ASP A 1 137 ? 3.895   -14.304 11.450  1.00 16.15 ? 137 ASP A OD1 1 
ATOM   1024 O  OD2 . ASP A 1 137 ? 3.039   -14.777 13.403  1.00 20.21 ? 137 ASP A OD2 1 
ATOM   1025 N  N   . GLU A 1 138 ? 4.093   -9.097  11.818  1.00 12.96 ? 138 GLU A N   1 
ATOM   1026 C  CA  . GLU A 1 138 ? 3.663   -7.684  11.912  1.00 14.41 ? 138 GLU A CA  1 
ATOM   1027 C  C   . GLU A 1 138 ? 3.980   -6.965  10.598  1.00 13.16 ? 138 GLU A C   1 
ATOM   1028 O  O   . GLU A 1 138 ? 5.125   -7.009  10.162  1.00 15.09 ? 138 GLU A O   1 
ATOM   1029 C  CB  . GLU A 1 138 ? 4.341   -7.005  13.095  1.00 16.29 ? 138 GLU A CB  1 
ATOM   1030 C  CG  . GLU A 1 138 ? 4.037   -5.524  13.212  1.00 20.14 ? 138 GLU A CG  1 
ATOM   1031 C  CD  . GLU A 1 138 ? 5.062   -4.785  14.053  1.00 25.87 ? 138 GLU A CD  1 
ATOM   1032 O  OE1 . GLU A 1 138 ? 4.815   -4.629  15.268  1.00 29.66 ? 138 GLU A OE1 1 
ATOM   1033 O  OE2 . GLU A 1 138 ? 6.173   -4.488  13.520  1.00 28.76 ? 138 GLU A OE2 1 
ATOM   1034 N  N   . LEU A 1 139 ? 2.987   -6.307  10.021  1.00 12.57 ? 139 LEU A N   1 
ATOM   1035 C  CA  . LEU A 1 139 ? 3.148   -5.479  8.810   1.00 11.86 ? 139 LEU A CA  1 
ATOM   1036 C  C   . LEU A 1 139 ? 2.793   -4.049  9.191   1.00 11.26 ? 139 LEU A C   1 
ATOM   1037 O  O   . LEU A 1 139 ? 1.668   -3.831  9.671   1.00 12.70 ? 139 LEU A O   1 
ATOM   1038 C  CB  . LEU A 1 139 ? 2.232   -6.016  7.709   1.00 12.33 ? 139 LEU A CB  1 
ATOM   1039 C  CG  . LEU A 1 139 ? 2.339   -5.315  6.341   1.00 13.35 ? 139 LEU A CG  1 
ATOM   1040 C  CD1 . LEU A 1 139 ? 1.825   -6.209  5.229   1.00 13.98 ? 139 LEU A CD1 1 
ATOM   1041 C  CD2 . LEU A 1 139 ? 1.583   -3.985  6.331   1.00 12.48 ? 139 LEU A CD2 1 
ATOM   1042 N  N   . SER A 1 140 ? 3.711   -3.109  9.021   1.00 12.27 ? 140 SER A N   1 
ATOM   1043 C  CA  . SER A 1 140 ? 3.440   -1.696  9.333   1.00 11.62 ? 140 SER A CA  1 
ATOM   1044 C  C   . SER A 1 140 ? 3.779   -0.814  8.118   1.00 12.52 ? 140 SER A C   1 
ATOM   1045 O  O   . SER A 1 140 ? 4.656   -1.171  7.302   1.00 11.94 ? 140 SER A O   1 
ATOM   1046 C  CB  . SER A 1 140 ? 4.149   -1.262  10.578  1.00 12.66 ? 140 SER A CB  1 
ATOM   1047 O  OG  . SER A 1 140 ? 5.546   -1.391  10.459  1.00 14.10 ? 140 SER A OG  1 
ATOM   1048 N  N   . TYR A 1 141 ? 3.084   0.282   7.967   1.00 10.41 ? 141 TYR A N   1 
ATOM   1049 C  CA  . TYR A 1 141 ? 3.351   1.168   6.822   1.00 9.13  ? 141 TYR A CA  1 
ATOM   1050 C  C   . TYR A 1 141 ? 3.012   2.590   7.204   1.00 9.19  ? 141 TYR A C   1 
ATOM   1051 O  O   . TYR A 1 141 ? 2.202   2.815   8.130   1.00 8.48  ? 141 TYR A O   1 
ATOM   1052 C  CB  . TYR A 1 141 ? 2.565   0.704   5.593   1.00 9.06  ? 141 TYR A CB  1 
ATOM   1053 C  CG  . TYR A 1 141 ? 1.072   0.927   5.659   1.00 8.75  ? 141 TYR A CG  1 
ATOM   1054 C  CD1 . TYR A 1 141 ? 0.514   2.172   5.405   1.00 9.26  ? 141 TYR A CD1 1 
ATOM   1055 C  CD2 . TYR A 1 141 ? 0.205   -0.116  5.952   1.00 9.06  ? 141 TYR A CD2 1 
ATOM   1056 C  CE1 . TYR A 1 141 ? -0.857  2.377   5.499   1.00 8.98  ? 141 TYR A CE1 1 
ATOM   1057 C  CE2 . TYR A 1 141 ? -1.170  0.060   5.966   1.00 8.96  ? 141 TYR A CE2 1 
ATOM   1058 C  CZ  . TYR A 1 141 ? -1.706  1.317   5.755   1.00 8.94  ? 141 TYR A CZ  1 
ATOM   1059 O  OH  . TYR A 1 141 ? -3.059  1.485   5.842   1.00 8.97  ? 141 TYR A OH  1 
ATOM   1060 N  N   . SER A 1 142 ? 3.633   3.508   6.486   1.00 9.23  ? 142 SER A N   1 
ATOM   1061 C  CA  A SER A 1 142 ? 3.178   4.908   6.372   0.50 9.18  ? 142 SER A CA  1 
ATOM   1062 C  CA  B SER A 1 142 ? 3.246   4.931   6.375   0.50 10.22 ? 142 SER A CA  1 
ATOM   1063 C  C   . SER A 1 142 ? 2.969   5.238   4.903   1.00 9.88  ? 142 SER A C   1 
ATOM   1064 O  O   . SER A 1 142 ? 3.630   4.623   4.055   1.00 11.23 ? 142 SER A O   1 
ATOM   1065 C  CB  A SER A 1 142 ? 4.131   5.860   7.019   0.50 8.56  ? 142 SER A CB  1 
ATOM   1066 C  CB  B SER A 1 142 ? 4.326   5.823   6.926   0.50 10.77 ? 142 SER A CB  1 
ATOM   1067 O  OG  A SER A 1 142 ? 5.355   5.896   6.320   0.50 8.06  ? 142 SER A OG  1 
ATOM   1068 O  OG  B SER A 1 142 ? 4.845   5.297   8.146   0.50 13.75 ? 142 SER A OG  1 
ATOM   1069 N  N   . LEU A 1 143 ? 2.056   6.151   4.641   1.00 9.08  ? 143 LEU A N   1 
ATOM   1070 C  CA  . LEU A 1 143 ? 1.783   6.659   3.290   1.00 9.00  ? 143 LEU A CA  1 
ATOM   1071 C  C   . LEU A 1 143 ? 1.816   8.169   3.366   1.00 8.96  ? 143 LEU A C   1 
ATOM   1072 O  O   . LEU A 1 143 ? 1.119   8.735   4.255   1.00 8.07  ? 143 LEU A O   1 
ATOM   1073 C  CB  . LEU A 1 143 ? 0.440   6.130   2.800   1.00 9.44  ? 143 LEU A CB  1 
ATOM   1074 C  CG  . LEU A 1 143 ? 0.023   6.623   1.415   1.00 9.66  ? 143 LEU A CG  1 
ATOM   1075 C  CD1 . LEU A 1 143 ? -0.836  5.570   0.714   1.00 10.41 ? 143 LEU A CD1 1 
ATOM   1076 C  CD2 . LEU A 1 143 ? -0.708  7.946   1.512   1.00 9.95  ? 143 LEU A CD2 1 
ATOM   1077 N  N   . GLN A 1 144 ? 2.649   8.788   2.537   1.00 8.46  ? 144 GLN A N   1 
ATOM   1078 C  CA  A GLN A 1 144 ? 2.682   10.260  2.397   0.50 9.23  ? 144 GLN A CA  1 
ATOM   1079 C  CA  B GLN A 1 144 ? 2.698   10.261  2.388   0.50 8.32  ? 144 GLN A CA  1 
ATOM   1080 C  C   . GLN A 1 144 ? 2.010   10.634  1.079   1.00 8.84  ? 144 GLN A C   1 
ATOM   1081 O  O   . GLN A 1 144 ? 2.047   9.833   0.145   1.00 8.00  ? 144 GLN A O   1 
ATOM   1082 C  CB  A GLN A 1 144 ? 4.113   10.780  2.502   0.50 10.81 ? 144 GLN A CB  1 
ATOM   1083 C  CB  B GLN A 1 144 ? 4.137   10.768  2.423   0.50 8.47  ? 144 GLN A CB  1 
ATOM   1084 C  CG  A GLN A 1 144 ? 4.707   10.615  3.894   0.50 12.38 ? 144 GLN A CG  1 
ATOM   1085 C  CG  B GLN A 1 144 ? 4.823   10.558  3.763   0.50 8.45  ? 144 GLN A CG  1 
ATOM   1086 C  CD  A GLN A 1 144 ? 5.846   11.568  4.162   0.50 13.71 ? 144 GLN A CD  1 
ATOM   1087 C  CD  B GLN A 1 144 ? 5.318   9.143   3.935   0.50 8.05  ? 144 GLN A CD  1 
ATOM   1088 O  OE1 A GLN A 1 144 ? 6.677   11.836  3.292   0.50 18.05 ? 144 GLN A OE1 1 
ATOM   1089 O  OE1 B GLN A 1 144 ? 5.954   8.580   3.044   0.50 8.25  ? 144 GLN A OE1 1 
ATOM   1090 N  NE2 A GLN A 1 144 ? 5.916   12.068  5.392   0.50 14.86 ? 144 GLN A NE2 1 
ATOM   1091 N  NE2 B GLN A 1 144 ? 5.007   8.551   5.081   0.50 8.20  ? 144 GLN A NE2 1 
ATOM   1092 N  N   . MET A 1 145 ? 1.343   11.764  1.068   1.00 8.47  ? 145 MET A N   1 
ATOM   1093 C  CA  . MET A 1 145 ? 0.548   12.196  -0.098  1.00 9.42  ? 145 MET A CA  1 
ATOM   1094 C  C   . MET A 1 145 ? 0.869   13.649  -0.399  1.00 8.83  ? 145 MET A C   1 
ATOM   1095 O  O   . MET A 1 145 ? 0.916   14.482  0.560   1.00 9.45  ? 145 MET A O   1 
ATOM   1096 C  CB  . MET A 1 145 ? -0.949  12.029  0.174   1.00 8.30  ? 145 MET A CB  1 
ATOM   1097 C  CG  . MET A 1 145 ? -1.844  12.526  -0.950  1.00 8.84  ? 145 MET A CG  1 
ATOM   1098 S  SD  . MET A 1 145 ? -3.545  11.920  -0.733  1.00 9.70  ? 145 MET A SD  1 
ATOM   1099 C  CE  . MET A 1 145 ? -4.090  12.807  0.724   1.00 8.65  ? 145 MET A CE  1 
ATOM   1100 N  N   . ARG A 1 146 ? 1.021   13.963  -1.681  1.00 8.54  ? 146 ARG A N   1 
ATOM   1101 C  CA  . ARG A 1 146 ? 0.991   15.367  -2.208  1.00 7.97  ? 146 ARG A CA  1 
ATOM   1102 C  C   . ARG A 1 146 ? -0.320  15.534  -2.977  1.00 7.80  ? 146 ARG A C   1 
ATOM   1103 O  O   . ARG A 1 146 ? -0.554  14.741  -3.922  1.00 7.54  ? 146 ARG A O   1 
ATOM   1104 C  CB  . ARG A 1 146 ? 2.191   15.632  -3.116  1.00 8.93  ? 146 ARG A CB  1 
ATOM   1105 C  CG  . ARG A 1 146 ? 2.372   17.081  -3.542  1.00 8.89  ? 146 ARG A CG  1 
ATOM   1106 C  CD  . ARG A 1 146 ? 3.629   17.228  -4.379  1.00 9.53  ? 146 ARG A CD  1 
ATOM   1107 N  NE  . ARG A 1 146 ? 3.516   16.599  -5.685  1.00 9.28  ? 146 ARG A NE  1 
ATOM   1108 C  CZ  . ARG A 1 146 ? 4.507   15.980  -6.331  1.00 9.85  ? 146 ARG A CZ  1 
ATOM   1109 N  NH1 . ARG A 1 146 ? 5.680   15.807  -5.746  1.00 9.68  ? 146 ARG A NH1 1 
ATOM   1110 N  NH2 . ARG A 1 146 ? 4.302   15.525  -7.557  1.00 10.17 ? 146 ARG A NH2 1 
ATOM   1111 N  N   . ALA A 1 147 ? -1.202  16.408  -2.527  1.00 7.43  ? 147 ALA A N   1 
ATOM   1112 C  CA  . ALA A 1 147 ? -2.583  16.518  -3.049  1.00 7.35  ? 147 ALA A CA  1 
ATOM   1113 C  C   . ALA A 1 147 ? -3.236  17.836  -2.620  1.00 8.51  ? 147 ALA A C   1 
ATOM   1114 O  O   . ALA A 1 147 ? -2.834  18.392  -1.600  1.00 8.48  ? 147 ALA A O   1 
ATOM   1115 C  CB  . ALA A 1 147 ? -3.410  15.355  -2.568  1.00 7.10  ? 147 ALA A CB  1 
ATOM   1116 N  N   . VAL A 1 148 ? -4.213  18.278  -3.411  1.00 8.70  ? 148 VAL A N   1 
ATOM   1117 C  CA  . VAL A 1 148 ? -5.168  19.371  -3.083  1.00 10.51 ? 148 VAL A CA  1 
ATOM   1118 C  C   . VAL A 1 148 ? -4.387  20.526  -2.426  1.00 10.64 ? 148 VAL A C   1 
ATOM   1119 O  O   . VAL A 1 148 ? -4.872  21.108  -1.427  1.00 12.57 ? 148 VAL A O   1 
ATOM   1120 C  CB  . VAL A 1 148 ? -6.345  18.853  -2.234  1.00 10.74 ? 148 VAL A CB  1 
ATOM   1121 C  CG1 . VAL A 1 148 ? -7.227  17.907  -3.031  1.00 12.36 ? 148 VAL A CG1 1 
ATOM   1122 C  CG2 . VAL A 1 148 ? -5.917  18.195  -0.927  1.00 10.88 ? 148 VAL A CG2 1 
ATOM   1123 N  N   . GLY A 1 149 ? -3.304  20.952  -3.065  1.00 10.94 ? 149 GLY A N   1 
ATOM   1124 C  CA  . GLY A 1 149 ? -2.579  22.193  -2.743  1.00 10.75 ? 149 GLY A CA  1 
ATOM   1125 C  C   . GLY A 1 149 ? -1.555  22.016  -1.622  1.00 10.79 ? 149 GLY A C   1 
ATOM   1126 O  O   . GLY A 1 149 ? -0.919  23.014  -1.239  1.00 12.35 ? 149 GLY A O   1 
ATOM   1127 N  N   . GLN A 1 150 ? -1.426  20.813  -1.055  1.00 10.30 ? 150 GLN A N   1 
ATOM   1128 C  CA  . GLN A 1 150 ? -0.586  20.581  0.147   1.00 10.76 ? 150 GLN A CA  1 
ATOM   1129 C  C   . GLN A 1 150 ? 0.696   19.858  -0.240  1.00 11.24 ? 150 GLN A C   1 
ATOM   1130 O  O   . GLN A 1 150 ? 0.693   18.990  -1.126  1.00 9.94  ? 150 GLN A O   1 
ATOM   1131 C  CB  . GLN A 1 150 ? -1.330  19.765  1.196   1.00 10.80 ? 150 GLN A CB  1 
ATOM   1132 C  CG  . GLN A 1 150 ? -2.769  20.194  1.417   1.00 11.32 ? 150 GLN A CG  1 
ATOM   1133 C  CD  . GLN A 1 150 ? -2.866  21.627  1.853   1.00 13.16 ? 150 GLN A CD  1 
ATOM   1134 O  OE1 . GLN A 1 150 ? -2.204  22.036  2.808   1.00 13.97 ? 150 GLN A OE1 1 
ATOM   1135 N  NE2 . GLN A 1 150 ? -3.588  22.427  1.079   1.00 12.92 ? 150 GLN A NE2 1 
ATOM   1136 N  N   . PRO A 1 151 ? 1.830   20.170  0.414   1.00 12.66 ? 151 PRO A N   1 
ATOM   1137 C  CA  . PRO A 1 151 ? 3.080   19.469  0.134   1.00 12.61 ? 151 PRO A CA  1 
ATOM   1138 C  C   . PRO A 1 151 ? 3.025   18.014  0.632   1.00 11.47 ? 151 PRO A C   1 
ATOM   1139 O  O   . PRO A 1 151 ? 2.184   17.683  1.475   1.00 12.12 ? 151 PRO A O   1 
ATOM   1140 C  CB  . PRO A 1 151 ? 4.141   20.270  0.899   1.00 13.51 ? 151 PRO A CB  1 
ATOM   1141 C  CG  . PRO A 1 151 ? 3.380   20.895  2.041   1.00 14.14 ? 151 PRO A CG  1 
ATOM   1142 C  CD  . PRO A 1 151 ? 1.970   21.139  1.510   1.00 13.76 ? 151 PRO A CD  1 
ATOM   1143 N  N   . LEU A 1 152 ? 3.880   17.176  0.058   1.00 10.83 ? 152 LEU A N   1 
ATOM   1144 C  CA  . LEU A 1 152 ? 4.058   15.755  0.439   1.00 10.37 ? 152 LEU A CA  1 
ATOM   1145 C  C   . LEU A 1 152 ? 4.141   15.644  1.957   1.00 9.94  ? 152 LEU A C   1 
ATOM   1146 O  O   . LEU A 1 152 ? 5.073   16.213  2.536   1.00 10.36 ? 152 LEU A O   1 
ATOM   1147 C  CB  . LEU A 1 152 ? 5.331   15.230  -0.225  1.00 9.83  ? 152 LEU A CB  1 
ATOM   1148 C  CG  . LEU A 1 152 ? 5.597   13.734  -0.035  1.00 10.80 ? 152 LEU A CG  1 
ATOM   1149 C  CD1 . LEU A 1 152 ? 4.533   12.903  -0.734  1.00 11.89 ? 152 LEU A CD1 1 
ATOM   1150 C  CD2 . LEU A 1 152 ? 6.964   13.358  -0.569  1.00 11.10 ? 152 LEU A CD2 1 
ATOM   1151 N  N   . GLN A 1 153 ? 3.278   14.844  2.560   1.00 10.09 ? 153 GLN A N   1 
ATOM   1152 C  CA  . GLN A 1 153 ? 3.229   14.684  4.023   1.00 10.00 ? 153 GLN A CA  1 
ATOM   1153 C  C   . GLN A 1 153 ? 2.364   13.476  4.390   1.00 9.87  ? 153 GLN A C   1 
ATOM   1154 O  O   . GLN A 1 153 ? 1.581   12.989  3.549   1.00 9.43  ? 153 GLN A O   1 
ATOM   1155 C  CB  . GLN A 1 153 ? 2.707   15.968  4.672   1.00 11.01 ? 153 GLN A CB  1 
ATOM   1156 C  CG  . GLN A 1 153 ? 1.268   16.281  4.299   1.00 12.03 ? 153 GLN A CG  1 
ATOM   1157 C  CD  . GLN A 1 153 ? 0.856   17.634  4.819   1.00 12.63 ? 153 GLN A CD  1 
ATOM   1158 O  OE1 . GLN A 1 153 ? 0.448   17.760  5.975   1.00 12.34 ? 153 GLN A OE1 1 
ATOM   1159 N  NE2 . GLN A 1 153 ? 1.037   18.665  3.989   1.00 11.46 ? 153 GLN A NE2 1 
ATOM   1160 N  N   . ASP A 1 154 ? 2.428   13.049  5.640   1.00 10.94 ? 154 ASP A N   1 
ATOM   1161 C  CA  . ASP A 1 154 ? 1.656   11.885  6.117   1.00 11.66 ? 154 ASP A CA  1 
ATOM   1162 C  C   . ASP A 1 154 ? 0.172   12.044  5.772   1.00 10.85 ? 154 ASP A C   1 
ATOM   1163 O  O   . ASP A 1 154 ? -0.410  13.113  6.078   1.00 10.55 ? 154 ASP A O   1 
ATOM   1164 C  CB  . ASP A 1 154 ? 1.791   11.722  7.622   1.00 13.54 ? 154 ASP A CB  1 
ATOM   1165 C  CG  . ASP A 1 154 ? 3.136   11.195  8.047   1.00 15.30 ? 154 ASP A CG  1 
ATOM   1166 O  OD1 . ASP A 1 154 ? 3.893   10.728  7.179   1.00 15.75 ? 154 ASP A OD1 1 
ATOM   1167 O  OD2 . ASP A 1 154 ? 3.361   11.155  9.250   1.00 20.15 ? 154 ASP A OD2 1 
ATOM   1168 N  N   . HIS A 1 155 ? -0.441  10.987  5.244   1.00 10.06 ? 155 HIS A N   1 
ATOM   1169 C  CA  . HIS A 1 155 ? -1.910  10.813  5.213   1.00 9.55  ? 155 HIS A CA  1 
ATOM   1170 C  C   . HIS A 1 155 ? -2.295  9.634   6.105   1.00 9.58  ? 155 HIS A C   1 
ATOM   1171 O  O   . HIS A 1 155 ? -3.381  9.689   6.670   1.00 9.91  ? 155 HIS A O   1 
ATOM   1172 C  CB  . HIS A 1 155 ? -2.421  10.679  3.760   1.00 9.27  ? 155 HIS A CB  1 
ATOM   1173 C  CG  . HIS A 1 155 ? -3.897  10.498  3.628   1.00 9.35  ? 155 HIS A CG  1 
ATOM   1174 N  ND1 . HIS A 1 155 ? -4.807  11.285  4.337   1.00 9.52  ? 155 HIS A ND1 1 
ATOM   1175 C  CD2 . HIS A 1 155 ? -4.639  9.742   2.781   1.00 8.58  ? 155 HIS A CD2 1 
ATOM   1176 C  CE1 . HIS A 1 155 ? -6.029  10.993  3.946   1.00 9.99  ? 155 HIS A CE1 1 
ATOM   1177 N  NE2 . HIS A 1 155 ? -5.961  9.999   3.039   1.00 10.89 ? 155 HIS A NE2 1 
ATOM   1178 N  N   . LEU A 1 156 ? -1.506  8.550   6.103   1.00 9.35  ? 156 LEU A N   1 
ATOM   1179 C  CA  . LEU A 1 156 ? -1.901  7.276   6.755   1.00 9.78  ? 156 LEU A CA  1 
ATOM   1180 C  C   . LEU A 1 156 ? -0.704  6.681   7.476   1.00 9.51  ? 156 LEU A C   1 
ATOM   1181 O  O   . LEU A 1 156 ? 0.384   6.718   6.934   1.00 8.37  ? 156 LEU A O   1 
ATOM   1182 C  CB  . LEU A 1 156 ? -2.392  6.260   5.724   1.00 10.13 ? 156 LEU A CB  1 
ATOM   1183 C  CG  . LEU A 1 156 ? -3.478  6.719   4.768   1.00 10.03 ? 156 LEU A CG  1 
ATOM   1184 C  CD1 . LEU A 1 156 ? -3.648  5.694   3.665   1.00 11.32 ? 156 LEU A CD1 1 
ATOM   1185 C  CD2 . LEU A 1 156 ? -4.782  6.940   5.503   1.00 10.06 ? 156 LEU A CD2 1 
ATOM   1186 N  N   . ALA A 1 157 ? -0.984  5.880   8.483   1.00 9.57  ? 157 ALA A N   1 
ATOM   1187 C  CA  . ALA A 1 157 ? -0.082  4.797   8.919   1.00 9.39  ? 157 ALA A CA  1 
ATOM   1188 C  C   . ALA A 1 157 ? -0.907  3.759   9.644   1.00 9.68  ? 157 ALA A C   1 
ATOM   1189 O  O   . ALA A 1 157 ? -1.870  4.130   10.321  1.00 10.40 ? 157 ALA A O   1 
ATOM   1190 C  CB  . ALA A 1 157 ? 1.023   5.340   9.782   1.00 9.12  ? 157 ALA A CB  1 
ATOM   1191 N  N   . ALA A 1 158 ? -0.502  2.499   9.559   1.00 9.15  ? 158 ALA A N   1 
ATOM   1192 C  CA  . ALA A 1 158 ? -1.245  1.394   10.184  1.00 9.29  ? 158 ALA A CA  1 
ATOM   1193 C  C   . ALA A 1 158 ? -0.280  0.318   10.630  1.00 9.50  ? 158 ALA A C   1 
ATOM   1194 O  O   . ALA A 1 158 ? 0.860   0.251   10.120  1.00 9.66  ? 158 ALA A O   1 
ATOM   1195 C  CB  . ALA A 1 158 ? -2.289  0.862   9.229   1.00 8.98  ? 158 ALA A CB  1 
ATOM   1196 N  N   . VAL A 1 159 ? -0.785  -0.563  11.479  1.00 9.46  ? 159 VAL A N   1 
ATOM   1197 C  CA  . VAL A 1 159 ? -0.096  -1.801  11.894  1.00 9.86  ? 159 VAL A CA  1 
ATOM   1198 C  C   . VAL A 1 159 ? -1.081  -2.952  11.755  1.00 9.58  ? 159 VAL A C   1 
ATOM   1199 O  O   . VAL A 1 159 ? -2.187  -2.867  12.321  1.00 10.51 ? 159 VAL A O   1 
ATOM   1200 C  CB  . VAL A 1 159 ? 0.446   -1.691  13.326  1.00 9.94  ? 159 VAL A CB  1 
ATOM   1201 C  CG1 . VAL A 1 159 ? 1.195   -2.962  13.703  1.00 11.03 ? 159 VAL A CG1 1 
ATOM   1202 C  CG2 . VAL A 1 159 ? 1.323   -0.462  13.504  1.00 9.95  ? 159 VAL A CG2 1 
ATOM   1203 N  N   . LEU A 1 160 ? -0.716  -3.949  10.966  1.00 9.66  ? 160 LEU A N   1 
ATOM   1204 C  CA  . LEU A 1 160 ? -1.542  -5.152  10.719  1.00 10.40 ? 160 LEU A CA  1 
ATOM   1205 C  C   . LEU A 1 160 ? -0.799  -6.368  11.262  1.00 10.91 ? 160 LEU A C   1 
ATOM   1206 O  O   . LEU A 1 160 ? 0.450   -6.329  11.352  1.00 10.01 ? 160 LEU A O   1 
ATOM   1207 C  CB  . LEU A 1 160 ? -1.803  -5.313  9.219   1.00 10.88 ? 160 LEU A CB  1 
ATOM   1208 C  CG  . LEU A 1 160 ? -2.135  -4.053  8.403   1.00 10.68 ? 160 LEU A CG  1 
ATOM   1209 C  CD1 . LEU A 1 160 ? -2.457  -4.459  6.981   1.00 10.56 ? 160 LEU A CD1 1 
ATOM   1210 C  CD2 . LEU A 1 160 ? -3.300  -3.283  8.990   1.00 12.18 ? 160 LEU A CD2 1 
ATOM   1211 N  N   . HIS A 1 161 ? -1.530  -7.444  11.509  1.00 11.48 ? 161 HIS A N   1 
ATOM   1212 C  CA  . HIS A 1 161 ? -0.959  -8.706  12.037  1.00 13.88 ? 161 HIS A CA  1 
ATOM   1213 C  C   . HIS A 1 161 ? -1.404  -9.859  11.155  1.00 13.39 ? 161 HIS A C   1 
ATOM   1214 O  O   . HIS A 1 161 ? -2.560  -9.869  10.721  1.00 11.32 ? 161 HIS A O   1 
ATOM   1215 C  CB  . HIS A 1 161 ? -1.338  -8.866  13.502  1.00 16.67 ? 161 HIS A CB  1 
ATOM   1216 C  CG  . HIS A 1 161 ? -0.695  -7.819  14.362  1.00 21.48 ? 161 HIS A CG  1 
ATOM   1217 N  ND1 . HIS A 1 161 ? -1.344  -6.633  14.686  1.00 26.56 ? 161 HIS A ND1 1 
ATOM   1218 C  CD2 . HIS A 1 161 ? 0.583   -7.670  14.782  1.00 22.23 ? 161 HIS A CD2 1 
ATOM   1219 C  CE1 . HIS A 1 161 ? -0.529  -5.864  15.376  1.00 23.94 ? 161 HIS A CE1 1 
ATOM   1220 N  NE2 . HIS A 1 161 ? 0.668   -6.459  15.420  1.00 24.90 ? 161 HIS A NE2 1 
ATOM   1221 N  N   . ARG A 1 162 ? -0.524  -10.836 10.971  1.00 13.22 ? 162 ARG A N   1 
ATOM   1222 C  CA  . ARG A 1 162 ? -0.824  -12.025 10.137  1.00 13.33 ? 162 ARG A CA  1 
ATOM   1223 C  C   . ARG A 1 162 ? -1.994  -12.798 10.762  1.00 14.68 ? 162 ARG A C   1 
ATOM   1224 O  O   . ARG A 1 162 ? -1.942  -13.100 11.980  1.00 15.09 ? 162 ARG A O   1 
ATOM   1225 C  CB  . ARG A 1 162 ? 0.424   -12.886 9.991   1.00 12.05 ? 162 ARG A CB  1 
ATOM   1226 C  CG  . ARG A 1 162 ? 0.302   -14.002 8.971   1.00 12.08 ? 162 ARG A CG  1 
ATOM   1227 C  CD  . ARG A 1 162 ? 1.510   -14.907 9.001   1.00 11.78 ? 162 ARG A CD  1 
ATOM   1228 N  NE  . ARG A 1 162 ? 2.771   -14.211 8.829   1.00 11.54 ? 162 ARG A NE  1 
ATOM   1229 C  CZ  . ARG A 1 162 ? 3.282   -13.858 7.650   1.00 12.87 ? 162 ARG A CZ  1 
ATOM   1230 N  NH1 . ARG A 1 162 ? 2.625   -14.136 6.540   1.00 12.93 ? 162 ARG A NH1 1 
ATOM   1231 N  NH2 . ARG A 1 162 ? 4.425   -13.192 7.596   1.00 14.19 ? 162 ARG A NH2 1 
ATOM   1232 N  N   . GLN A 1 163 ? -2.957  -13.191 9.949   1.00 14.71 ? 163 GLN A N   1 
ATOM   1233 C  CA  . GLN A 1 163 ? -4.140  -13.975 10.387  1.00 17.98 ? 163 GLN A CA  1 
ATOM   1234 C  C   . GLN A 1 163 ? -3.896  -15.463 10.103  1.00 22.18 ? 163 GLN A C   1 
ATOM   1235 O  O   . GLN A 1 163 ? -3.440  -15.792 8.997   1.00 21.69 ? 163 GLN A O   1 
ATOM   1236 C  CB  . GLN A 1 163 ? -5.405  -13.450 9.701   1.00 19.14 ? 163 GLN A CB  1 
ATOM   1237 C  CG  . GLN A 1 163 ? -5.665  -11.974 9.958   1.00 20.64 ? 163 GLN A CG  1 
ATOM   1238 C  CD  . GLN A 1 163 ? -5.790  -11.646 11.430  1.00 23.36 ? 163 GLN A CD  1 
ATOM   1239 O  OE1 . GLN A 1 163 ? -4.922  -11.000 12.035  1.00 24.18 ? 163 GLN A OE1 1 
ATOM   1240 N  NE2 . GLN A 1 163 ? -6.879  -12.096 12.026  1.00 23.55 ? 163 GLN A NE2 1 
ATOM   1241 N  N   . ARG A 1 164 ? -4.237  -16.322 11.073  1.00 30.18 ? 164 ARG A N   1 
ATOM   1242 C  CA  . ARG A 1 164 ? -4.044  -17.805 11.063  1.00 33.98 ? 164 ARG A CA  1 
ATOM   1243 C  C   . ARG A 1 164 ? -4.418  -18.370 9.691   1.00 41.63 ? 164 ARG A C   1 
ATOM   1244 O  O   . ARG A 1 164 ? -5.577  -18.308 9.289   1.00 52.05 ? 164 ARG A O   1 
ATOM   1245 C  CB  . ARG A 1 164 ? -4.906  -18.452 12.152  1.00 31.26 ? 164 ARG A CB  1 
HETATM 1246 C  CHA . HEM B 2 .   ? -9.453  12.212  2.512   1.00 16.38 ? 200 HEM A CHA 1 
HETATM 1247 C  CHB . HEM B 2 .   ? -9.442  7.869   4.683   1.00 12.18 ? 200 HEM A CHB 1 
HETATM 1248 C  CHC . HEM B 2 .   ? -6.166  6.239   1.472   1.00 11.98 ? 200 HEM A CHC 1 
HETATM 1249 C  CHD . HEM B 2 .   ? -6.519  10.464  -0.924  1.00 12.51 ? 200 HEM A CHD 1 
HETATM 1250 C  C1A . HEM B 2 .   ? -9.692  11.163  3.362   1.00 14.82 ? 200 HEM A C1A 1 
HETATM 1251 C  C2A . HEM B 2 .   ? -10.689 11.207  4.390   1.00 15.91 ? 200 HEM A C2A 1 
HETATM 1252 C  C3A . HEM B 2 .   ? -10.715 9.978   4.974   1.00 13.65 ? 200 HEM A C3A 1 
HETATM 1253 C  C4A . HEM B 2 .   ? -9.713  9.177   4.349   1.00 13.81 ? 200 HEM A C4A 1 
HETATM 1254 C  CMA . HEM B 2 .   ? -11.616 9.568   6.115   1.00 14.06 ? 200 HEM A CMA 1 
HETATM 1255 C  CAA . HEM B 2 .   ? -11.596 12.390  4.754   1.00 18.00 ? 200 HEM A CAA 1 
HETATM 1256 C  CBA . HEM B 2 .   ? -13.044 12.130  4.339   1.00 22.21 ? 200 HEM A CBA 1 
HETATM 1257 C  CGA . HEM B 2 .   ? -13.111 12.110  2.852   1.00 27.94 ? 200 HEM A CGA 1 
HETATM 1258 O  O1A . HEM B 2 .   ? -13.563 11.096  2.258   1.00 36.39 ? 200 HEM A O1A 1 
HETATM 1259 O  O2A . HEM B 2 .   ? -12.633 13.080  2.200   1.00 33.19 ? 200 HEM A O2A 1 
HETATM 1260 C  C1B . HEM B 2 .   ? -8.525  7.063   4.002   1.00 12.57 ? 200 HEM A C1B 1 
HETATM 1261 C  C2B . HEM B 2 .   ? -8.233  5.715   4.373   1.00 11.99 ? 200 HEM A C2B 1 
HETATM 1262 C  C3B . HEM B 2 .   ? -7.288  5.228   3.478   1.00 11.28 ? 200 HEM A C3B 1 
HETATM 1263 C  C4B . HEM B 2 .   ? -7.036  6.343   2.551   1.00 11.90 ? 200 HEM A C4B 1 
HETATM 1264 C  CMB . HEM B 2 .   ? -8.910  4.987   5.512   1.00 11.58 ? 200 HEM A CMB 1 
HETATM 1265 C  CAB . HEM B 2 .   ? -6.596  3.923   3.392   1.00 11.90 ? 200 HEM A CAB 1 
HETATM 1266 C  CBB . HEM B 2 .   ? -6.375  3.174   4.473   1.00 11.91 ? 200 HEM A CBB 1 
HETATM 1267 C  C1C . HEM B 2 .   ? -6.036  7.246   0.487   1.00 11.71 ? 200 HEM A C1C 1 
HETATM 1268 C  C2C . HEM B 2 .   ? -5.314  7.097   -0.704  1.00 10.96 ? 200 HEM A C2C 1 
HETATM 1269 C  C3C . HEM B 2 .   ? -5.405  8.298   -1.390  1.00 11.91 ? 200 HEM A C3C 1 
HETATM 1270 C  C4C . HEM B 2 .   ? -6.197  9.178   -0.578  1.00 12.61 ? 200 HEM A C4C 1 
HETATM 1271 C  CMC . HEM B 2 .   ? -4.541  5.882   -1.084  1.00 10.78 ? 200 HEM A CMC 1 
HETATM 1272 C  CAC . HEM B 2 .   ? -4.961  8.630   -2.751  1.00 12.48 ? 200 HEM A CAC 1 
HETATM 1273 C  CBC . HEM B 2 .   ? -4.975  7.726   -3.739  1.00 13.55 ? 200 HEM A CBC 1 
HETATM 1274 C  C1D . HEM B 2 .   ? -7.334  11.285  -0.155  1.00 13.44 ? 200 HEM A C1D 1 
HETATM 1275 C  C2D . HEM B 2 .   ? -7.671  12.662  -0.569  1.00 14.42 ? 200 HEM A C2D 1 
HETATM 1276 C  C3D . HEM B 2 .   ? -8.480  13.150  0.391   1.00 15.25 ? 200 HEM A C3D 1 
HETATM 1277 C  C4D . HEM B 2 .   ? -8.649  12.059  1.393   1.00 15.56 ? 200 HEM A C4D 1 
HETATM 1278 C  CMD . HEM B 2 .   ? -7.243  13.388  -1.846  1.00 14.38 ? 200 HEM A CMD 1 
HETATM 1279 C  CAD . HEM B 2 .   ? -9.299  14.418  0.326   1.00 17.90 ? 200 HEM A CAD 1 
HETATM 1280 C  CBD . HEM B 2 .   ? -8.604  15.615  0.853   1.00 19.65 ? 200 HEM A CBD 1 
HETATM 1281 C  CGD . HEM B 2 .   ? -9.521  16.823  0.586   1.00 18.07 ? 200 HEM A CGD 1 
HETATM 1282 O  O1D . HEM B 2 .   ? -10.730 16.711  0.163   1.00 24.19 ? 200 HEM A O1D 1 
HETATM 1283 O  O2D . HEM B 2 .   ? -9.046  17.923  0.727   1.00 18.75 ? 200 HEM A O2D 1 
HETATM 1284 N  NA  . HEM B 2 .   ? -9.077  9.916   3.391   1.00 12.55 ? 200 HEM A NA  1 
HETATM 1285 N  NB  . HEM B 2 .   ? -7.786  7.396   2.926   1.00 12.97 ? 200 HEM A NB  1 
HETATM 1286 N  NC  . HEM B 2 .   ? -6.574  8.481   0.531   1.00 11.67 ? 200 HEM A NC  1 
HETATM 1287 N  ND  . HEM B 2 .   ? -7.932  10.979  1.035   1.00 12.96 ? 200 HEM A ND  1 
HETATM 1288 FE FE  . HEM B 2 .   ? -7.773  9.288   2.000   1.00 12.77 ? 200 HEM A FE  1 
HETATM 1289 C  C   . CYN C 3 .   ? -9.466  8.483   0.802   1.00 12.75 ? 201 CYN A C   1 
HETATM 1290 N  N   . CYN C 3 .   ? -10.739 8.680   0.466   1.00 29.15 ? 201 CYN A N   1 
HETATM 1291 O  O   . HOH D 4 .   ? -6.244  3.947   15.323  1.00 15.25 ? 301 HOH A O   1 
HETATM 1292 O  O   . HOH D 4 .   ? 6.427   -3.990  11.103  1.00 17.37 ? 302 HOH A O   1 
HETATM 1293 O  O   . HOH D 4 .   ? 7.930   10.141  1.899   1.00 21.15 ? 303 HOH A O   1 
HETATM 1294 O  O   . HOH D 4 .   ? 7.050   4.057   7.929   1.00 26.83 ? 304 HOH A O   1 
HETATM 1295 O  O   . HOH D 4 .   ? 10.537  0.424   4.867   1.00 20.49 ? 305 HOH A O   1 
HETATM 1296 O  O   . HOH D 4 .   ? 0.872   19.704  7.637   1.00 26.97 ? 306 HOH A O   1 
HETATM 1297 O  O   . HOH D 4 .   ? -11.948 13.016  8.260   1.00 25.00 ? 307 HOH A O   1 
HETATM 1298 O  O   . HOH D 4 .   ? -9.621  18.965  -11.089 1.00 17.15 ? 308 HOH A O   1 
HETATM 1299 O  O   . HOH D 4 .   ? -9.482  20.219  -0.427  1.00 22.70 ? 309 HOH A O   1 
HETATM 1300 O  O   . HOH D 4 .   ? -14.441 1.231   0.170   1.00 17.25 ? 310 HOH A O   1 
HETATM 1301 O  O   . HOH D 4 .   ? -5.165  -15.438 2.747   1.00 25.96 ? 311 HOH A O   1 
HETATM 1302 O  O   . HOH D 4 .   ? -10.490 16.237  -11.313 1.00 19.37 ? 312 HOH A O   1 
HETATM 1303 O  O   . HOH D 4 .   ? -1.549  5.560   -12.786 1.00 8.95  ? 313 HOH A O   1 
HETATM 1304 O  O   . HOH D 4 .   ? 14.557  -10.634 -4.407  1.00 21.23 ? 314 HOH A O   1 
HETATM 1305 O  O   . HOH D 4 .   ? -12.129 -3.720  6.675   1.00 26.87 ? 315 HOH A O   1 
HETATM 1306 O  O   . HOH D 4 .   ? 1.080   -14.114 -9.859  1.00 11.52 ? 316 HOH A O   1 
HETATM 1307 O  O   . HOH D 4 .   ? 0.819   20.131  -3.580  1.00 20.38 ? 317 HOH A O   1 
HETATM 1308 O  O   . HOH D 4 .   ? -4.529  3.045   1.045   1.00 19.74 ? 318 HOH A O   1 
HETATM 1309 O  O   . HOH D 4 .   ? 13.031  4.474   -13.987 1.00 16.37 ? 319 HOH A O   1 
HETATM 1310 O  O   . HOH D 4 .   ? 4.167   11.661  -8.440  1.00 10.21 ? 320 HOH A O   1 
HETATM 1311 O  O   . HOH D 4 .   ? 18.041  -8.159  -9.679  1.00 15.49 ? 321 HOH A O   1 
HETATM 1312 O  O   . HOH D 4 .   ? -2.371  -15.547 6.475   1.00 16.57 ? 322 HOH A O   1 
HETATM 1313 O  O   . HOH D 4 .   ? 14.492  -14.587 -6.091  1.00 10.95 ? 323 HOH A O   1 
HETATM 1314 O  O   . HOH D 4 .   ? -0.476  15.572  7.362   1.00 17.71 ? 324 HOH A O   1 
HETATM 1315 O  O   . HOH D 4 .   ? -5.679  -7.810  -7.002  1.00 22.87 ? 325 HOH A O   1 
HETATM 1316 O  O   . HOH D 4 .   ? 15.482  -4.989  5.567   1.00 13.49 ? 326 HOH A O   1 
HETATM 1317 O  O   . HOH D 4 .   ? -6.515  -10.075 -9.941  1.00 24.69 ? 327 HOH A O   1 
HETATM 1318 O  O   . HOH D 4 .   ? 6.885   16.325  -3.306  1.00 16.57 ? 328 HOH A O   1 
HETATM 1319 O  O   . HOH D 4 .   ? -3.413  -15.409 0.260   1.00 25.88 ? 329 HOH A O   1 
HETATM 1320 O  O   . HOH D 4 .   ? 4.198   -16.721 -8.432  1.00 10.80 ? 330 HOH A O   1 
HETATM 1321 O  O   . HOH D 4 .   ? -11.273 11.478  -5.549  1.00 12.91 ? 331 HOH A O   1 
HETATM 1322 O  O   . HOH D 4 .   ? -6.522  15.864  9.527   1.00 13.31 ? 332 HOH A O   1 
HETATM 1323 O  O   . HOH D 4 .   ? 6.701   7.899   -15.131 1.00 18.96 ? 333 HOH A O   1 
HETATM 1324 O  O   . HOH D 4 .   ? 13.331  0.537   -8.436  1.00 17.68 ? 334 HOH A O   1 
HETATM 1325 O  O   . HOH D 4 .   ? 12.364  -12.865 2.972   1.00 12.35 ? 335 HOH A O   1 
HETATM 1326 O  O   . HOH D 4 .   ? -2.875  -3.534  14.946  1.00 17.01 ? 336 HOH A O   1 
HETATM 1327 O  O   . HOH D 4 .   ? 12.378  4.032   -11.144 1.00 19.97 ? 337 HOH A O   1 
HETATM 1328 O  O   . HOH D 4 .   ? -9.602  13.174  -16.158 1.00 14.97 ? 338 HOH A O   1 
HETATM 1329 O  O   . HOH D 4 .   ? 9.743   -10.650 6.627   1.00 23.33 ? 339 HOH A O   1 
HETATM 1330 O  O   . HOH D 4 .   ? 7.659   -7.915  -13.433 1.00 26.68 ? 340 HOH A O   1 
HETATM 1331 O  O   . HOH D 4 .   ? 3.609   -16.092 3.856   1.00 15.55 ? 341 HOH A O   1 
HETATM 1332 O  O   . HOH D 4 .   ? 10.316  -18.348 -5.165  1.00 18.18 ? 342 HOH A O   1 
HETATM 1333 O  O   . HOH D 4 .   ? -1.843  -1.736  2.998   1.00 16.70 ? 343 HOH A O   1 
HETATM 1334 O  O   . HOH D 4 .   ? 4.295   14.296  7.408   1.00 18.72 ? 344 HOH A O   1 
HETATM 1335 O  O   . HOH D 4 .   ? -18.135 11.083  -9.586  1.00 16.38 ? 345 HOH A O   1 
HETATM 1336 O  O   . HOH D 4 .   ? -8.953  -5.187  11.949  1.00 25.04 ? 346 HOH A O   1 
HETATM 1337 O  O   . HOH D 4 .   ? -4.842  -10.735 -3.112  1.00 16.08 ? 347 HOH A O   1 
HETATM 1338 O  O   . HOH D 4 .   ? 12.077  -11.970 5.725   1.00 15.98 ? 348 HOH A O   1 
HETATM 1339 O  O   . HOH D 4 .   ? -9.139  -1.885  17.636  1.00 22.66 ? 349 HOH A O   1 
HETATM 1340 O  O   . HOH D 4 .   ? -1.617  13.699  -10.877 1.00 14.72 ? 350 HOH A O   1 
HETATM 1341 O  O   . HOH D 4 .   ? 19.394  -11.244 5.991   1.00 24.17 ? 351 HOH A O   1 
HETATM 1342 O  O   . HOH D 4 .   ? 6.149   -11.285 14.710  1.00 25.41 ? 352 HOH A O   1 
HETATM 1343 O  O   . HOH D 4 .   ? -9.117  15.101  -13.355 1.00 13.76 ? 353 HOH A O   1 
HETATM 1344 O  O   . HOH D 4 .   ? -12.937 15.693  7.434   1.00 24.72 ? 354 HOH A O   1 
HETATM 1345 O  O   . HOH D 4 .   ? -4.642  11.924  -15.007 1.00 15.18 ? 355 HOH A O   1 
HETATM 1346 O  O   . HOH D 4 .   ? 0.191   -15.919 6.062   1.00 17.17 ? 356 HOH A O   1 
HETATM 1347 O  O   . HOH D 4 .   ? 5.803   18.521  -1.692  1.00 13.65 ? 357 HOH A O   1 
HETATM 1348 O  O   . HOH D 4 .   ? 12.478  -16.305 1.236   1.00 20.50 ? 358 HOH A O   1 
HETATM 1349 O  O   . HOH D 4 .   ? 8.846   5.791   0.122   1.00 20.31 ? 359 HOH A O   1 
HETATM 1350 O  O   . HOH D 4 .   ? -12.115 8.332   13.362  1.00 23.11 ? 360 HOH A O   1 
HETATM 1351 O  O   . HOH D 4 .   ? 0.193   21.468  4.479   1.00 23.44 ? 361 HOH A O   1 
HETATM 1352 O  O   . HOH D 4 .   ? 13.255  -12.818 -4.551  1.00 15.65 ? 362 HOH A O   1 
HETATM 1353 O  O   . HOH D 4 .   ? -9.387  1.565   21.221  1.00 22.14 ? 363 HOH A O   1 
HETATM 1354 O  O   . HOH D 4 .   ? 10.378  -15.450 -11.655 1.00 11.49 ? 364 HOH A O   1 
HETATM 1355 O  O   . HOH D 4 .   ? 15.234  -1.140  -0.266  1.00 25.49 ? 365 HOH A O   1 
HETATM 1356 O  O   . HOH D 4 .   ? 11.194  4.716   -4.487  1.00 21.23 ? 366 HOH A O   1 
HETATM 1357 O  O   . HOH D 4 .   ? 3.778   10.106  -10.782 1.00 21.14 ? 367 HOH A O   1 
HETATM 1358 O  O   . HOH D 4 .   ? -5.408  10.345  13.418  1.00 16.03 ? 368 HOH A O   1 
HETATM 1359 O  O   . HOH D 4 .   ? 1.978   11.138  -12.811 1.00 21.29 ? 369 HOH A O   1 
HETATM 1360 O  O   . HOH D 4 .   ? -2.580  17.141  8.578   1.00 15.88 ? 370 HOH A O   1 
HETATM 1361 O  O   . HOH D 4 .   ? -14.009 5.772   13.705  1.00 25.85 ? 371 HOH A O   1 
HETATM 1362 O  O   . HOH D 4 .   ? 11.420  -15.530 3.494   1.00 22.11 ? 372 HOH A O   1 
HETATM 1363 O  O   . HOH D 4 .   ? -9.683  11.065  -3.195  1.00 20.88 ? 373 HOH A O   1 
HETATM 1364 O  O   . HOH D 4 .   ? -4.388  17.091  10.786  1.00 15.15 ? 374 HOH A O   1 
HETATM 1365 O  O   . HOH D 4 .   ? 13.707  2.949   -7.526  1.00 28.05 ? 375 HOH A O   1 
HETATM 1366 O  O   . HOH D 4 .   ? -1.518  19.466  9.408   1.00 31.06 ? 376 HOH A O   1 
HETATM 1367 O  O   . HOH D 4 .   ? 10.479  -16.634 5.886   1.00 18.49 ? 377 HOH A O   1 
# 
